data_2KLC
#
_entry.id   2KLC
#
_cell.length_a   1.000
_cell.length_b   1.000
_cell.length_c   1.000
_cell.angle_alpha   90.00
_cell.angle_beta   90.00
_cell.angle_gamma   90.00
#
_symmetry.space_group_name_H-M   'P 1'
#
_entity_poly.entity_id   1
_entity_poly.type   'polypeptide(L)'
_entity_poly.pdbx_seq_one_letter_code
;MGSSHHHHHHSSGRENLYFQGHPKIMKVTVKTPKEKEEFAVPENSSVQQFKEEISKRFKSHTDQLVLIFAGKILKDQDTL
SQHGIHDGLTVHLVIKTQNRP
;
_entity_poly.pdbx_strand_id   A
#
# COMPACT_ATOMS: atom_id res chain seq x y z
N PRO A 23 -0.55 -8.64 21.32
CA PRO A 23 -0.73 -8.47 19.86
C PRO A 23 0.07 -7.25 19.36
N LYS A 24 1.10 -7.51 18.53
CA LYS A 24 1.84 -6.46 17.81
C LYS A 24 0.99 -5.96 16.63
N ILE A 25 1.22 -4.71 16.23
CA ILE A 25 0.56 -4.11 15.07
C ILE A 25 1.31 -4.56 13.80
N MET A 26 0.58 -4.71 12.69
CA MET A 26 1.09 -5.38 11.49
C MET A 26 1.95 -4.41 10.64
N LYS A 27 3.24 -4.75 10.49
CA LYS A 27 4.21 -3.89 9.82
C LYS A 27 4.29 -4.24 8.32
N VAL A 28 3.68 -3.38 7.49
CA VAL A 28 3.62 -3.56 6.03
C VAL A 28 4.70 -2.72 5.35
N THR A 29 5.65 -3.38 4.67
CA THR A 29 6.70 -2.70 3.91
C THR A 29 6.15 -2.33 2.51
N VAL A 30 6.40 -1.08 2.08
CA VAL A 30 6.02 -0.58 0.76
C VAL A 30 7.30 -0.27 -0.04
N LYS A 31 7.49 -0.96 -1.17
CA LYS A 31 8.65 -0.76 -2.06
C LYS A 31 8.22 0.18 -3.19
N THR A 32 8.86 1.36 -3.26
CA THR A 32 8.52 2.42 -4.22
C THR A 32 9.70 2.71 -5.16
N PRO A 33 9.47 3.44 -6.31
CA PRO A 33 10.56 3.93 -7.19
C PRO A 33 11.55 4.87 -6.47
N LYS A 34 11.08 5.46 -5.36
CA LYS A 34 11.81 6.47 -4.60
C LYS A 34 12.73 5.80 -3.56
N GLU A 35 12.16 4.89 -2.77
CA GLU A 35 12.79 4.33 -1.56
C GLU A 35 12.04 3.07 -1.10
N LYS A 36 12.28 2.63 0.13
CA LYS A 36 11.50 1.56 0.78
C LYS A 36 11.09 2.01 2.20
N GLU A 37 9.79 1.94 2.48
CA GLU A 37 9.18 2.41 3.75
C GLU A 37 8.43 1.25 4.41
N GLU A 38 7.99 1.43 5.67
CA GLU A 38 7.19 0.43 6.39
C GLU A 38 6.23 1.15 7.35
N PHE A 39 4.92 0.88 7.18
CA PHE A 39 3.84 1.50 7.98
C PHE A 39 3.30 0.48 8.99
N ALA A 40 2.65 0.99 10.05
CA ALA A 40 2.03 0.18 11.10
C ALA A 40 0.51 0.30 11.01
N VAL A 41 -0.16 -0.83 10.75
CA VAL A 41 -1.63 -0.91 10.55
C VAL A 41 -2.16 -2.16 11.28
N PRO A 42 -3.40 -2.15 11.85
CA PRO A 42 -3.92 -3.28 12.69
C PRO A 42 -4.52 -4.42 11.82
N GLU A 43 -3.89 -4.65 10.66
CA GLU A 43 -4.35 -5.53 9.54
C GLU A 43 -5.81 -5.33 9.09
N ASN A 44 -6.45 -4.24 9.57
CA ASN A 44 -7.82 -3.87 9.19
C ASN A 44 -7.79 -2.83 8.07
N SER A 45 -6.67 -2.05 8.05
CA SER A 45 -6.44 -0.99 7.07
C SER A 45 -6.35 -1.59 5.67
N SER A 46 -7.43 -1.43 4.91
CA SER A 46 -7.50 -1.86 3.50
C SER A 46 -6.77 -0.84 2.62
N VAL A 47 -6.70 -1.11 1.30
CA VAL A 47 -5.92 -0.27 0.36
C VAL A 47 -6.37 1.21 0.39
N GLN A 48 -7.70 1.44 0.39
CA GLN A 48 -8.30 2.79 0.49
C GLN A 48 -7.88 3.58 1.76
N GLN A 49 -7.56 2.86 2.85
CA GLN A 49 -7.09 3.47 4.12
C GLN A 49 -5.55 3.57 4.15
N PHE A 50 -4.89 2.60 3.50
CA PHE A 50 -3.44 2.40 3.60
C PHE A 50 -2.65 3.39 2.74
N LYS A 51 -3.14 3.63 1.50
CA LYS A 51 -2.45 4.49 0.54
C LYS A 51 -2.52 5.97 0.97
N GLU A 52 -3.43 6.28 1.92
CA GLU A 52 -3.51 7.60 2.57
C GLU A 52 -2.28 7.84 3.46
N GLU A 53 -1.86 6.77 4.17
CA GLU A 53 -0.65 6.81 5.03
C GLU A 53 0.60 6.95 4.19
N ILE A 54 0.57 6.31 3.01
CA ILE A 54 1.62 6.44 2.00
C ILE A 54 1.71 7.88 1.48
N SER A 55 0.56 8.45 1.06
CA SER A 55 0.50 9.73 0.35
C SER A 55 1.08 10.88 1.17
N LYS A 56 0.68 10.95 2.45
CA LYS A 56 1.14 12.00 3.38
C LYS A 56 2.65 11.90 3.66
N ARG A 57 3.18 10.66 3.67
CA ARG A 57 4.59 10.42 4.02
C ARG A 57 5.51 10.71 2.81
N PHE A 58 5.09 10.22 1.63
CA PHE A 58 5.81 10.40 0.35
C PHE A 58 5.49 11.76 -0.30
N LYS A 59 4.54 12.52 0.31
CA LYS A 59 4.11 13.87 -0.16
C LYS A 59 3.53 13.79 -1.60
N SER A 60 2.83 12.66 -1.84
CA SER A 60 2.19 12.33 -3.11
C SER A 60 0.66 12.42 -2.97
N HIS A 61 -0.07 12.44 -4.10
CA HIS A 61 -1.54 12.30 -4.11
C HIS A 61 -1.90 10.80 -4.15
N THR A 62 -3.02 10.42 -3.48
CA THR A 62 -3.47 9.01 -3.41
C THR A 62 -3.89 8.47 -4.79
N ASP A 63 -4.36 9.39 -5.65
CA ASP A 63 -4.74 9.10 -7.04
C ASP A 63 -3.50 8.74 -7.90
N GLN A 64 -2.33 9.29 -7.51
CA GLN A 64 -1.02 9.02 -8.16
C GLN A 64 -0.38 7.72 -7.65
N LEU A 65 -0.98 7.12 -6.61
CA LEU A 65 -0.49 5.87 -6.01
C LEU A 65 -1.30 4.67 -6.55
N VAL A 66 -0.61 3.72 -7.19
CA VAL A 66 -1.21 2.41 -7.56
C VAL A 66 -0.37 1.29 -6.93
N LEU A 67 -0.98 0.52 -6.02
CA LEU A 67 -0.36 -0.65 -5.39
C LEU A 67 -0.50 -1.85 -6.33
N ILE A 68 0.51 -2.71 -6.34
CA ILE A 68 0.55 -3.97 -7.12
C ILE A 68 1.06 -5.09 -6.20
N PHE A 69 0.36 -6.22 -6.24
CA PHE A 69 0.74 -7.43 -5.51
C PHE A 69 0.04 -8.63 -6.16
N ALA A 70 0.74 -9.79 -6.19
CA ALA A 70 0.26 -11.03 -6.83
C ALA A 70 0.18 -10.87 -8.37
N GLY A 71 0.82 -9.82 -8.91
CA GLY A 71 0.84 -9.52 -10.34
C GLY A 71 -0.32 -8.62 -10.78
N LYS A 72 -1.25 -8.29 -9.85
CA LYS A 72 -2.45 -7.49 -10.16
C LYS A 72 -2.45 -6.20 -9.31
N ILE A 73 -3.16 -5.17 -9.80
CA ILE A 73 -3.28 -3.87 -9.10
C ILE A 73 -4.29 -3.97 -7.93
N LEU A 74 -3.88 -3.46 -6.76
CA LEU A 74 -4.72 -3.40 -5.57
C LEU A 74 -5.56 -2.11 -5.63
N LYS A 75 -6.85 -2.28 -5.86
CA LYS A 75 -7.84 -1.18 -5.88
C LYS A 75 -8.42 -0.98 -4.48
N ASP A 76 -9.38 -0.05 -4.33
CA ASP A 76 -10.06 0.19 -3.03
C ASP A 76 -10.96 -1.00 -2.65
N GLN A 77 -11.38 -1.82 -3.65
CA GLN A 77 -12.13 -3.08 -3.44
C GLN A 77 -11.21 -4.17 -2.87
N ASP A 78 -9.90 -3.99 -3.04
CA ASP A 78 -8.87 -4.91 -2.52
C ASP A 78 -8.48 -4.48 -1.09
N THR A 79 -8.20 -5.47 -0.24
CA THR A 79 -7.55 -5.25 1.06
C THR A 79 -6.20 -5.95 1.00
N LEU A 80 -5.16 -5.35 1.61
CA LEU A 80 -3.80 -5.93 1.62
C LEU A 80 -3.78 -7.31 2.33
N SER A 81 -4.52 -7.41 3.44
CA SER A 81 -4.57 -8.63 4.29
C SER A 81 -5.15 -9.84 3.52
N GLN A 82 -6.14 -9.59 2.62
CA GLN A 82 -6.77 -10.65 1.80
C GLN A 82 -5.78 -11.24 0.77
N HIS A 83 -4.76 -10.46 0.38
CA HIS A 83 -3.73 -10.90 -0.59
C HIS A 83 -2.54 -11.55 0.10
N GLY A 84 -2.66 -11.77 1.42
CA GLY A 84 -1.62 -12.39 2.22
C GLY A 84 -0.49 -11.43 2.54
N ILE A 85 -0.80 -10.12 2.49
CA ILE A 85 0.15 -9.07 2.88
C ILE A 85 -0.03 -8.80 4.37
N HIS A 86 0.76 -9.50 5.17
CA HIS A 86 0.79 -9.35 6.63
C HIS A 86 2.18 -8.88 7.08
N ASP A 87 2.49 -9.05 8.37
CA ASP A 87 3.75 -8.60 8.98
C ASP A 87 4.96 -9.24 8.28
N GLY A 88 5.82 -8.39 7.69
CA GLY A 88 7.04 -8.84 7.01
C GLY A 88 6.90 -8.90 5.49
N LEU A 89 5.66 -8.79 4.98
CA LEU A 89 5.38 -8.78 3.53
C LEU A 89 5.55 -7.36 2.97
N THR A 90 5.71 -7.28 1.64
CA THR A 90 6.03 -6.04 0.92
C THR A 90 5.12 -5.87 -0.31
N VAL A 91 4.49 -4.69 -0.42
CA VAL A 91 3.66 -4.33 -1.57
C VAL A 91 4.51 -3.53 -2.57
N HIS A 92 4.29 -3.77 -3.87
CA HIS A 92 5.02 -3.05 -4.94
C HIS A 92 4.19 -1.83 -5.36
N LEU A 93 4.65 -0.64 -4.96
CA LEU A 93 3.96 0.63 -5.28
C LEU A 93 4.65 1.32 -6.46
N VAL A 94 3.81 1.92 -7.32
CA VAL A 94 4.24 2.75 -8.43
C VAL A 94 3.61 4.14 -8.27
N ILE A 95 4.47 5.13 -8.00
CA ILE A 95 4.04 6.53 -7.81
C ILE A 95 4.22 7.28 -9.14
N LYS A 96 3.20 8.09 -9.50
CA LYS A 96 3.16 8.82 -10.79
C LYS A 96 3.00 10.33 -10.54
N THR A 97 3.78 10.85 -9.56
CA THR A 97 3.82 12.29 -9.24
C THR A 97 4.64 13.09 -10.25
N GLN A 98 5.76 12.46 -10.70
CA GLN A 98 6.88 13.04 -11.48
C GLN A 98 7.65 14.14 -10.69
N ASN A 99 6.96 15.17 -10.16
CA ASN A 99 7.56 16.29 -9.42
C ASN A 99 7.96 15.91 -7.98
N ARG A 100 7.70 14.64 -7.57
CA ARG A 100 8.24 14.08 -6.31
C ARG A 100 9.20 12.92 -6.68
N PRO A 101 10.49 13.21 -7.04
CA PRO A 101 11.49 12.18 -7.38
C PRO A 101 12.09 11.51 -6.11
N PRO A 23 -3.82 -6.91 20.97
CA PRO A 23 -3.37 -7.41 19.64
C PRO A 23 -2.25 -6.51 19.08
N LYS A 24 -1.34 -7.10 18.30
CA LYS A 24 -0.36 -6.32 17.50
C LYS A 24 -1.06 -5.72 16.27
N ILE A 25 -0.61 -4.54 15.86
CA ILE A 25 -1.09 -3.86 14.65
C ILE A 25 -0.30 -4.41 13.43
N MET A 26 -0.92 -4.43 12.24
CA MET A 26 -0.34 -5.11 11.07
C MET A 26 0.73 -4.21 10.43
N LYS A 27 1.99 -4.62 10.60
CA LYS A 27 3.17 -3.92 10.09
C LYS A 27 3.38 -4.31 8.63
N VAL A 28 2.86 -3.47 7.74
CA VAL A 28 2.88 -3.71 6.29
C VAL A 28 3.92 -2.82 5.62
N THR A 29 5.01 -3.44 5.17
CA THR A 29 6.06 -2.74 4.43
C THR A 29 5.65 -2.65 2.95
N VAL A 30 5.95 -1.52 2.32
CA VAL A 30 5.65 -1.26 0.90
C VAL A 30 6.95 -0.84 0.20
N LYS A 31 7.38 -1.65 -0.78
CA LYS A 31 8.63 -1.47 -1.50
C LYS A 31 8.37 -0.76 -2.83
N THR A 32 9.27 0.17 -3.16
CA THR A 32 9.32 0.90 -4.42
C THR A 32 10.76 0.83 -4.97
N PRO A 33 11.00 1.15 -6.29
CA PRO A 33 12.38 1.21 -6.87
C PRO A 33 13.29 2.26 -6.17
N LYS A 34 12.68 3.12 -5.32
CA LYS A 34 13.35 4.25 -4.68
C LYS A 34 13.71 3.92 -3.22
N GLU A 35 12.70 3.45 -2.46
CA GLU A 35 12.79 3.25 -0.99
C GLU A 35 11.75 2.21 -0.53
N LYS A 36 11.56 2.09 0.80
CA LYS A 36 10.52 1.23 1.39
C LYS A 36 10.02 1.84 2.72
N GLU A 37 8.69 2.00 2.83
CA GLU A 37 8.00 2.56 4.00
C GLU A 37 7.10 1.49 4.64
N GLU A 38 7.11 1.42 5.98
CA GLU A 38 6.30 0.45 6.74
C GLU A 38 5.13 1.20 7.41
N PHE A 39 3.92 0.67 7.18
CA PHE A 39 2.65 1.27 7.60
C PHE A 39 2.01 0.37 8.66
N ALA A 40 1.70 0.93 9.83
CA ALA A 40 1.00 0.22 10.90
C ALA A 40 -0.52 0.42 10.70
N VAL A 41 -1.21 -0.64 10.27
CA VAL A 41 -2.64 -0.60 9.90
C VAL A 41 -3.43 -1.59 10.77
N PRO A 42 -4.62 -1.19 11.33
CA PRO A 42 -5.39 -2.02 12.28
C PRO A 42 -6.25 -3.10 11.59
N GLU A 43 -5.65 -3.78 10.57
CA GLU A 43 -6.22 -4.94 9.78
C GLU A 43 -7.65 -4.70 9.21
N ASN A 44 -8.08 -3.42 9.17
CA ASN A 44 -9.41 -3.01 8.69
C ASN A 44 -9.29 -1.85 7.70
N SER A 45 -8.04 -1.36 7.49
CA SER A 45 -7.74 -0.37 6.46
C SER A 45 -8.00 -0.97 5.07
N SER A 46 -8.79 -0.25 4.25
CA SER A 46 -8.92 -0.54 2.82
C SER A 46 -7.69 0.01 2.08
N VAL A 47 -7.48 -0.44 0.83
CA VAL A 47 -6.45 0.15 -0.04
C VAL A 47 -6.83 1.61 -0.39
N GLN A 48 -8.15 1.91 -0.35
CA GLN A 48 -8.71 3.27 -0.50
C GLN A 48 -8.17 4.22 0.60
N GLN A 49 -7.97 3.67 1.80
CA GLN A 49 -7.42 4.40 2.96
C GLN A 49 -5.88 4.30 3.00
N PHE A 50 -5.36 3.17 2.50
CA PHE A 50 -3.95 2.79 2.63
C PHE A 50 -3.04 3.62 1.70
N LYS A 51 -3.50 3.84 0.45
CA LYS A 51 -2.72 4.62 -0.56
C LYS A 51 -2.72 6.12 -0.21
N GLU A 52 -3.65 6.55 0.66
CA GLU A 52 -3.69 7.91 1.20
C GLU A 52 -2.57 8.11 2.24
N GLU A 53 -2.29 7.04 3.00
CA GLU A 53 -1.13 6.96 3.89
C GLU A 53 0.17 6.96 3.08
N ILE A 54 0.17 6.23 1.96
CA ILE A 54 1.30 6.19 1.01
C ILE A 54 1.53 7.60 0.38
N SER A 55 0.42 8.32 0.12
CA SER A 55 0.46 9.64 -0.56
C SER A 55 1.26 10.67 0.25
N LYS A 56 1.08 10.65 1.58
CA LYS A 56 1.73 11.60 2.50
C LYS A 56 3.14 11.13 2.91
N ARG A 57 3.52 9.89 2.51
CA ARG A 57 4.90 9.38 2.69
C ARG A 57 5.75 9.81 1.47
N PHE A 58 5.40 9.24 0.30
CA PHE A 58 6.17 9.37 -0.95
C PHE A 58 5.90 10.70 -1.66
N LYS A 59 4.94 11.49 -1.12
CA LYS A 59 4.53 12.82 -1.65
C LYS A 59 4.03 12.68 -3.10
N SER A 60 3.39 11.53 -3.36
CA SER A 60 2.88 11.13 -4.67
C SER A 60 1.36 10.97 -4.58
N HIS A 61 0.62 11.42 -5.60
CA HIS A 61 -0.85 11.51 -5.57
C HIS A 61 -1.53 10.12 -5.52
N THR A 62 -2.61 10.04 -4.70
CA THR A 62 -3.34 8.81 -4.35
C THR A 62 -3.72 7.94 -5.57
N ASP A 63 -4.33 8.57 -6.58
CA ASP A 63 -4.87 7.89 -7.78
C ASP A 63 -3.77 7.17 -8.59
N GLN A 64 -2.53 7.69 -8.57
CA GLN A 64 -1.43 7.13 -9.36
C GLN A 64 -0.58 6.11 -8.57
N LEU A 65 -0.97 5.88 -7.31
CA LEU A 65 -0.35 4.88 -6.44
C LEU A 65 -1.08 3.54 -6.58
N VAL A 66 -0.55 2.64 -7.43
CA VAL A 66 -1.11 1.30 -7.61
C VAL A 66 -0.21 0.26 -6.91
N LEU A 67 -0.79 -0.43 -5.93
CA LEU A 67 -0.19 -1.60 -5.30
C LEU A 67 -0.48 -2.81 -6.18
N ILE A 68 0.45 -3.75 -6.24
CA ILE A 68 0.25 -5.03 -6.95
C ILE A 68 0.48 -6.17 -5.96
N PHE A 69 -0.52 -7.04 -5.88
CA PHE A 69 -0.52 -8.22 -5.02
C PHE A 69 -1.67 -9.14 -5.45
N ALA A 70 -1.46 -10.46 -5.30
CA ALA A 70 -2.43 -11.52 -5.71
C ALA A 70 -2.64 -11.52 -7.25
N GLY A 71 -1.65 -10.96 -7.98
CA GLY A 71 -1.64 -10.96 -9.44
C GLY A 71 -2.41 -9.79 -10.05
N LYS A 72 -2.93 -8.87 -9.23
CA LYS A 72 -3.77 -7.73 -9.69
C LYS A 72 -3.35 -6.44 -8.98
N ILE A 73 -3.68 -5.28 -9.60
CA ILE A 73 -3.50 -3.97 -8.96
C ILE A 73 -4.62 -3.78 -7.90
N LEU A 74 -4.21 -3.62 -6.64
CA LEU A 74 -5.12 -3.42 -5.50
C LEU A 74 -5.87 -2.09 -5.66
N LYS A 75 -7.20 -2.18 -5.73
CA LYS A 75 -8.07 -1.01 -5.94
C LYS A 75 -8.66 -0.54 -4.60
N ASP A 76 -9.34 0.61 -4.66
CA ASP A 76 -10.14 1.18 -3.55
C ASP A 76 -11.22 0.19 -3.04
N GLN A 77 -11.72 -0.66 -3.95
CA GLN A 77 -12.75 -1.68 -3.64
C GLN A 77 -12.14 -2.94 -2.99
N ASP A 78 -10.81 -2.98 -2.88
CA ASP A 78 -10.05 -4.08 -2.21
C ASP A 78 -9.49 -3.58 -0.88
N THR A 79 -9.26 -4.52 0.05
CA THR A 79 -8.44 -4.29 1.25
C THR A 79 -7.16 -5.12 1.11
N LEU A 80 -6.03 -4.57 1.56
CA LEU A 80 -4.73 -5.28 1.53
C LEU A 80 -4.80 -6.62 2.31
N SER A 81 -5.43 -6.57 3.49
CA SER A 81 -5.55 -7.72 4.41
C SER A 81 -6.37 -8.87 3.79
N GLN A 82 -7.34 -8.53 2.90
CA GLN A 82 -8.09 -9.52 2.09
C GLN A 82 -7.14 -10.41 1.26
N HIS A 83 -6.12 -9.78 0.65
CA HIS A 83 -5.19 -10.46 -0.27
C HIS A 83 -4.03 -11.16 0.47
N GLY A 84 -4.16 -11.26 1.80
CA GLY A 84 -3.22 -12.01 2.64
C GLY A 84 -2.08 -11.17 3.17
N ILE A 85 -2.19 -9.84 3.04
CA ILE A 85 -1.15 -8.91 3.48
C ILE A 85 -1.35 -8.57 4.97
N HIS A 86 -0.33 -8.87 5.78
CA HIS A 86 -0.35 -8.65 7.23
C HIS A 86 1.07 -8.32 7.73
N ASP A 87 1.26 -8.39 9.06
CA ASP A 87 2.56 -8.21 9.73
C ASP A 87 3.68 -9.08 9.08
N GLY A 88 4.76 -8.41 8.65
CA GLY A 88 5.95 -9.10 8.14
C GLY A 88 5.98 -9.29 6.64
N LEU A 89 4.95 -8.77 5.94
CA LEU A 89 4.89 -8.83 4.45
C LEU A 89 5.28 -7.48 3.83
N THR A 90 5.49 -7.53 2.51
CA THR A 90 5.85 -6.37 1.69
C THR A 90 5.00 -6.36 0.40
N VAL A 91 4.42 -5.19 0.07
CA VAL A 91 3.61 -4.99 -1.15
C VAL A 91 4.44 -4.22 -2.19
N HIS A 92 4.20 -4.49 -3.48
CA HIS A 92 4.94 -3.84 -4.58
C HIS A 92 4.14 -2.62 -5.08
N LEU A 93 4.64 -1.42 -4.80
CA LEU A 93 3.99 -0.16 -5.21
C LEU A 93 4.67 0.40 -6.46
N VAL A 94 3.89 0.55 -7.52
CA VAL A 94 4.30 1.24 -8.74
C VAL A 94 3.62 2.61 -8.78
N ILE A 95 4.43 3.66 -8.66
CA ILE A 95 3.96 5.04 -8.67
C ILE A 95 4.00 5.58 -10.11
N LYS A 96 2.88 6.17 -10.55
CA LYS A 96 2.75 6.69 -11.92
C LYS A 96 2.93 8.24 -11.94
N THR A 97 3.18 8.87 -10.77
CA THR A 97 3.44 10.33 -10.68
C THR A 97 4.86 10.64 -11.23
N GLN A 98 4.96 10.68 -12.58
CA GLN A 98 6.23 10.99 -13.27
C GLN A 98 6.47 12.52 -13.25
N ASN A 99 6.85 12.99 -12.06
CA ASN A 99 6.96 14.42 -11.74
C ASN A 99 7.78 14.57 -10.44
N ARG A 100 7.51 13.66 -9.47
CA ARG A 100 8.27 13.56 -8.20
C ARG A 100 8.75 12.10 -8.00
N PRO A 101 9.96 11.75 -8.54
CA PRO A 101 10.59 10.43 -8.32
C PRO A 101 11.40 10.43 -6.99
N PRO A 23 -0.71 -7.25 21.86
CA PRO A 23 -1.13 -7.10 20.45
C PRO A 23 -0.14 -6.20 19.70
N LYS A 24 0.63 -6.78 18.76
CA LYS A 24 1.52 -6.01 17.87
C LYS A 24 0.71 -5.46 16.67
N ILE A 25 1.14 -4.31 16.15
CA ILE A 25 0.51 -3.66 14.98
C ILE A 25 1.05 -4.30 13.69
N MET A 26 0.26 -4.26 12.60
CA MET A 26 0.62 -4.95 11.36
C MET A 26 1.58 -4.09 10.52
N LYS A 27 2.81 -4.61 10.37
CA LYS A 27 3.90 -3.92 9.67
C LYS A 27 3.82 -4.28 8.17
N VAL A 28 3.29 -3.34 7.36
CA VAL A 28 3.11 -3.56 5.91
C VAL A 28 4.18 -2.78 5.14
N THR A 29 5.13 -3.49 4.54
CA THR A 29 6.15 -2.88 3.67
C THR A 29 5.57 -2.71 2.27
N VAL A 30 5.79 -1.54 1.65
CA VAL A 30 5.34 -1.20 0.30
C VAL A 30 6.54 -0.72 -0.50
N LYS A 31 6.84 -1.45 -1.58
CA LYS A 31 7.98 -1.21 -2.47
C LYS A 31 7.50 -0.42 -3.70
N THR A 32 8.23 0.66 -4.06
CA THR A 32 7.88 1.57 -5.15
C THR A 32 9.08 1.71 -6.11
N PRO A 33 8.91 2.33 -7.34
CA PRO A 33 10.04 2.61 -8.26
C PRO A 33 11.05 3.64 -7.67
N LYS A 34 10.65 4.32 -6.58
CA LYS A 34 11.52 5.23 -5.82
C LYS A 34 12.33 4.41 -4.81
N GLU A 35 11.61 3.80 -3.85
CA GLU A 35 12.18 3.06 -2.71
C GLU A 35 11.09 2.22 -2.02
N LYS A 36 11.46 1.49 -0.96
CA LYS A 36 10.49 0.79 -0.10
C LYS A 36 10.26 1.59 1.20
N GLU A 37 9.11 1.33 1.84
CA GLU A 37 8.70 2.02 3.07
C GLU A 37 7.84 1.08 3.93
N GLU A 38 7.84 1.29 5.24
CA GLU A 38 7.09 0.48 6.22
C GLU A 38 5.89 1.30 6.71
N PHE A 39 4.71 0.65 6.75
CA PHE A 39 3.44 1.28 7.16
C PHE A 39 2.79 0.46 8.28
N ALA A 40 2.77 1.03 9.48
CA ALA A 40 2.22 0.39 10.67
C ALA A 40 0.73 0.71 10.77
N VAL A 41 -0.10 -0.28 10.45
CA VAL A 41 -1.57 -0.14 10.40
C VAL A 41 -2.22 -1.22 11.30
N PRO A 42 -3.28 -0.86 12.09
CA PRO A 42 -3.92 -1.80 13.06
C PRO A 42 -4.92 -2.78 12.37
N GLU A 43 -4.46 -3.40 11.25
CA GLU A 43 -5.25 -4.27 10.33
C GLU A 43 -6.67 -3.73 10.02
N ASN A 44 -6.82 -2.40 10.12
CA ASN A 44 -8.09 -1.70 9.94
C ASN A 44 -8.10 -1.01 8.57
N SER A 45 -6.91 -0.52 8.16
CA SER A 45 -6.73 0.21 6.91
C SER A 45 -6.97 -0.69 5.69
N SER A 46 -8.15 -0.52 5.06
CA SER A 46 -8.44 -1.04 3.70
C SER A 46 -7.52 -0.33 2.70
N VAL A 47 -7.42 -0.82 1.44
CA VAL A 47 -6.60 -0.15 0.41
C VAL A 47 -7.10 1.31 0.20
N GLN A 48 -8.42 1.52 0.36
CA GLN A 48 -9.07 2.86 0.41
C GLN A 48 -8.46 3.78 1.49
N GLN A 49 -8.21 3.22 2.69
CA GLN A 49 -7.65 3.99 3.83
C GLN A 49 -6.10 3.95 3.83
N PHE A 50 -5.52 2.98 3.09
CA PHE A 50 -4.09 2.68 3.14
C PHE A 50 -3.29 3.52 2.15
N LYS A 51 -3.85 3.72 0.93
CA LYS A 51 -3.17 4.53 -0.11
C LYS A 51 -3.20 6.02 0.28
N GLU A 52 -4.08 6.37 1.25
CA GLU A 52 -4.09 7.67 1.95
C GLU A 52 -2.79 7.86 2.76
N GLU A 53 -2.40 6.79 3.49
CA GLU A 53 -1.18 6.74 4.32
C GLU A 53 0.08 6.79 3.46
N ILE A 54 -0.01 6.17 2.27
CA ILE A 54 1.03 6.22 1.25
C ILE A 54 1.15 7.64 0.66
N SER A 55 -0.02 8.28 0.44
CA SER A 55 -0.13 9.59 -0.23
C SER A 55 0.64 10.68 0.54
N LYS A 56 0.44 10.69 1.87
CA LYS A 56 1.08 11.66 2.78
C LYS A 56 2.57 11.34 3.00
N ARG A 57 2.95 10.07 2.74
CA ARG A 57 4.33 9.59 2.93
C ARG A 57 5.22 9.99 1.73
N PHE A 58 4.84 9.51 0.54
CA PHE A 58 5.60 9.72 -0.72
C PHE A 58 5.29 11.09 -1.35
N LYS A 59 4.35 11.86 -0.73
CA LYS A 59 3.97 13.23 -1.17
C LYS A 59 3.38 13.20 -2.59
N SER A 60 2.73 12.07 -2.91
CA SER A 60 2.11 11.81 -4.20
C SER A 60 0.63 11.54 -3.99
N HIS A 61 -0.21 12.04 -4.90
CA HIS A 61 -1.68 11.93 -4.78
C HIS A 61 -2.15 10.47 -4.98
N THR A 62 -3.31 10.14 -4.37
CA THR A 62 -3.86 8.77 -4.32
C THR A 62 -4.25 8.23 -5.72
N ASP A 63 -4.62 9.15 -6.63
CA ASP A 63 -4.99 8.80 -8.01
C ASP A 63 -3.74 8.46 -8.86
N GLN A 64 -2.55 8.86 -8.36
CA GLN A 64 -1.24 8.51 -8.96
C GLN A 64 -0.69 7.20 -8.36
N LEU A 65 -1.39 6.65 -7.36
CA LEU A 65 -0.97 5.42 -6.64
C LEU A 65 -1.82 4.21 -7.06
N VAL A 66 -1.14 3.14 -7.52
CA VAL A 66 -1.77 1.82 -7.75
C VAL A 66 -0.94 0.74 -7.03
N LEU A 67 -1.57 0.04 -6.07
CA LEU A 67 -0.96 -1.11 -5.38
C LEU A 67 -1.14 -2.35 -6.27
N ILE A 68 -0.17 -3.27 -6.21
CA ILE A 68 -0.21 -4.54 -6.95
C ILE A 68 0.28 -5.65 -6.02
N PHE A 69 -0.42 -6.78 -6.05
CA PHE A 69 -0.04 -8.01 -5.35
C PHE A 69 -0.80 -9.18 -5.98
N ALA A 70 -0.16 -10.36 -5.99
CA ALA A 70 -0.68 -11.58 -6.65
C ALA A 70 -0.78 -11.39 -8.18
N GLY A 71 -0.03 -10.41 -8.72
CA GLY A 71 0.00 -10.12 -10.16
C GLY A 71 -1.17 -9.25 -10.63
N LYS A 72 -1.96 -8.69 -9.69
CA LYS A 72 -3.14 -7.86 -10.02
C LYS A 72 -3.21 -6.64 -9.09
N ILE A 73 -3.89 -5.58 -9.56
CA ILE A 73 -3.99 -4.30 -8.83
C ILE A 73 -4.91 -4.42 -7.59
N LEU A 74 -4.47 -3.88 -6.45
CA LEU A 74 -5.28 -3.77 -5.24
C LEU A 74 -6.10 -2.48 -5.32
N LYS A 75 -7.43 -2.64 -5.42
CA LYS A 75 -8.37 -1.51 -5.47
C LYS A 75 -8.85 -1.15 -4.07
N ASP A 76 -9.43 0.05 -3.97
CA ASP A 76 -9.92 0.62 -2.70
C ASP A 76 -10.95 -0.30 -2.00
N GLN A 77 -11.78 -0.98 -2.82
CA GLN A 77 -12.83 -1.91 -2.36
C GLN A 77 -12.22 -3.17 -1.69
N ASP A 78 -10.97 -3.46 -2.03
CA ASP A 78 -10.20 -4.59 -1.50
C ASP A 78 -9.42 -4.16 -0.24
N THR A 79 -9.02 -5.14 0.58
CA THR A 79 -8.08 -4.95 1.68
C THR A 79 -6.82 -5.76 1.39
N LEU A 80 -5.66 -5.20 1.75
CA LEU A 80 -4.35 -5.86 1.63
C LEU A 80 -4.32 -7.24 2.37
N SER A 81 -5.01 -7.29 3.52
CA SER A 81 -5.07 -8.50 4.38
C SER A 81 -5.88 -9.64 3.71
N GLN A 82 -6.84 -9.27 2.82
CA GLN A 82 -7.60 -10.26 2.02
C GLN A 82 -6.67 -10.95 1.00
N HIS A 83 -5.62 -10.22 0.56
CA HIS A 83 -4.55 -10.78 -0.30
C HIS A 83 -3.43 -11.43 0.53
N GLY A 84 -3.65 -11.59 1.84
CA GLY A 84 -2.72 -12.29 2.74
C GLY A 84 -1.54 -11.42 3.17
N ILE A 85 -1.64 -10.11 2.93
CA ILE A 85 -0.57 -9.16 3.26
C ILE A 85 -0.69 -8.75 4.73
N HIS A 86 0.22 -9.25 5.54
CA HIS A 86 0.34 -8.91 6.95
C HIS A 86 1.80 -8.61 7.30
N ASP A 87 2.12 -8.60 8.60
CA ASP A 87 3.50 -8.40 9.10
C ASP A 87 4.45 -9.46 8.49
N GLY A 88 5.53 -8.99 7.85
CA GLY A 88 6.49 -9.86 7.15
C GLY A 88 6.29 -9.92 5.64
N LEU A 89 5.19 -9.32 5.14
CA LEU A 89 4.85 -9.27 3.69
C LEU A 89 5.14 -7.87 3.12
N THR A 90 5.32 -7.82 1.79
CA THR A 90 5.58 -6.60 1.02
C THR A 90 4.62 -6.52 -0.18
N VAL A 91 4.03 -5.33 -0.35
CA VAL A 91 3.17 -4.99 -1.48
C VAL A 91 4.04 -4.30 -2.55
N HIS A 92 3.56 -4.31 -3.79
CA HIS A 92 4.12 -3.48 -4.85
C HIS A 92 3.26 -2.21 -5.00
N LEU A 93 3.90 -1.12 -5.41
CA LEU A 93 3.23 0.16 -5.69
C LEU A 93 3.94 0.81 -6.87
N VAL A 94 3.17 1.17 -7.86
CA VAL A 94 3.66 1.93 -9.01
C VAL A 94 3.03 3.31 -8.94
N ILE A 95 3.89 4.32 -8.83
CA ILE A 95 3.46 5.71 -8.77
C ILE A 95 3.69 6.36 -10.14
N LYS A 96 2.75 7.20 -10.58
CA LYS A 96 2.91 8.03 -11.77
C LYS A 96 3.01 9.50 -11.35
N THR A 97 4.22 9.89 -10.90
CA THR A 97 4.57 11.29 -10.64
C THR A 97 6.10 11.48 -10.85
N GLN A 98 6.48 12.46 -11.68
CA GLN A 98 7.90 12.71 -12.01
C GLN A 98 8.57 13.53 -10.89
N ASN A 99 9.63 12.96 -10.31
CA ASN A 99 10.50 13.63 -9.32
C ASN A 99 9.76 13.99 -8.02
N ARG A 100 9.66 12.99 -7.12
CA ARG A 100 9.20 13.16 -5.73
C ARG A 100 10.25 12.53 -4.80
N PRO A 101 11.24 13.34 -4.30
CA PRO A 101 12.21 12.89 -3.28
C PRO A 101 11.53 12.72 -1.89
N PRO A 23 -3.18 -7.22 21.47
CA PRO A 23 -2.33 -7.89 20.44
C PRO A 23 -1.40 -6.88 19.76
N LYS A 24 -0.40 -7.39 19.03
CA LYS A 24 0.53 -6.57 18.22
C LYS A 24 -0.15 -6.16 16.90
N ILE A 25 0.24 -4.99 16.39
CA ILE A 25 -0.29 -4.42 15.13
C ILE A 25 0.51 -4.98 13.94
N MET A 26 -0.11 -5.10 12.76
CA MET A 26 0.50 -5.76 11.60
C MET A 26 1.47 -4.80 10.91
N LYS A 27 2.77 -5.12 11.02
CA LYS A 27 3.86 -4.36 10.42
C LYS A 27 4.03 -4.81 8.96
N VAL A 28 3.69 -3.92 8.01
CA VAL A 28 3.70 -4.25 6.58
C VAL A 28 4.73 -3.39 5.83
N THR A 29 5.73 -4.03 5.23
CA THR A 29 6.71 -3.36 4.37
C THR A 29 6.10 -3.21 2.97
N VAL A 30 6.33 -2.06 2.34
CA VAL A 30 5.93 -1.79 0.96
C VAL A 30 7.16 -1.31 0.18
N LYS A 31 7.48 -2.02 -0.92
CA LYS A 31 8.65 -1.74 -1.75
C LYS A 31 8.20 -0.84 -2.91
N THR A 32 8.65 0.40 -2.89
CA THR A 32 8.22 1.47 -3.80
C THR A 32 9.41 1.95 -4.66
N PRO A 33 9.17 2.73 -5.76
CA PRO A 33 10.26 3.29 -6.59
C PRO A 33 11.22 4.23 -5.81
N LYS A 34 10.80 4.71 -4.63
CA LYS A 34 11.66 5.51 -3.74
C LYS A 34 12.50 4.56 -2.86
N GLU A 35 11.82 3.84 -1.94
CA GLU A 35 12.48 3.04 -0.89
C GLU A 35 11.48 2.02 -0.30
N LYS A 36 11.84 1.40 0.83
CA LYS A 36 10.93 0.51 1.58
C LYS A 36 10.39 1.26 2.81
N GLU A 37 9.06 1.31 2.94
CA GLU A 37 8.37 1.98 4.07
C GLU A 37 7.48 0.95 4.77
N GLU A 38 7.55 0.93 6.11
CA GLU A 38 6.81 -0.03 6.93
C GLU A 38 5.65 0.69 7.64
N PHE A 39 4.44 0.25 7.32
CA PHE A 39 3.19 0.77 7.86
C PHE A 39 2.71 -0.11 9.03
N ALA A 40 1.78 0.43 9.83
CA ALA A 40 1.20 -0.28 10.98
C ALA A 40 -0.33 -0.24 10.84
N VAL A 41 -0.92 -1.41 10.57
CA VAL A 41 -2.37 -1.56 10.32
C VAL A 41 -2.91 -2.72 11.18
N PRO A 42 -4.13 -2.60 11.80
CA PRO A 42 -4.65 -3.62 12.76
C PRO A 42 -5.30 -4.86 12.08
N GLU A 43 -4.75 -5.24 10.89
CA GLU A 43 -5.25 -6.36 10.02
C GLU A 43 -6.72 -6.17 9.55
N ASN A 44 -7.30 -4.99 9.84
CA ASN A 44 -8.72 -4.69 9.54
C ASN A 44 -8.79 -3.60 8.46
N SER A 45 -7.67 -2.84 8.33
CA SER A 45 -7.49 -1.88 7.25
C SER A 45 -7.51 -2.60 5.89
N SER A 46 -8.41 -2.15 5.02
CA SER A 46 -8.48 -2.61 3.63
C SER A 46 -7.46 -1.85 2.78
N VAL A 47 -7.36 -2.20 1.49
CA VAL A 47 -6.48 -1.50 0.54
C VAL A 47 -6.94 -0.02 0.40
N GLN A 48 -8.29 0.20 0.44
CA GLN A 48 -8.91 1.56 0.39
C GLN A 48 -8.40 2.48 1.52
N GLN A 49 -8.03 1.88 2.66
CA GLN A 49 -7.50 2.60 3.82
C GLN A 49 -5.96 2.67 3.78
N PHE A 50 -5.36 1.56 3.32
CA PHE A 50 -3.91 1.30 3.40
C PHE A 50 -3.11 2.24 2.46
N LYS A 51 -3.60 2.39 1.21
CA LYS A 51 -2.90 3.18 0.18
C LYS A 51 -2.92 4.69 0.49
N GLU A 52 -3.84 5.11 1.39
CA GLU A 52 -3.92 6.51 1.85
C GLU A 52 -2.74 6.85 2.77
N GLU A 53 -2.29 5.86 3.55
CA GLU A 53 -1.09 5.98 4.39
C GLU A 53 0.17 6.01 3.50
N ILE A 54 0.13 5.20 2.43
CA ILE A 54 1.19 5.18 1.39
C ILE A 54 1.26 6.56 0.68
N SER A 55 0.09 7.18 0.48
CA SER A 55 -0.06 8.43 -0.29
C SER A 55 0.73 9.59 0.35
N LYS A 56 0.59 9.74 1.67
CA LYS A 56 1.27 10.81 2.44
C LYS A 56 2.79 10.54 2.56
N ARG A 57 3.18 9.24 2.55
CA ARG A 57 4.61 8.85 2.64
C ARG A 57 5.35 9.22 1.36
N PHE A 58 4.71 9.00 0.19
CA PHE A 58 5.35 9.14 -1.13
C PHE A 58 4.85 10.35 -1.92
N LYS A 59 3.94 11.14 -1.30
CA LYS A 59 3.41 12.41 -1.86
C LYS A 59 2.81 12.22 -3.27
N SER A 60 2.29 11.01 -3.51
CA SER A 60 1.64 10.64 -4.77
C SER A 60 0.22 10.17 -4.43
N HIS A 61 -0.79 10.79 -5.06
CA HIS A 61 -2.23 10.61 -4.71
C HIS A 61 -2.67 9.13 -4.77
N THR A 62 -3.75 8.83 -4.05
CA THR A 62 -4.27 7.46 -3.83
C THR A 62 -4.68 6.75 -5.14
N ASP A 63 -5.18 7.56 -6.10
CA ASP A 63 -5.56 7.08 -7.45
C ASP A 63 -4.31 6.64 -8.24
N GLN A 64 -3.20 7.36 -8.04
CA GLN A 64 -1.92 7.14 -8.74
C GLN A 64 -1.22 5.86 -8.24
N LEU A 65 -1.59 5.44 -7.02
CA LEU A 65 -1.00 4.25 -6.37
C LEU A 65 -1.78 2.99 -6.73
N VAL A 66 -1.08 2.00 -7.31
CA VAL A 66 -1.63 0.64 -7.51
C VAL A 66 -0.72 -0.39 -6.80
N LEU A 67 -1.31 -1.18 -5.91
CA LEU A 67 -0.61 -2.27 -5.19
C LEU A 67 -0.68 -3.56 -6.03
N ILE A 68 0.37 -4.37 -5.95
CA ILE A 68 0.47 -5.68 -6.61
C ILE A 68 0.96 -6.71 -5.57
N PHE A 69 0.28 -7.86 -5.56
CA PHE A 69 0.59 -9.01 -4.70
C PHE A 69 -0.28 -10.19 -5.17
N ALA A 70 0.23 -11.43 -4.98
CA ALA A 70 -0.49 -12.68 -5.34
C ALA A 70 -0.62 -12.84 -6.87
N GLY A 71 0.25 -12.12 -7.62
CA GLY A 71 0.25 -12.12 -9.09
C GLY A 71 -0.88 -11.31 -9.70
N LYS A 72 -1.43 -10.37 -8.91
CA LYS A 72 -2.57 -9.52 -9.33
C LYS A 72 -2.51 -8.15 -8.63
N ILE A 73 -3.29 -7.20 -9.15
CA ILE A 73 -3.39 -5.84 -8.60
C ILE A 73 -4.46 -5.79 -7.49
N LEU A 74 -4.07 -5.25 -6.33
CA LEU A 74 -4.95 -5.11 -5.16
C LEU A 74 -5.85 -3.88 -5.34
N LYS A 75 -7.16 -4.10 -5.23
CA LYS A 75 -8.18 -3.04 -5.42
C LYS A 75 -8.76 -2.62 -4.06
N ASP A 76 -9.53 -1.52 -4.05
CA ASP A 76 -10.17 -0.96 -2.84
C ASP A 76 -11.10 -1.97 -2.14
N GLN A 77 -11.76 -2.80 -2.97
CA GLN A 77 -12.65 -3.90 -2.51
C GLN A 77 -11.90 -4.92 -1.60
N ASP A 78 -10.62 -5.10 -1.89
CA ASP A 78 -9.75 -6.08 -1.23
C ASP A 78 -9.14 -5.51 0.04
N THR A 79 -8.67 -6.40 0.94
CA THR A 79 -7.81 -6.03 2.06
C THR A 79 -6.47 -6.75 1.85
N LEU A 80 -5.38 -6.05 2.18
CA LEU A 80 -4.01 -6.62 2.11
C LEU A 80 -3.91 -7.95 2.90
N SER A 81 -4.54 -7.96 4.11
CA SER A 81 -4.49 -9.09 5.07
C SER A 81 -5.11 -10.39 4.47
N GLN A 82 -6.21 -10.24 3.69
CA GLN A 82 -6.91 -11.39 3.06
C GLN A 82 -6.09 -11.98 1.88
N HIS A 83 -5.18 -11.18 1.29
CA HIS A 83 -4.28 -11.65 0.20
C HIS A 83 -3.04 -12.35 0.76
N GLY A 84 -2.95 -12.46 2.10
CA GLY A 84 -1.88 -13.17 2.78
C GLY A 84 -0.83 -12.22 3.34
N ILE A 85 -0.97 -10.91 3.04
CA ILE A 85 -0.01 -9.88 3.47
C ILE A 85 -0.16 -9.63 4.97
N HIS A 86 0.85 -10.05 5.72
CA HIS A 86 0.86 -9.95 7.18
C HIS A 86 2.20 -9.40 7.67
N ASP A 87 2.40 -9.46 8.99
CA ASP A 87 3.62 -8.99 9.67
C ASP A 87 4.89 -9.59 9.04
N GLY A 88 5.75 -8.71 8.50
CA GLY A 88 7.05 -9.11 7.96
C GLY A 88 7.06 -9.33 6.46
N LEU A 89 5.89 -9.22 5.81
CA LEU A 89 5.78 -9.35 4.34
C LEU A 89 5.95 -7.99 3.66
N THR A 90 6.03 -8.04 2.31
CA THR A 90 6.23 -6.85 1.48
C THR A 90 5.18 -6.82 0.35
N VAL A 91 4.51 -5.66 0.19
CA VAL A 91 3.62 -5.39 -0.96
C VAL A 91 4.44 -4.64 -2.01
N HIS A 92 4.20 -4.94 -3.28
CA HIS A 92 4.91 -4.29 -4.39
C HIS A 92 4.06 -3.11 -4.90
N LEU A 93 4.49 -1.87 -4.61
CA LEU A 93 3.78 -0.67 -5.07
C LEU A 93 4.36 -0.19 -6.40
N VAL A 94 3.47 0.13 -7.32
CA VAL A 94 3.79 0.79 -8.58
C VAL A 94 2.99 2.10 -8.65
N ILE A 95 3.70 3.22 -8.66
CA ILE A 95 3.10 4.54 -8.81
C ILE A 95 3.01 4.86 -10.30
N LYS A 96 1.89 5.46 -10.72
CA LYS A 96 1.58 5.73 -12.15
C LYS A 96 2.09 7.14 -12.57
N THR A 97 2.84 7.79 -11.68
CA THR A 97 3.15 9.23 -11.79
C THR A 97 4.47 9.47 -12.56
N GLN A 98 5.61 9.50 -11.83
CA GLN A 98 6.93 9.94 -12.34
C GLN A 98 7.95 9.84 -11.18
N ASN A 99 9.19 10.32 -11.41
CA ASN A 99 10.23 10.38 -10.37
C ASN A 99 9.89 11.52 -9.38
N ARG A 100 9.22 11.17 -8.27
CA ARG A 100 8.89 12.11 -7.18
C ARG A 100 9.76 11.82 -5.93
N PRO A 101 10.35 12.87 -5.27
CA PRO A 101 11.19 12.70 -4.06
C PRO A 101 10.38 12.08 -2.88
N PRO A 23 -1.84 -8.13 19.90
CA PRO A 23 -1.23 -8.82 18.74
C PRO A 23 -0.32 -7.87 17.96
N LYS A 24 0.46 -8.42 17.02
CA LYS A 24 1.30 -7.62 16.10
C LYS A 24 0.41 -7.02 14.99
N ILE A 25 0.76 -5.82 14.55
CA ILE A 25 0.12 -5.15 13.41
C ILE A 25 0.81 -5.61 12.09
N MET A 26 0.08 -5.61 10.95
CA MET A 26 0.59 -6.21 9.71
C MET A 26 1.55 -5.23 9.00
N LYS A 27 2.84 -5.59 9.03
CA LYS A 27 3.93 -4.82 8.47
C LYS A 27 4.03 -5.11 6.96
N VAL A 28 3.33 -4.29 6.16
CA VAL A 28 3.26 -4.46 4.70
C VAL A 28 4.33 -3.58 4.03
N THR A 29 5.35 -4.21 3.45
CA THR A 29 6.40 -3.53 2.71
C THR A 29 5.95 -3.30 1.25
N VAL A 30 5.99 -2.04 0.84
CA VAL A 30 5.65 -1.61 -0.52
C VAL A 30 6.94 -1.16 -1.23
N LYS A 31 7.27 -1.87 -2.31
CA LYS A 31 8.47 -1.58 -3.10
C LYS A 31 8.09 -0.74 -4.34
N THR A 32 8.96 0.21 -4.69
CA THR A 32 8.86 1.05 -5.88
C THR A 32 10.26 1.21 -6.50
N PRO A 33 10.37 1.75 -7.76
CA PRO A 33 11.70 2.16 -8.31
C PRO A 33 12.32 3.37 -7.55
N LYS A 34 11.52 3.97 -6.63
CA LYS A 34 11.99 4.98 -5.69
C LYS A 34 12.77 4.27 -4.55
N GLU A 35 12.04 3.45 -3.78
CA GLU A 35 12.53 2.82 -2.54
C GLU A 35 11.50 1.81 -1.99
N LYS A 36 11.81 1.21 -0.83
CA LYS A 36 10.86 0.37 -0.07
C LYS A 36 10.40 1.14 1.19
N GLU A 37 9.10 1.07 1.48
CA GLU A 37 8.50 1.64 2.69
C GLU A 37 7.58 0.60 3.33
N GLU A 38 7.85 0.29 4.61
CA GLU A 38 7.08 -0.70 5.37
C GLU A 38 6.02 0.03 6.19
N PHE A 39 4.76 -0.16 5.79
CA PHE A 39 3.59 0.38 6.47
C PHE A 39 3.11 -0.63 7.53
N ALA A 40 2.29 -0.16 8.45
CA ALA A 40 1.64 -0.98 9.47
C ALA A 40 0.13 -0.81 9.34
N VAL A 41 -0.61 -1.93 9.20
CA VAL A 41 -2.07 -1.90 9.01
C VAL A 41 -2.75 -2.97 9.90
N PRO A 42 -3.79 -2.59 10.71
CA PRO A 42 -4.44 -3.50 11.69
C PRO A 42 -5.44 -4.52 11.07
N GLU A 43 -4.90 -5.41 10.20
CA GLU A 43 -5.61 -6.57 9.55
C GLU A 43 -6.99 -6.24 8.92
N ASN A 44 -7.28 -4.94 8.70
CA ASN A 44 -8.61 -4.47 8.28
C ASN A 44 -8.51 -3.32 7.26
N SER A 45 -7.36 -2.61 7.24
CA SER A 45 -7.14 -1.47 6.33
C SER A 45 -7.26 -1.91 4.87
N SER A 46 -8.26 -1.35 4.19
CA SER A 46 -8.52 -1.58 2.77
C SER A 46 -7.47 -0.89 1.90
N VAL A 47 -7.37 -1.32 0.63
CA VAL A 47 -6.46 -0.73 -0.35
C VAL A 47 -6.76 0.77 -0.56
N GLN A 48 -8.06 1.12 -0.41
CA GLN A 48 -8.56 2.51 -0.33
C GLN A 48 -7.78 3.31 0.73
N GLN A 49 -7.75 2.79 1.95
CA GLN A 49 -7.16 3.48 3.11
C GLN A 49 -5.62 3.39 3.08
N PHE A 50 -5.12 2.33 2.44
CA PHE A 50 -3.69 1.98 2.45
C PHE A 50 -2.88 2.88 1.50
N LYS A 51 -3.38 3.09 0.25
CA LYS A 51 -2.64 3.87 -0.75
C LYS A 51 -2.67 5.38 -0.39
N GLU A 52 -3.60 5.76 0.50
CA GLU A 52 -3.66 7.12 1.09
C GLU A 52 -2.54 7.36 2.11
N GLU A 53 -2.13 6.28 2.80
CA GLU A 53 -0.91 6.28 3.64
C GLU A 53 0.34 6.36 2.76
N ILE A 54 0.33 5.61 1.65
CA ILE A 54 1.40 5.66 0.62
C ILE A 54 1.56 7.09 0.07
N SER A 55 0.42 7.77 -0.15
CA SER A 55 0.34 9.11 -0.76
C SER A 55 1.19 10.16 -0.01
N LYS A 56 1.21 10.09 1.33
CA LYS A 56 1.92 11.08 2.16
C LYS A 56 3.43 10.77 2.27
N ARG A 57 3.81 9.48 2.16
CA ARG A 57 5.24 9.07 2.18
C ARG A 57 5.91 9.42 0.84
N PHE A 58 5.34 8.86 -0.24
CA PHE A 58 5.90 9.00 -1.60
C PHE A 58 5.51 10.34 -2.26
N LYS A 59 4.65 11.15 -1.59
CA LYS A 59 4.24 12.51 -2.06
C LYS A 59 3.59 12.46 -3.45
N SER A 60 2.89 11.36 -3.73
CA SER A 60 2.27 11.08 -5.04
C SER A 60 0.75 10.87 -4.85
N HIS A 61 -0.06 11.40 -5.80
CA HIS A 61 -1.54 11.28 -5.77
C HIS A 61 -1.99 9.81 -5.73
N THR A 62 -3.11 9.56 -5.04
CA THR A 62 -3.64 8.21 -4.79
C THR A 62 -4.09 7.50 -6.08
N ASP A 63 -4.58 8.28 -7.06
CA ASP A 63 -5.02 7.76 -8.38
C ASP A 63 -3.83 7.27 -9.22
N GLN A 64 -2.62 7.77 -8.91
CA GLN A 64 -1.37 7.33 -9.57
C GLN A 64 -0.94 5.96 -9.02
N LEU A 65 -1.19 5.78 -7.71
CA LEU A 65 -0.71 4.64 -6.93
C LEU A 65 -1.52 3.37 -7.25
N VAL A 66 -0.96 2.49 -8.11
CA VAL A 66 -1.56 1.17 -8.41
C VAL A 66 -0.71 0.04 -7.79
N LEU A 67 -1.33 -0.71 -6.88
CA LEU A 67 -0.73 -1.87 -6.19
C LEU A 67 -1.02 -3.15 -6.97
N ILE A 68 -0.01 -4.04 -7.04
CA ILE A 68 -0.08 -5.32 -7.75
C ILE A 68 0.47 -6.43 -6.83
N PHE A 69 -0.31 -7.50 -6.68
CA PHE A 69 0.07 -8.71 -5.94
C PHE A 69 -0.64 -9.89 -6.61
N ALA A 70 0.05 -11.06 -6.62
CA ALA A 70 -0.39 -12.29 -7.31
C ALA A 70 -0.47 -12.07 -8.84
N GLY A 71 0.31 -11.08 -9.33
CA GLY A 71 0.31 -10.69 -10.74
C GLY A 71 -0.99 -10.00 -11.18
N LYS A 72 -1.69 -9.36 -10.25
CA LYS A 72 -2.95 -8.63 -10.55
C LYS A 72 -3.12 -7.40 -9.63
N ILE A 73 -3.92 -6.44 -10.09
CA ILE A 73 -4.11 -5.14 -9.41
C ILE A 73 -5.10 -5.27 -8.22
N LEU A 74 -4.78 -4.60 -7.10
CA LEU A 74 -5.64 -4.54 -5.90
C LEU A 74 -6.63 -3.38 -6.09
N LYS A 75 -7.83 -3.49 -5.51
CA LYS A 75 -8.88 -2.46 -5.67
C LYS A 75 -9.32 -1.93 -4.30
N ASP A 76 -9.88 -0.72 -4.30
CA ASP A 76 -10.33 -0.02 -3.08
C ASP A 76 -11.56 -0.72 -2.45
N GLN A 77 -12.25 -1.57 -3.24
CA GLN A 77 -13.39 -2.38 -2.77
C GLN A 77 -12.92 -3.57 -1.89
N ASP A 78 -11.64 -3.97 -2.03
CA ASP A 78 -11.03 -5.05 -1.20
C ASP A 78 -9.94 -4.49 -0.28
N THR A 79 -9.35 -5.38 0.52
CA THR A 79 -8.19 -5.09 1.36
C THR A 79 -7.01 -5.89 0.81
N LEU A 80 -5.80 -5.47 1.17
CA LEU A 80 -4.57 -6.20 0.86
C LEU A 80 -4.57 -7.60 1.51
N SER A 81 -5.20 -7.68 2.71
CA SER A 81 -5.28 -8.93 3.50
C SER A 81 -6.20 -9.97 2.81
N GLN A 82 -7.15 -9.48 1.98
CA GLN A 82 -8.00 -10.35 1.12
C GLN A 82 -7.15 -11.07 0.07
N HIS A 83 -6.02 -10.43 -0.32
CA HIS A 83 -5.03 -11.02 -1.27
C HIS A 83 -3.93 -11.80 -0.53
N GLY A 84 -4.06 -11.90 0.81
CA GLY A 84 -3.14 -12.64 1.66
C GLY A 84 -1.87 -11.87 2.02
N ILE A 85 -1.92 -10.54 1.84
CA ILE A 85 -0.80 -9.65 2.13
C ILE A 85 -0.85 -9.30 3.62
N HIS A 86 0.15 -9.75 4.37
CA HIS A 86 0.22 -9.59 5.83
C HIS A 86 1.63 -9.07 6.21
N ASP A 87 1.96 -9.15 7.52
CA ASP A 87 3.30 -8.81 8.06
C ASP A 87 4.39 -9.66 7.39
N GLY A 88 5.31 -9.00 6.66
CA GLY A 88 6.43 -9.68 5.99
C GLY A 88 6.26 -9.74 4.47
N LEU A 89 5.01 -9.60 3.99
CA LEU A 89 4.71 -9.64 2.53
C LEU A 89 5.06 -8.29 1.87
N THR A 90 5.50 -8.38 0.60
CA THR A 90 5.88 -7.22 -0.21
C THR A 90 4.96 -7.11 -1.44
N VAL A 91 4.49 -5.88 -1.72
CA VAL A 91 3.59 -5.56 -2.84
C VAL A 91 4.37 -4.77 -3.91
N HIS A 92 3.97 -4.94 -5.19
CA HIS A 92 4.52 -4.15 -6.31
C HIS A 92 3.68 -2.87 -6.47
N LEU A 93 4.24 -1.71 -6.12
CA LEU A 93 3.59 -0.42 -6.37
C LEU A 93 4.24 0.25 -7.58
N VAL A 94 3.40 0.62 -8.53
CA VAL A 94 3.81 1.37 -9.71
C VAL A 94 3.06 2.71 -9.67
N ILE A 95 3.81 3.79 -9.47
CA ILE A 95 3.24 5.14 -9.40
C ILE A 95 3.18 5.70 -10.82
N LYS A 96 1.96 5.91 -11.31
CA LYS A 96 1.70 6.42 -12.67
C LYS A 96 1.73 7.96 -12.69
N THR A 97 2.83 8.53 -12.18
CA THR A 97 3.09 9.98 -12.17
C THR A 97 4.02 10.35 -13.35
N GLN A 98 4.47 11.62 -13.39
CA GLN A 98 5.48 12.08 -14.37
C GLN A 98 6.36 13.19 -13.78
N ASN A 99 5.86 13.87 -12.71
CA ASN A 99 6.54 15.05 -12.13
C ASN A 99 6.83 14.81 -10.63
N ARG A 100 7.14 13.55 -10.28
CA ARG A 100 7.62 13.17 -8.93
C ARG A 100 9.04 12.56 -9.01
N PRO A 101 9.91 12.80 -7.97
CA PRO A 101 11.22 12.10 -7.84
C PRO A 101 11.10 10.56 -7.96
N PRO A 23 -1.25 -6.40 20.93
CA PRO A 23 -0.64 -7.17 19.80
C PRO A 23 0.22 -6.23 18.93
N LYS A 24 0.93 -6.83 17.96
CA LYS A 24 1.70 -6.09 16.96
C LYS A 24 0.75 -5.52 15.89
N ILE A 25 1.10 -4.33 15.37
CA ILE A 25 0.39 -3.72 14.25
C ILE A 25 1.03 -4.21 12.94
N MET A 26 0.27 -4.26 11.83
CA MET A 26 0.75 -4.86 10.58
C MET A 26 1.64 -3.85 9.83
N LYS A 27 2.94 -4.17 9.78
CA LYS A 27 3.95 -3.35 9.12
C LYS A 27 3.95 -3.65 7.60
N VAL A 28 3.22 -2.81 6.85
CA VAL A 28 3.13 -2.95 5.39
C VAL A 28 4.09 -1.96 4.73
N THR A 29 5.18 -2.49 4.15
CA THR A 29 6.13 -1.67 3.40
C THR A 29 5.63 -1.51 1.96
N VAL A 30 5.74 -0.30 1.43
CA VAL A 30 5.36 0.02 0.05
C VAL A 30 6.59 0.54 -0.70
N LYS A 31 7.04 -0.24 -1.69
CA LYS A 31 8.16 0.12 -2.57
C LYS A 31 7.57 0.69 -3.88
N THR A 32 8.18 1.78 -4.36
CA THR A 32 7.73 2.52 -5.54
C THR A 32 8.90 2.64 -6.53
N PRO A 33 8.67 3.13 -7.80
CA PRO A 33 9.80 3.48 -8.73
C PRO A 33 10.53 4.79 -8.31
N LYS A 34 10.72 4.99 -7.00
CA LYS A 34 11.16 6.24 -6.39
C LYS A 34 11.92 5.95 -5.08
N GLU A 35 11.21 5.32 -4.13
CA GLU A 35 11.69 5.06 -2.76
C GLU A 35 10.80 4.00 -2.07
N LYS A 36 10.94 3.84 -0.76
CA LYS A 36 10.11 2.91 0.03
C LYS A 36 9.76 3.53 1.39
N GLU A 37 8.48 3.43 1.78
CA GLU A 37 7.98 3.88 3.10
C GLU A 37 7.19 2.72 3.74
N GLU A 38 7.46 2.43 5.01
CA GLU A 38 6.80 1.36 5.76
C GLU A 38 5.68 1.96 6.64
N PHE A 39 4.48 1.48 6.42
CA PHE A 39 3.26 1.92 7.12
C PHE A 39 2.89 0.92 8.22
N ALA A 40 2.03 1.36 9.13
CA ALA A 40 1.55 0.54 10.25
C ALA A 40 0.03 0.65 10.32
N VAL A 41 -0.67 -0.48 10.05
CA VAL A 41 -2.14 -0.55 9.96
C VAL A 41 -2.64 -1.76 10.77
N PRO A 42 -3.78 -1.66 11.53
CA PRO A 42 -4.24 -2.73 12.45
C PRO A 42 -5.06 -3.83 11.73
N GLU A 43 -4.57 -4.21 10.51
CA GLU A 43 -5.22 -5.16 9.54
C GLU A 43 -6.68 -4.78 9.17
N ASN A 44 -7.15 -3.60 9.64
CA ASN A 44 -8.52 -3.12 9.43
C ASN A 44 -8.56 -2.15 8.25
N SER A 45 -7.43 -1.45 8.03
CA SER A 45 -7.27 -0.51 6.93
C SER A 45 -7.32 -1.25 5.58
N SER A 46 -8.40 -1.00 4.84
CA SER A 46 -8.54 -1.42 3.44
C SER A 46 -7.54 -0.65 2.57
N VAL A 47 -7.35 -1.07 1.31
CA VAL A 47 -6.50 -0.33 0.36
C VAL A 47 -7.08 1.08 0.12
N GLN A 48 -8.43 1.20 0.23
CA GLN A 48 -9.16 2.49 0.19
C GLN A 48 -8.70 3.44 1.33
N GLN A 49 -8.43 2.89 2.51
CA GLN A 49 -7.96 3.66 3.69
C GLN A 49 -6.44 3.76 3.72
N PHE A 50 -5.75 2.90 2.95
CA PHE A 50 -4.30 2.73 3.02
C PHE A 50 -3.57 3.67 2.04
N LYS A 51 -4.10 3.82 0.82
CA LYS A 51 -3.47 4.67 -0.22
C LYS A 51 -3.55 6.17 0.14
N GLU A 52 -4.44 6.48 1.11
CA GLU A 52 -4.54 7.80 1.76
C GLU A 52 -3.27 8.11 2.59
N GLU A 53 -2.76 7.07 3.29
CA GLU A 53 -1.51 7.16 4.06
C GLU A 53 -0.30 7.22 3.12
N ILE A 54 -0.42 6.53 1.99
CA ILE A 54 0.58 6.56 0.91
C ILE A 54 0.72 7.98 0.31
N SER A 55 -0.41 8.66 0.09
CA SER A 55 -0.45 9.94 -0.65
C SER A 55 0.28 11.09 0.08
N LYS A 56 0.45 10.96 1.40
CA LYS A 56 1.17 11.98 2.21
C LYS A 56 2.68 11.72 2.24
N ARG A 57 3.06 10.44 2.12
CA ARG A 57 4.47 10.02 2.17
C ARG A 57 5.14 10.26 0.83
N PHE A 58 4.52 9.73 -0.23
CA PHE A 58 5.03 9.86 -1.61
C PHE A 58 4.49 11.14 -2.28
N LYS A 59 3.69 11.95 -1.52
CA LYS A 59 3.19 13.29 -1.95
C LYS A 59 2.41 13.25 -3.28
N SER A 60 1.94 12.06 -3.67
CA SER A 60 1.27 11.83 -4.96
C SER A 60 -0.23 11.66 -4.71
N HIS A 61 -1.04 12.13 -5.66
CA HIS A 61 -2.52 12.07 -5.58
C HIS A 61 -2.99 10.60 -5.63
N THR A 62 -3.98 10.24 -4.78
CA THR A 62 -4.42 8.83 -4.59
C THR A 62 -4.90 8.17 -5.90
N ASP A 63 -5.67 8.91 -6.70
CA ASP A 63 -6.16 8.44 -8.03
C ASP A 63 -5.00 8.07 -8.96
N GLN A 64 -3.85 8.75 -8.79
CA GLN A 64 -2.66 8.59 -9.65
C GLN A 64 -1.74 7.46 -9.18
N LEU A 65 -2.08 6.78 -8.06
CA LEU A 65 -1.27 5.67 -7.55
C LEU A 65 -2.16 4.45 -7.25
N VAL A 66 -1.70 3.28 -7.72
CA VAL A 66 -2.39 1.99 -7.55
C VAL A 66 -1.38 0.94 -7.09
N LEU A 67 -1.73 0.18 -6.05
CA LEU A 67 -0.86 -0.88 -5.51
C LEU A 67 -1.07 -2.13 -6.36
N ILE A 68 -0.07 -3.00 -6.42
CA ILE A 68 -0.17 -4.31 -7.08
C ILE A 68 0.37 -5.38 -6.13
N PHE A 69 -0.39 -6.48 -6.00
CA PHE A 69 -0.03 -7.65 -5.20
C PHE A 69 -0.98 -8.79 -5.58
N ALA A 70 -0.49 -10.04 -5.46
CA ALA A 70 -1.23 -11.27 -5.81
C ALA A 70 -1.52 -11.35 -7.32
N GLY A 71 -0.78 -10.56 -8.11
CA GLY A 71 -0.88 -10.55 -9.57
C GLY A 71 -1.88 -9.53 -10.12
N LYS A 72 -2.40 -8.60 -9.28
CA LYS A 72 -3.42 -7.62 -9.74
C LYS A 72 -3.31 -6.28 -8.98
N ILE A 73 -3.87 -5.22 -9.59
CA ILE A 73 -3.97 -3.88 -8.98
C ILE A 73 -4.95 -3.85 -7.79
N LEU A 74 -4.39 -3.60 -6.60
CA LEU A 74 -5.17 -3.39 -5.37
C LEU A 74 -5.87 -2.01 -5.44
N LYS A 75 -7.19 -2.04 -5.23
CA LYS A 75 -8.07 -0.86 -5.33
C LYS A 75 -8.92 -0.74 -4.06
N ASP A 76 -9.90 0.19 -4.09
CA ASP A 76 -10.84 0.44 -2.98
C ASP A 76 -11.67 -0.80 -2.62
N GLN A 77 -11.92 -1.67 -3.61
CA GLN A 77 -12.68 -2.91 -3.45
C GLN A 77 -11.85 -4.01 -2.76
N ASP A 78 -10.53 -3.81 -2.67
CA ASP A 78 -9.58 -4.79 -2.11
C ASP A 78 -9.12 -4.33 -0.72
N THR A 79 -8.71 -5.31 0.12
CA THR A 79 -7.99 -5.07 1.37
C THR A 79 -6.62 -5.76 1.25
N LEU A 80 -5.58 -5.13 1.82
CA LEU A 80 -4.19 -5.60 1.66
C LEU A 80 -3.98 -7.01 2.26
N SER A 81 -4.54 -7.24 3.46
CA SER A 81 -4.36 -8.50 4.21
C SER A 81 -5.02 -9.68 3.51
N GLN A 82 -6.14 -9.42 2.81
CA GLN A 82 -6.90 -10.45 2.07
C GLN A 82 -6.12 -10.94 0.83
N HIS A 83 -5.16 -10.13 0.35
CA HIS A 83 -4.25 -10.51 -0.76
C HIS A 83 -2.93 -11.09 -0.25
N GLY A 84 -2.87 -11.38 1.07
CA GLY A 84 -1.75 -12.09 1.68
C GLY A 84 -0.67 -11.18 2.26
N ILE A 85 -0.93 -9.86 2.30
CA ILE A 85 0.04 -8.88 2.80
C ILE A 85 -0.03 -8.82 4.33
N HIS A 86 1.09 -9.13 5.00
CA HIS A 86 1.21 -9.13 6.46
C HIS A 86 2.51 -8.41 6.86
N ASP A 87 2.74 -8.28 8.19
CA ASP A 87 3.92 -7.55 8.71
C ASP A 87 5.24 -8.22 8.26
N GLY A 88 6.12 -7.42 7.60
CA GLY A 88 7.38 -7.92 7.07
C GLY A 88 7.41 -8.01 5.54
N LEU A 89 6.21 -7.99 4.92
CA LEU A 89 6.07 -8.06 3.44
C LEU A 89 6.07 -6.64 2.84
N THR A 90 6.19 -6.59 1.50
CA THR A 90 6.24 -5.34 0.73
C THR A 90 5.31 -5.42 -0.49
N VAL A 91 4.64 -4.30 -0.81
CA VAL A 91 3.73 -4.15 -1.95
C VAL A 91 4.43 -3.31 -3.04
N HIS A 92 4.07 -3.52 -4.31
CA HIS A 92 4.62 -2.72 -5.42
C HIS A 92 3.57 -1.69 -5.88
N LEU A 93 3.82 -0.41 -5.56
CA LEU A 93 2.95 0.71 -5.95
C LEU A 93 3.44 1.33 -7.26
N VAL A 94 2.52 1.55 -8.20
CA VAL A 94 2.80 2.19 -9.49
C VAL A 94 2.13 3.58 -9.52
N ILE A 95 2.97 4.62 -9.48
CA ILE A 95 2.54 6.02 -9.49
C ILE A 95 2.64 6.58 -10.93
N LYS A 96 1.65 7.39 -11.32
CA LYS A 96 1.50 7.94 -12.68
C LYS A 96 2.11 9.35 -12.80
N THR A 97 3.06 9.67 -11.90
CA THR A 97 3.76 10.98 -11.90
C THR A 97 5.20 10.83 -11.35
N GLN A 98 6.17 10.69 -12.28
CA GLN A 98 7.61 10.54 -11.97
C GLN A 98 8.20 11.83 -11.39
N ASN A 99 7.69 12.99 -11.86
CA ASN A 99 8.20 14.33 -11.49
C ASN A 99 7.71 14.78 -10.10
N ARG A 100 6.91 13.94 -9.44
CA ARG A 100 6.41 14.19 -8.07
C ARG A 100 7.15 13.27 -7.06
N PRO A 101 8.26 13.77 -6.41
CA PRO A 101 8.91 13.08 -5.30
C PRO A 101 8.29 13.52 -3.94
N PRO A 23 -2.92 -6.41 20.92
CA PRO A 23 -2.33 -7.21 19.83
C PRO A 23 -1.30 -6.37 19.05
N LYS A 24 -0.46 -7.04 18.26
CA LYS A 24 0.36 -6.36 17.25
C LYS A 24 -0.55 -6.00 16.07
N ILE A 25 -0.29 -4.85 15.47
CA ILE A 25 -0.98 -4.39 14.26
C ILE A 25 -0.25 -4.98 13.03
N MET A 26 -0.92 -5.08 11.87
CA MET A 26 -0.35 -5.76 10.70
C MET A 26 0.64 -4.83 10.00
N LYS A 27 1.94 -5.13 10.17
CA LYS A 27 3.03 -4.37 9.56
C LYS A 27 3.22 -4.86 8.14
N VAL A 28 2.51 -4.21 7.21
CA VAL A 28 2.47 -4.58 5.79
C VAL A 28 3.51 -3.76 5.02
N THR A 29 4.48 -4.45 4.41
CA THR A 29 5.44 -3.81 3.51
C THR A 29 4.82 -3.70 2.12
N VAL A 30 5.04 -2.56 1.49
CA VAL A 30 4.58 -2.25 0.16
C VAL A 30 5.79 -1.83 -0.69
N LYS A 31 6.00 -2.58 -1.79
CA LYS A 31 7.08 -2.35 -2.74
C LYS A 31 6.51 -1.49 -3.87
N THR A 32 7.08 -0.30 -4.04
CA THR A 32 6.74 0.63 -5.12
C THR A 32 7.98 0.80 -6.01
N PRO A 33 7.82 1.27 -7.28
CA PRO A 33 8.99 1.61 -8.15
C PRO A 33 9.87 2.74 -7.56
N LYS A 34 9.33 3.46 -6.55
CA LYS A 34 10.02 4.54 -5.83
C LYS A 34 11.00 3.92 -4.81
N GLU A 35 10.42 3.14 -3.89
CA GLU A 35 11.11 2.57 -2.72
C GLU A 35 10.22 1.51 -2.05
N LYS A 36 10.67 0.96 -0.92
CA LYS A 36 9.83 0.11 -0.05
C LYS A 36 9.46 0.89 1.22
N GLU A 37 8.26 0.63 1.75
CA GLU A 37 7.72 1.30 2.94
C GLU A 37 6.85 0.32 3.72
N GLU A 38 6.69 0.58 5.03
CA GLU A 38 5.90 -0.25 5.92
C GLU A 38 4.69 0.56 6.43
N PHE A 39 3.55 -0.12 6.51
CA PHE A 39 2.27 0.44 6.95
C PHE A 39 1.73 -0.39 8.12
N ALA A 40 0.77 0.16 8.85
CA ALA A 40 0.17 -0.48 10.02
C ALA A 40 -1.36 -0.45 9.89
N VAL A 41 -1.97 -1.64 9.73
CA VAL A 41 -3.44 -1.80 9.55
C VAL A 41 -3.98 -2.88 10.50
N PRO A 42 -5.12 -2.64 11.22
CA PRO A 42 -5.68 -3.59 12.22
C PRO A 42 -6.48 -4.77 11.59
N GLU A 43 -5.84 -5.46 10.60
CA GLU A 43 -6.33 -6.70 9.90
C GLU A 43 -7.79 -6.62 9.35
N ASN A 44 -8.36 -5.40 9.31
CA ASN A 44 -9.76 -5.19 8.94
C ASN A 44 -9.88 -4.00 7.96
N SER A 45 -8.77 -3.27 7.77
CA SER A 45 -8.70 -2.17 6.81
C SER A 45 -8.82 -2.70 5.37
N SER A 46 -9.74 -2.10 4.62
CA SER A 46 -9.88 -2.32 3.18
C SER A 46 -8.84 -1.51 2.43
N VAL A 47 -8.71 -1.73 1.12
CA VAL A 47 -7.80 -0.95 0.27
C VAL A 47 -8.26 0.52 0.20
N GLN A 48 -9.60 0.74 0.27
CA GLN A 48 -10.18 2.10 0.42
C GLN A 48 -9.68 2.83 1.69
N GLN A 49 -9.31 2.06 2.73
CA GLN A 49 -8.78 2.60 4.00
C GLN A 49 -7.24 2.63 3.98
N PHE A 50 -6.65 1.79 3.13
CA PHE A 50 -5.19 1.52 3.12
C PHE A 50 -4.44 2.50 2.21
N LYS A 51 -5.01 2.79 1.03
CA LYS A 51 -4.39 3.69 0.04
C LYS A 51 -4.46 5.17 0.51
N GLU A 52 -5.32 5.42 1.51
CA GLU A 52 -5.38 6.71 2.24
C GLU A 52 -4.07 6.94 3.02
N GLU A 53 -3.57 5.85 3.61
CA GLU A 53 -2.28 5.84 4.34
C GLU A 53 -1.10 5.93 3.38
N ILE A 54 -1.29 5.38 2.17
CA ILE A 54 -0.27 5.42 1.12
C ILE A 54 -0.15 6.85 0.51
N SER A 55 -1.29 7.55 0.36
CA SER A 55 -1.32 8.88 -0.32
C SER A 55 -0.52 9.95 0.45
N LYS A 56 -0.56 9.88 1.79
CA LYS A 56 0.19 10.80 2.66
C LYS A 56 1.67 10.39 2.76
N ARG A 57 1.93 9.09 2.62
CA ARG A 57 3.27 8.49 2.80
C ARG A 57 4.11 8.76 1.54
N PHE A 58 3.52 8.38 0.41
CA PHE A 58 3.95 8.72 -0.94
C PHE A 58 2.99 9.80 -1.42
N LYS A 59 3.41 11.06 -1.18
CA LYS A 59 2.73 12.31 -1.66
C LYS A 59 2.22 12.22 -3.13
N SER A 60 1.06 11.56 -3.28
CA SER A 60 0.34 11.37 -4.55
C SER A 60 -1.15 11.26 -4.25
N HIS A 61 -1.97 11.34 -5.32
CA HIS A 61 -3.43 11.22 -5.22
C HIS A 61 -3.82 9.73 -5.12
N THR A 62 -4.89 9.42 -4.37
CA THR A 62 -5.33 8.03 -4.12
C THR A 62 -5.67 7.26 -5.41
N ASP A 63 -6.13 7.99 -6.45
CA ASP A 63 -6.42 7.42 -7.79
C ASP A 63 -5.15 6.89 -8.50
N GLN A 64 -3.98 7.51 -8.20
CA GLN A 64 -2.67 7.12 -8.80
C GLN A 64 -2.18 5.77 -8.22
N LEU A 65 -2.69 5.42 -7.03
CA LEU A 65 -2.22 4.27 -6.24
C LEU A 65 -3.02 3.00 -6.59
N VAL A 66 -2.43 2.07 -7.37
CA VAL A 66 -3.04 0.74 -7.62
C VAL A 66 -2.13 -0.37 -7.08
N LEU A 67 -2.65 -1.16 -6.14
CA LEU A 67 -1.98 -2.36 -5.60
C LEU A 67 -2.23 -3.50 -6.58
N ILE A 68 -1.30 -4.46 -6.66
CA ILE A 68 -1.42 -5.65 -7.53
C ILE A 68 -1.15 -6.89 -6.68
N PHE A 69 -2.05 -7.87 -6.79
CA PHE A 69 -1.97 -9.16 -6.11
C PHE A 69 -3.04 -10.08 -6.73
N ALA A 70 -2.73 -11.39 -6.84
CA ALA A 70 -3.63 -12.43 -7.40
C ALA A 70 -3.94 -12.19 -8.89
N GLY A 71 -3.03 -11.48 -9.59
CA GLY A 71 -3.16 -11.20 -11.03
C GLY A 71 -4.16 -10.09 -11.34
N LYS A 72 -4.52 -9.29 -10.31
CA LYS A 72 -5.51 -8.20 -10.42
C LYS A 72 -5.06 -7.01 -9.56
N ILE A 73 -5.73 -5.86 -9.78
CA ILE A 73 -5.46 -4.63 -9.03
C ILE A 73 -6.41 -4.55 -7.81
N LEU A 74 -5.81 -4.51 -6.61
CA LEU A 74 -6.56 -4.37 -5.35
C LEU A 74 -7.17 -2.97 -5.27
N LYS A 75 -8.50 -2.91 -5.30
CA LYS A 75 -9.27 -1.66 -5.30
C LYS A 75 -10.07 -1.51 -3.99
N ASP A 76 -10.89 -0.45 -3.91
CA ASP A 76 -11.69 -0.10 -2.72
C ASP A 76 -12.64 -1.24 -2.27
N GLN A 77 -13.03 -2.07 -3.25
CA GLN A 77 -13.92 -3.24 -3.04
C GLN A 77 -13.16 -4.42 -2.37
N ASP A 78 -11.83 -4.49 -2.59
CA ASP A 78 -10.94 -5.50 -1.98
C ASP A 78 -10.43 -4.98 -0.63
N THR A 79 -10.01 -5.92 0.24
CA THR A 79 -9.17 -5.60 1.39
C THR A 79 -7.85 -6.38 1.20
N LEU A 80 -6.72 -5.81 1.60
CA LEU A 80 -5.42 -6.50 1.56
C LEU A 80 -5.44 -7.78 2.43
N SER A 81 -6.12 -7.67 3.59
CA SER A 81 -6.27 -8.76 4.57
C SER A 81 -7.08 -9.95 3.99
N GLN A 82 -8.02 -9.63 3.09
CA GLN A 82 -8.86 -10.63 2.35
C GLN A 82 -7.97 -11.49 1.46
N HIS A 83 -6.94 -10.87 0.88
CA HIS A 83 -5.99 -11.50 -0.03
C HIS A 83 -4.81 -12.14 0.73
N GLY A 84 -4.97 -12.30 2.06
CA GLY A 84 -3.98 -13.00 2.90
C GLY A 84 -2.75 -12.16 3.23
N ILE A 85 -2.84 -10.85 2.93
CA ILE A 85 -1.74 -9.92 3.16
C ILE A 85 -1.86 -9.34 4.58
N HIS A 86 -0.94 -9.79 5.45
CA HIS A 86 -0.91 -9.42 6.88
C HIS A 86 0.51 -9.01 7.28
N ASP A 87 0.79 -9.04 8.59
CA ASP A 87 2.12 -8.77 9.16
C ASP A 87 3.19 -9.74 8.60
N GLY A 88 4.17 -9.18 7.86
CA GLY A 88 5.27 -9.97 7.26
C GLY A 88 5.07 -10.24 5.77
N LEU A 89 3.94 -9.80 5.20
CA LEU A 89 3.64 -9.92 3.76
C LEU A 89 3.92 -8.58 3.04
N THR A 90 4.22 -8.67 1.73
CA THR A 90 4.48 -7.50 0.87
C THR A 90 3.38 -7.39 -0.22
N VAL A 91 3.05 -6.15 -0.61
CA VAL A 91 2.16 -5.87 -1.77
C VAL A 91 2.98 -5.14 -2.85
N HIS A 92 2.69 -5.40 -4.13
CA HIS A 92 3.27 -4.61 -5.23
C HIS A 92 2.34 -3.45 -5.59
N LEU A 93 2.73 -2.25 -5.19
CA LEU A 93 2.04 -1.00 -5.54
C LEU A 93 2.75 -0.37 -6.72
N VAL A 94 1.96 0.07 -7.69
CA VAL A 94 2.44 0.83 -8.83
C VAL A 94 1.69 2.16 -8.86
N ILE A 95 2.43 3.24 -8.58
CA ILE A 95 1.93 4.61 -8.68
C ILE A 95 2.41 5.16 -10.02
N LYS A 96 1.49 5.70 -10.85
CA LYS A 96 1.86 6.32 -12.13
C LYS A 96 2.27 7.79 -11.91
N THR A 97 3.36 7.97 -11.14
CA THR A 97 3.98 9.28 -10.87
C THR A 97 5.51 9.14 -11.06
N GLN A 98 6.13 10.18 -11.65
CA GLN A 98 7.56 10.15 -12.06
C GLN A 98 8.43 11.09 -11.17
N ASN A 99 8.04 12.37 -11.07
CA ASN A 99 8.85 13.41 -10.40
C ASN A 99 8.55 13.45 -8.89
N ARG A 100 7.24 13.41 -8.55
CA ARG A 100 6.80 13.31 -7.15
C ARG A 100 6.89 11.85 -6.65
N PRO A 101 7.00 11.62 -5.30
CA PRO A 101 6.88 10.28 -4.69
C PRO A 101 5.45 9.72 -4.86
N PRO A 23 0.98 -10.52 20.46
CA PRO A 23 0.62 -10.44 19.02
C PRO A 23 1.40 -9.30 18.34
N LYS A 24 1.58 -9.41 17.01
CA LYS A 24 2.25 -8.40 16.17
C LYS A 24 1.20 -7.75 15.25
N ILE A 25 1.39 -6.46 14.93
CA ILE A 25 0.55 -5.75 13.96
C ILE A 25 1.12 -6.02 12.55
N MET A 26 0.27 -5.91 11.52
CA MET A 26 0.66 -6.32 10.15
C MET A 26 1.50 -5.22 9.50
N LYS A 27 2.82 -5.47 9.42
CA LYS A 27 3.80 -4.56 8.85
C LYS A 27 3.84 -4.74 7.31
N VAL A 28 3.03 -3.93 6.62
CA VAL A 28 2.89 -3.99 5.15
C VAL A 28 3.85 -2.97 4.52
N THR A 29 4.91 -3.46 3.87
CA THR A 29 5.86 -2.60 3.16
C THR A 29 5.37 -2.37 1.72
N VAL A 30 5.08 -1.11 1.38
CA VAL A 30 4.69 -0.71 0.03
C VAL A 30 5.92 -0.17 -0.69
N LYS A 31 6.37 -0.90 -1.71
CA LYS A 31 7.56 -0.54 -2.49
C LYS A 31 7.11 0.09 -3.81
N THR A 32 7.74 1.22 -4.15
CA THR A 32 7.44 2.01 -5.37
C THR A 32 8.75 2.36 -6.08
N PRO A 33 8.70 2.94 -7.32
CA PRO A 33 9.90 3.54 -7.96
C PRO A 33 10.41 4.80 -7.20
N LYS A 34 9.60 5.28 -6.23
CA LYS A 34 9.98 6.38 -5.33
C LYS A 34 10.87 5.85 -4.19
N GLU A 35 10.27 4.98 -3.36
CA GLU A 35 10.89 4.46 -2.14
C GLU A 35 10.05 3.29 -1.57
N LYS A 36 10.52 2.71 -0.46
CA LYS A 36 9.76 1.74 0.34
C LYS A 36 9.23 2.41 1.61
N GLU A 37 7.92 2.26 1.88
CA GLU A 37 7.27 2.81 3.09
C GLU A 37 6.47 1.69 3.76
N GLU A 38 6.85 1.35 4.99
CA GLU A 38 6.27 0.23 5.74
C GLU A 38 5.19 0.77 6.68
N PHE A 39 3.93 0.45 6.37
CA PHE A 39 2.77 0.81 7.19
C PHE A 39 2.50 -0.31 8.21
N ALA A 40 1.81 0.03 9.30
CA ALA A 40 1.37 -0.92 10.33
C ALA A 40 -0.15 -0.85 10.45
N VAL A 41 -0.82 -1.96 10.11
CA VAL A 41 -2.30 -2.04 10.07
C VAL A 41 -2.77 -3.28 10.84
N PRO A 42 -3.88 -3.21 11.63
CA PRO A 42 -4.35 -4.34 12.49
C PRO A 42 -5.15 -5.42 11.72
N GLU A 43 -4.63 -5.80 10.52
CA GLU A 43 -5.22 -6.80 9.57
C GLU A 43 -6.69 -6.52 9.16
N ASN A 44 -7.26 -5.41 9.61
CA ASN A 44 -8.67 -5.06 9.39
C ASN A 44 -8.76 -3.89 8.40
N SER A 45 -7.72 -3.02 8.45
CA SER A 45 -7.55 -1.91 7.50
C SER A 45 -7.43 -2.46 6.06
N SER A 46 -8.56 -2.46 5.36
CA SER A 46 -8.66 -2.92 3.97
C SER A 46 -7.97 -1.94 3.02
N VAL A 47 -7.86 -2.33 1.74
CA VAL A 47 -7.16 -1.51 0.72
C VAL A 47 -7.81 -0.10 0.59
N GLN A 48 -9.15 -0.04 0.78
CA GLN A 48 -9.92 1.23 0.73
C GLN A 48 -9.46 2.27 1.80
N GLN A 49 -8.94 1.79 2.92
CA GLN A 49 -8.41 2.65 4.02
C GLN A 49 -6.87 2.79 3.88
N PHE A 50 -6.27 1.85 3.17
CA PHE A 50 -4.81 1.68 3.12
C PHE A 50 -4.15 2.68 2.15
N LYS A 51 -4.75 2.83 0.93
CA LYS A 51 -4.21 3.78 -0.08
C LYS A 51 -4.42 5.24 0.36
N GLU A 52 -5.35 5.44 1.30
CA GLU A 52 -5.55 6.72 2.00
C GLU A 52 -4.27 7.13 2.76
N GLU A 53 -3.71 6.15 3.50
CA GLU A 53 -2.47 6.33 4.28
C GLU A 53 -1.26 6.48 3.34
N ILE A 54 -1.30 5.79 2.19
CA ILE A 54 -0.24 5.88 1.17
C ILE A 54 -0.16 7.32 0.58
N SER A 55 -1.34 7.95 0.36
CA SER A 55 -1.47 9.24 -0.34
C SER A 55 -0.63 10.36 0.29
N LYS A 56 -0.65 10.44 1.62
CA LYS A 56 0.04 11.49 2.40
C LYS A 56 1.56 11.23 2.45
N ARG A 57 1.96 9.96 2.30
CA ARG A 57 3.37 9.55 2.39
C ARG A 57 4.10 9.82 1.07
N PHE A 58 3.46 9.48 -0.06
CA PHE A 58 4.06 9.61 -1.41
C PHE A 58 3.63 10.91 -2.12
N LYS A 59 2.77 11.73 -1.44
CA LYS A 59 2.24 13.02 -1.98
C LYS A 59 1.56 12.81 -3.34
N SER A 60 0.82 11.71 -3.45
CA SER A 60 0.14 11.29 -4.69
C SER A 60 -1.30 10.88 -4.35
N HIS A 61 -2.28 11.43 -5.08
CA HIS A 61 -3.73 11.20 -4.82
C HIS A 61 -4.12 9.72 -4.97
N THR A 62 -5.09 9.32 -4.13
CA THR A 62 -5.53 7.91 -3.98
C THR A 62 -6.07 7.30 -5.29
N ASP A 63 -6.59 8.17 -6.17
CA ASP A 63 -7.13 7.78 -7.49
C ASP A 63 -6.04 7.14 -8.37
N GLN A 64 -4.80 7.66 -8.24
CA GLN A 64 -3.64 7.22 -9.04
C GLN A 64 -2.87 6.07 -8.36
N LEU A 65 -3.20 5.80 -7.08
CA LEU A 65 -2.52 4.79 -6.26
C LEU A 65 -3.16 3.40 -6.46
N VAL A 66 -2.70 2.67 -7.48
CA VAL A 66 -3.17 1.30 -7.75
C VAL A 66 -2.12 0.29 -7.21
N LEU A 67 -2.55 -0.48 -6.19
CA LEU A 67 -1.73 -1.57 -5.64
C LEU A 67 -1.88 -2.80 -6.53
N ILE A 68 -0.79 -3.54 -6.70
CA ILE A 68 -0.79 -4.82 -7.41
C ILE A 68 -0.18 -5.87 -6.48
N PHE A 69 -0.85 -7.02 -6.38
CA PHE A 69 -0.38 -8.19 -5.64
C PHE A 69 -1.18 -9.40 -6.13
N ALA A 70 -0.51 -10.57 -6.17
CA ALA A 70 -1.07 -11.83 -6.71
C ALA A 70 -1.29 -11.74 -8.24
N GLY A 71 -0.60 -10.77 -8.87
CA GLY A 71 -0.72 -10.52 -10.31
C GLY A 71 -1.93 -9.66 -10.68
N LYS A 72 -2.69 -9.18 -9.69
CA LYS A 72 -3.95 -8.42 -9.91
C LYS A 72 -3.95 -7.11 -9.10
N ILE A 73 -4.73 -6.12 -9.56
CA ILE A 73 -4.84 -4.80 -8.89
C ILE A 73 -5.78 -4.89 -7.66
N LEU A 74 -5.29 -4.45 -6.50
CA LEU A 74 -6.05 -4.38 -5.25
C LEU A 74 -6.86 -3.07 -5.23
N LYS A 75 -8.19 -3.20 -5.08
CA LYS A 75 -9.13 -2.07 -5.10
C LYS A 75 -9.86 -1.92 -3.74
N ASP A 76 -10.86 -1.02 -3.71
CA ASP A 76 -11.65 -0.71 -2.50
C ASP A 76 -12.31 -1.94 -1.88
N GLN A 77 -12.86 -2.81 -2.75
CA GLN A 77 -13.55 -4.04 -2.33
C GLN A 77 -12.56 -5.09 -1.77
N ASP A 78 -11.28 -4.94 -2.15
CA ASP A 78 -10.21 -5.87 -1.75
C ASP A 78 -9.68 -5.56 -0.35
N THR A 79 -9.22 -6.62 0.32
CA THR A 79 -8.37 -6.51 1.50
C THR A 79 -6.99 -7.06 1.15
N LEU A 80 -5.94 -6.43 1.71
CA LEU A 80 -4.56 -6.88 1.54
C LEU A 80 -4.38 -8.30 2.14
N SER A 81 -5.01 -8.54 3.29
CA SER A 81 -4.90 -9.79 4.04
C SER A 81 -5.46 -11.01 3.24
N GLN A 82 -6.51 -10.78 2.42
CA GLN A 82 -7.11 -11.84 1.56
C GLN A 82 -6.07 -12.39 0.56
N HIS A 83 -5.17 -11.51 0.09
CA HIS A 83 -4.12 -11.86 -0.91
C HIS A 83 -2.85 -12.40 -0.22
N GLY A 84 -2.96 -12.76 1.07
CA GLY A 84 -1.85 -13.37 1.83
C GLY A 84 -0.78 -12.37 2.23
N ILE A 85 -1.15 -11.08 2.25
CA ILE A 85 -0.25 -10.00 2.66
C ILE A 85 -0.28 -9.89 4.19
N HIS A 86 0.88 -10.06 4.80
CA HIS A 86 1.06 -10.05 6.26
C HIS A 86 2.32 -9.25 6.62
N ASP A 87 2.69 -9.34 7.91
CA ASP A 87 3.95 -8.86 8.46
C ASP A 87 5.15 -9.42 7.65
N GLY A 88 5.86 -8.51 6.94
CA GLY A 88 7.04 -8.88 6.15
C GLY A 88 6.78 -8.89 4.66
N LEU A 89 5.50 -9.04 4.28
CA LEU A 89 5.08 -9.09 2.87
C LEU A 89 5.09 -7.66 2.29
N THR A 90 5.58 -7.56 1.05
CA THR A 90 5.78 -6.29 0.35
C THR A 90 4.80 -6.21 -0.84
N VAL A 91 4.00 -5.14 -0.87
CA VAL A 91 3.02 -4.88 -1.93
C VAL A 91 3.65 -3.97 -2.99
N HIS A 92 3.24 -4.19 -4.24
CA HIS A 92 3.66 -3.38 -5.37
C HIS A 92 2.68 -2.20 -5.48
N LEU A 93 3.20 -1.00 -5.75
CA LEU A 93 2.35 0.17 -6.02
C LEU A 93 2.85 0.88 -7.27
N VAL A 94 1.90 1.18 -8.16
CA VAL A 94 2.15 1.95 -9.38
C VAL A 94 1.33 3.23 -9.30
N ILE A 95 2.02 4.37 -9.43
CA ILE A 95 1.40 5.69 -9.40
C ILE A 95 1.58 6.35 -10.77
N LYS A 96 0.58 7.15 -11.19
CA LYS A 96 0.65 7.95 -12.42
C LYS A 96 1.75 9.05 -12.32
N THR A 97 2.03 9.51 -11.08
CA THR A 97 3.13 10.45 -10.81
C THR A 97 4.48 9.75 -11.06
N GLN A 98 5.20 10.17 -12.11
CA GLN A 98 6.45 9.51 -12.55
C GLN A 98 7.63 9.87 -11.64
N ASN A 99 7.80 11.18 -11.32
CA ASN A 99 8.96 11.70 -10.56
C ASN A 99 8.50 12.54 -9.34
N ARG A 100 7.44 12.08 -8.66
CA ARG A 100 6.97 12.65 -7.38
C ARG A 100 7.39 11.75 -6.20
N PRO A 101 8.53 12.07 -5.49
CA PRO A 101 8.96 11.35 -4.28
C PRO A 101 8.31 11.98 -3.02
N PRO A 23 -2.75 -4.08 22.34
CA PRO A 23 -2.41 -4.80 21.08
C PRO A 23 -1.50 -3.92 20.19
N LYS A 24 -0.78 -4.58 19.27
CA LYS A 24 -0.01 -3.87 18.22
C LYS A 24 -0.93 -3.67 16.99
N ILE A 25 -0.67 -2.58 16.27
CA ILE A 25 -1.34 -2.27 14.99
C ILE A 25 -0.54 -2.92 13.83
N MET A 26 -1.15 -3.09 12.65
CA MET A 26 -0.52 -3.82 11.53
C MET A 26 0.46 -2.89 10.81
N LYS A 27 1.75 -3.12 11.05
CA LYS A 27 2.84 -2.35 10.44
C LYS A 27 3.18 -2.94 9.06
N VAL A 28 2.73 -2.25 8.00
CA VAL A 28 2.82 -2.73 6.62
C VAL A 28 3.88 -1.92 5.84
N THR A 29 4.93 -2.61 5.38
CA THR A 29 5.96 -2.00 4.54
C THR A 29 5.47 -2.00 3.08
N VAL A 30 5.39 -0.83 2.47
CA VAL A 30 4.99 -0.67 1.07
C VAL A 30 6.23 -0.37 0.23
N LYS A 31 6.51 -1.24 -0.74
CA LYS A 31 7.68 -1.13 -1.61
C LYS A 31 7.21 -0.42 -2.91
N THR A 32 7.83 0.74 -3.17
CA THR A 32 7.53 1.59 -4.32
C THR A 32 8.79 1.70 -5.20
N PRO A 33 8.68 2.16 -6.50
CA PRO A 33 9.87 2.38 -7.37
C PRO A 33 10.81 3.52 -6.87
N LYS A 34 10.37 4.25 -5.81
CA LYS A 34 11.15 5.31 -5.15
C LYS A 34 11.97 4.69 -4.00
N GLU A 35 11.24 4.04 -3.08
CA GLU A 35 11.79 3.48 -1.83
C GLU A 35 10.71 2.61 -1.15
N LYS A 36 10.97 2.11 0.06
CA LYS A 36 9.95 1.43 0.88
C LYS A 36 9.63 2.28 2.13
N GLU A 37 8.40 2.15 2.65
CA GLU A 37 7.92 2.90 3.82
C GLU A 37 6.87 2.08 4.60
N GLU A 38 6.95 2.11 5.94
CA GLU A 38 6.08 1.30 6.80
C GLU A 38 4.96 2.18 7.35
N PHE A 39 3.71 1.74 7.12
CA PHE A 39 2.48 2.40 7.56
C PHE A 39 1.85 1.59 8.69
N ALA A 40 0.89 2.20 9.40
CA ALA A 40 0.16 1.56 10.50
C ALA A 40 -1.34 1.60 10.21
N VAL A 41 -1.96 0.40 10.10
CA VAL A 41 -3.41 0.25 9.78
C VAL A 41 -4.06 -0.80 10.72
N PRO A 42 -5.30 -0.54 11.26
CA PRO A 42 -5.94 -1.41 12.28
C PRO A 42 -6.63 -2.66 11.69
N GLU A 43 -5.93 -3.33 10.73
CA GLU A 43 -6.44 -4.49 9.89
C GLU A 43 -7.90 -4.33 9.38
N ASN A 44 -8.40 -3.08 9.32
CA ASN A 44 -9.79 -2.77 8.92
C ASN A 44 -9.78 -1.78 7.74
N SER A 45 -8.61 -1.14 7.52
CA SER A 45 -8.40 -0.20 6.42
C SER A 45 -8.49 -0.91 5.06
N SER A 46 -9.33 -0.36 4.18
CA SER A 46 -9.40 -0.75 2.78
C SER A 46 -8.23 -0.13 2.01
N VAL A 47 -8.10 -0.49 0.72
CA VAL A 47 -7.16 0.19 -0.19
C VAL A 47 -7.59 1.65 -0.38
N GLN A 48 -8.92 1.90 -0.31
CA GLN A 48 -9.54 3.25 -0.35
C GLN A 48 -9.04 4.14 0.83
N GLN A 49 -8.73 3.51 1.96
CA GLN A 49 -8.19 4.22 3.14
C GLN A 49 -6.65 4.24 3.11
N PHE A 50 -6.07 3.14 2.62
CA PHE A 50 -4.62 2.87 2.72
C PHE A 50 -3.81 3.75 1.75
N LYS A 51 -4.35 3.96 0.53
CA LYS A 51 -3.66 4.73 -0.53
C LYS A 51 -3.58 6.23 -0.16
N GLU A 52 -4.43 6.66 0.80
CA GLU A 52 -4.43 8.03 1.33
C GLU A 52 -3.23 8.28 2.26
N GLU A 53 -2.93 7.27 3.11
CA GLU A 53 -1.75 7.26 4.00
C GLU A 53 -0.45 7.32 3.18
N ILE A 54 -0.47 6.61 2.07
CA ILE A 54 0.62 6.58 1.10
C ILE A 54 0.76 7.94 0.38
N SER A 55 -0.40 8.52 0.00
CA SER A 55 -0.50 9.79 -0.73
C SER A 55 0.19 10.94 0.02
N LYS A 56 -0.14 11.08 1.30
CA LYS A 56 0.39 12.14 2.17
C LYS A 56 1.86 11.90 2.55
N ARG A 57 2.36 10.67 2.31
CA ARG A 57 3.74 10.30 2.65
C ARG A 57 4.69 10.65 1.49
N PHE A 58 4.48 9.99 0.34
CA PHE A 58 5.32 10.17 -0.87
C PHE A 58 4.94 11.46 -1.64
N LYS A 59 3.86 12.15 -1.16
CA LYS A 59 3.30 13.38 -1.78
C LYS A 59 2.82 13.12 -3.21
N SER A 60 2.42 11.86 -3.44
CA SER A 60 1.99 11.36 -4.75
C SER A 60 0.45 11.26 -4.77
N HIS A 61 -0.15 11.50 -5.94
CA HIS A 61 -1.62 11.50 -6.10
C HIS A 61 -2.22 10.08 -5.89
N THR A 62 -3.28 10.01 -5.05
CA THR A 62 -3.98 8.77 -4.64
C THR A 62 -4.34 7.86 -5.83
N ASP A 63 -4.93 8.45 -6.87
CA ASP A 63 -5.46 7.69 -8.03
C ASP A 63 -4.34 7.15 -8.93
N GLN A 64 -3.16 7.77 -8.84
CA GLN A 64 -1.98 7.38 -9.65
C GLN A 64 -1.20 6.25 -8.97
N LEU A 65 -1.12 6.29 -7.63
CA LEU A 65 -0.48 5.22 -6.86
C LEU A 65 -1.52 4.10 -6.61
N VAL A 66 -1.24 2.90 -7.14
CA VAL A 66 -2.16 1.75 -7.04
C VAL A 66 -1.44 0.60 -6.30
N LEU A 67 -2.18 -0.07 -5.40
CA LEU A 67 -1.65 -1.19 -4.60
C LEU A 67 -1.71 -2.46 -5.44
N ILE A 68 -0.74 -3.35 -5.24
CA ILE A 68 -0.63 -4.65 -5.94
C ILE A 68 -0.19 -5.72 -4.93
N PHE A 69 -0.89 -6.86 -4.95
CA PHE A 69 -0.52 -8.05 -4.19
C PHE A 69 -1.05 -9.27 -4.94
N ALA A 70 -0.31 -10.40 -4.82
CA ALA A 70 -0.54 -11.62 -5.59
C ALA A 70 -0.27 -11.39 -7.10
N GLY A 71 0.46 -10.30 -7.41
CA GLY A 71 0.78 -9.92 -8.78
C GLY A 71 -0.27 -9.02 -9.42
N LYS A 72 -1.46 -8.90 -8.79
CA LYS A 72 -2.62 -8.19 -9.36
C LYS A 72 -2.93 -6.90 -8.56
N ILE A 73 -3.57 -5.92 -9.23
CA ILE A 73 -3.90 -4.61 -8.63
C ILE A 73 -5.06 -4.77 -7.61
N LEU A 74 -4.87 -4.19 -6.41
CA LEU A 74 -5.87 -4.14 -5.36
C LEU A 74 -6.68 -2.85 -5.53
N LYS A 75 -7.99 -3.00 -5.71
CA LYS A 75 -8.91 -1.87 -5.92
C LYS A 75 -9.47 -1.38 -4.58
N ASP A 76 -10.28 -0.30 -4.60
CA ASP A 76 -10.89 0.30 -3.39
C ASP A 76 -11.86 -0.68 -2.69
N GLN A 77 -12.46 -1.58 -3.49
CA GLN A 77 -13.30 -2.70 -2.99
C GLN A 77 -12.47 -3.71 -2.16
N ASP A 78 -11.19 -3.89 -2.58
CA ASP A 78 -10.24 -4.78 -1.92
C ASP A 78 -9.67 -4.08 -0.69
N THR A 79 -9.27 -4.86 0.32
CA THR A 79 -8.49 -4.38 1.46
C THR A 79 -7.19 -5.18 1.49
N LEU A 80 -6.09 -4.52 1.87
CA LEU A 80 -4.77 -5.19 2.00
C LEU A 80 -4.85 -6.38 2.99
N SER A 81 -5.61 -6.19 4.08
CA SER A 81 -5.78 -7.20 5.15
C SER A 81 -6.55 -8.46 4.65
N GLN A 82 -7.49 -8.29 3.69
CA GLN A 82 -8.19 -9.43 3.04
C GLN A 82 -7.31 -10.13 1.98
N HIS A 83 -6.09 -9.63 1.78
CA HIS A 83 -5.05 -10.29 0.95
C HIS A 83 -3.93 -10.87 1.83
N GLY A 84 -4.19 -10.96 3.16
CA GLY A 84 -3.26 -11.55 4.13
C GLY A 84 -2.08 -10.65 4.48
N ILE A 85 -2.22 -9.36 4.17
CA ILE A 85 -1.20 -8.35 4.46
C ILE A 85 -1.46 -7.76 5.84
N HIS A 86 -0.49 -7.93 6.73
CA HIS A 86 -0.56 -7.46 8.13
C HIS A 86 0.84 -7.07 8.59
N ASP A 87 1.03 -6.99 9.93
CA ASP A 87 2.32 -6.66 10.55
C ASP A 87 3.45 -7.59 10.08
N GLY A 88 4.47 -7.01 9.42
CA GLY A 88 5.66 -7.73 8.97
C GLY A 88 5.65 -8.09 7.50
N LEU A 89 4.55 -7.76 6.78
CA LEU A 89 4.40 -8.03 5.33
C LEU A 89 4.76 -6.79 4.50
N THR A 90 4.79 -6.99 3.16
CA THR A 90 5.11 -5.96 2.19
C THR A 90 4.12 -6.01 1.01
N VAL A 91 3.75 -4.81 0.49
CA VAL A 91 2.88 -4.66 -0.70
C VAL A 91 3.71 -4.06 -1.86
N HIS A 92 3.27 -4.30 -3.09
CA HIS A 92 3.87 -3.70 -4.30
C HIS A 92 3.03 -2.48 -4.70
N LEU A 93 3.63 -1.30 -4.73
CA LEU A 93 2.94 -0.06 -5.12
C LEU A 93 3.53 0.49 -6.42
N VAL A 94 2.66 0.77 -7.40
CA VAL A 94 3.06 1.40 -8.67
C VAL A 94 2.51 2.82 -8.69
N ILE A 95 3.42 3.80 -8.56
CA ILE A 95 3.08 5.22 -8.53
C ILE A 95 3.22 5.82 -9.94
N LYS A 96 2.09 6.06 -10.61
CA LYS A 96 2.04 6.53 -12.00
C LYS A 96 2.05 8.08 -12.08
N THR A 97 2.64 8.74 -11.06
CA THR A 97 2.78 10.20 -11.03
C THR A 97 3.97 10.67 -11.88
N GLN A 98 4.09 11.99 -12.01
CA GLN A 98 5.26 12.66 -12.59
C GLN A 98 5.43 14.02 -11.89
N ASN A 99 6.62 14.24 -11.31
CA ASN A 99 7.02 15.52 -10.67
C ASN A 99 6.02 15.93 -9.54
N ARG A 100 6.16 15.27 -8.38
CA ARG A 100 5.37 15.56 -7.17
C ARG A 100 6.30 16.02 -6.03
N PRO A 101 6.48 17.37 -5.82
CA PRO A 101 7.26 17.91 -4.68
C PRO A 101 6.43 17.83 -3.36
N PRO A 23 -2.20 -7.59 22.02
CA PRO A 23 -2.49 -7.18 20.63
C PRO A 23 -1.29 -6.44 20.01
N LYS A 24 -1.08 -6.65 18.70
CA LYS A 24 -0.07 -5.92 17.89
C LYS A 24 -0.78 -5.29 16.69
N ILE A 25 -0.23 -4.18 16.18
CA ILE A 25 -0.77 -3.52 14.98
C ILE A 25 -0.21 -4.24 13.73
N MET A 26 -0.99 -4.25 12.63
CA MET A 26 -0.64 -5.04 11.41
C MET A 26 0.40 -4.27 10.60
N LYS A 27 1.63 -4.81 10.58
CA LYS A 27 2.79 -4.19 9.94
C LYS A 27 2.84 -4.55 8.44
N VAL A 28 2.21 -3.72 7.61
CA VAL A 28 2.13 -3.96 6.16
C VAL A 28 3.27 -3.19 5.45
N THR A 29 4.26 -3.94 4.95
CA THR A 29 5.37 -3.36 4.19
C THR A 29 4.94 -3.22 2.72
N VAL A 30 5.33 -2.11 2.08
CA VAL A 30 5.00 -1.81 0.68
C VAL A 30 6.31 -1.53 -0.11
N LYS A 31 6.50 -2.28 -1.19
CA LYS A 31 7.67 -2.17 -2.06
C LYS A 31 7.29 -1.30 -3.27
N THR A 32 7.99 -0.18 -3.39
CA THR A 32 7.82 0.79 -4.49
C THR A 32 9.02 0.69 -5.45
N PRO A 33 8.95 1.25 -6.69
CA PRO A 33 10.10 1.25 -7.64
C PRO A 33 11.36 1.94 -7.07
N LYS A 34 11.17 2.83 -6.08
CA LYS A 34 12.28 3.55 -5.41
C LYS A 34 12.77 2.73 -4.21
N GLU A 35 11.91 2.59 -3.19
CA GLU A 35 12.29 2.08 -1.85
C GLU A 35 11.31 0.99 -1.35
N LYS A 36 11.43 0.66 -0.06
CA LYS A 36 10.47 -0.19 0.66
C LYS A 36 10.14 0.51 2.00
N GLU A 37 8.83 0.63 2.32
CA GLU A 37 8.34 1.35 3.50
C GLU A 37 7.24 0.55 4.20
N GLU A 38 7.38 0.37 5.52
CA GLU A 38 6.48 -0.44 6.33
C GLU A 38 5.49 0.47 7.07
N PHE A 39 4.21 0.30 6.73
CA PHE A 39 3.08 0.98 7.38
C PHE A 39 2.59 0.15 8.57
N ALA A 40 1.81 0.79 9.45
CA ALA A 40 1.21 0.15 10.63
C ALA A 40 -0.28 0.51 10.67
N VAL A 41 -1.13 -0.48 10.43
CA VAL A 41 -2.60 -0.31 10.30
C VAL A 41 -3.29 -1.31 11.25
N PRO A 42 -4.41 -0.92 11.95
CA PRO A 42 -5.05 -1.76 12.99
C PRO A 42 -5.98 -2.85 12.41
N GLU A 43 -5.47 -3.63 11.42
CA GLU A 43 -6.14 -4.83 10.86
C GLU A 43 -7.50 -4.52 10.17
N ASN A 44 -7.82 -3.22 10.04
CA ASN A 44 -9.14 -2.75 9.59
C ASN A 44 -9.01 -2.08 8.21
N SER A 45 -7.83 -1.48 7.96
CA SER A 45 -7.52 -0.83 6.69
C SER A 45 -7.57 -1.83 5.53
N SER A 46 -8.69 -1.82 4.80
CA SER A 46 -8.82 -2.50 3.51
C SER A 46 -7.88 -1.84 2.49
N VAL A 47 -7.77 -2.41 1.28
CA VAL A 47 -7.02 -1.76 0.17
C VAL A 47 -7.60 -0.35 -0.11
N GLN A 48 -8.94 -0.23 0.04
CA GLN A 48 -9.69 1.03 -0.10
C GLN A 48 -9.23 2.11 0.91
N GLN A 49 -8.88 1.68 2.14
CA GLN A 49 -8.45 2.60 3.22
C GLN A 49 -6.91 2.71 3.29
N PHE A 50 -6.20 1.73 2.72
CA PHE A 50 -4.75 1.59 2.89
C PHE A 50 -3.97 2.51 1.92
N LYS A 51 -4.43 2.59 0.65
CA LYS A 51 -3.77 3.45 -0.37
C LYS A 51 -3.95 4.94 -0.04
N GLU A 52 -4.95 5.23 0.81
CA GLU A 52 -5.18 6.54 1.43
C GLU A 52 -3.97 6.92 2.31
N GLU A 53 -3.51 5.96 3.13
CA GLU A 53 -2.40 6.15 4.08
C GLU A 53 -1.03 6.10 3.37
N ILE A 54 -0.99 5.48 2.19
CA ILE A 54 0.21 5.52 1.32
C ILE A 54 0.37 6.91 0.68
N SER A 55 -0.78 7.58 0.45
CA SER A 55 -0.83 8.90 -0.23
C SER A 55 0.00 9.97 0.50
N LYS A 56 0.01 9.95 1.85
CA LYS A 56 0.78 10.92 2.67
C LYS A 56 2.30 10.63 2.58
N ARG A 57 2.63 9.33 2.50
CA ARG A 57 4.00 8.83 2.65
C ARG A 57 4.89 9.25 1.47
N PHE A 58 4.38 9.04 0.25
CA PHE A 58 5.08 9.38 -1.00
C PHE A 58 4.52 10.68 -1.60
N LYS A 59 3.60 11.34 -0.82
CA LYS A 59 2.98 12.66 -1.13
C LYS A 59 2.28 12.67 -2.51
N SER A 60 1.92 11.48 -2.99
CA SER A 60 1.28 11.29 -4.30
C SER A 60 -0.19 10.94 -4.08
N HIS A 61 -1.03 11.21 -5.09
CA HIS A 61 -2.48 11.01 -4.98
C HIS A 61 -2.83 9.51 -5.05
N THR A 62 -3.93 9.13 -4.38
CA THR A 62 -4.39 7.72 -4.27
C THR A 62 -4.71 7.11 -5.65
N ASP A 63 -5.22 7.95 -6.56
CA ASP A 63 -5.52 7.56 -7.96
C ASP A 63 -4.24 7.18 -8.72
N GLN A 64 -3.13 7.85 -8.37
CA GLN A 64 -1.85 7.70 -9.06
C GLN A 64 -1.11 6.42 -8.58
N LEU A 65 -1.15 6.15 -7.27
CA LEU A 65 -0.48 4.96 -6.69
C LEU A 65 -1.46 3.77 -6.59
N VAL A 66 -1.08 2.63 -7.18
CA VAL A 66 -1.91 1.41 -7.23
C VAL A 66 -1.13 0.21 -6.67
N LEU A 67 -1.80 -0.61 -5.85
CA LEU A 67 -1.21 -1.82 -5.26
C LEU A 67 -1.36 -3.00 -6.23
N ILE A 68 -0.30 -3.80 -6.34
CA ILE A 68 -0.28 -5.04 -7.14
C ILE A 68 0.11 -6.21 -6.21
N PHE A 69 -0.57 -7.35 -6.38
CA PHE A 69 -0.25 -8.60 -5.67
C PHE A 69 -1.03 -9.77 -6.31
N ALA A 70 -0.39 -10.96 -6.32
CA ALA A 70 -0.98 -12.23 -6.84
C ALA A 70 -1.30 -12.17 -8.36
N GLY A 71 -0.62 -11.26 -9.08
CA GLY A 71 -0.75 -11.15 -10.54
C GLY A 71 -1.86 -10.19 -10.98
N LYS A 72 -2.38 -9.40 -10.04
CA LYS A 72 -3.46 -8.41 -10.32
C LYS A 72 -3.22 -7.15 -9.50
N ILE A 73 -3.94 -6.06 -9.84
CA ILE A 73 -4.00 -4.87 -8.96
C ILE A 73 -5.08 -5.13 -7.89
N LEU A 74 -4.78 -4.73 -6.65
CA LEU A 74 -5.70 -4.89 -5.51
C LEU A 74 -6.85 -3.87 -5.61
N LYS A 75 -8.07 -4.34 -5.33
CA LYS A 75 -9.30 -3.55 -5.54
C LYS A 75 -9.83 -3.03 -4.19
N ASP A 76 -10.78 -2.07 -4.25
CA ASP A 76 -11.35 -1.45 -3.03
C ASP A 76 -12.20 -2.45 -2.23
N GLN A 77 -12.87 -3.39 -2.95
CA GLN A 77 -13.67 -4.47 -2.32
C GLN A 77 -12.78 -5.60 -1.80
N ASP A 78 -11.48 -5.51 -2.13
CA ASP A 78 -10.45 -6.43 -1.63
C ASP A 78 -9.79 -5.82 -0.39
N THR A 79 -9.35 -6.71 0.51
CA THR A 79 -8.53 -6.35 1.67
C THR A 79 -7.14 -6.97 1.48
N LEU A 80 -6.10 -6.28 2.00
CA LEU A 80 -4.71 -6.78 1.92
C LEU A 80 -4.59 -8.16 2.61
N SER A 81 -5.29 -8.32 3.75
CA SER A 81 -5.32 -9.56 4.55
C SER A 81 -6.04 -10.71 3.81
N GLN A 82 -6.93 -10.37 2.85
CA GLN A 82 -7.62 -11.39 1.99
C GLN A 82 -6.61 -12.04 1.04
N HIS A 83 -5.64 -11.25 0.56
CA HIS A 83 -4.51 -11.74 -0.27
C HIS A 83 -3.37 -12.31 0.60
N GLY A 84 -3.60 -12.43 1.92
CA GLY A 84 -2.65 -13.05 2.85
C GLY A 84 -1.59 -12.09 3.37
N ILE A 85 -1.75 -10.80 3.02
CA ILE A 85 -0.81 -9.75 3.41
C ILE A 85 -1.19 -9.24 4.80
N HIS A 86 -0.30 -9.43 5.78
CA HIS A 86 -0.52 -9.00 7.17
C HIS A 86 0.85 -8.61 7.80
N ASP A 87 0.96 -8.79 9.13
CA ASP A 87 2.20 -8.56 9.91
C ASP A 87 3.46 -9.13 9.22
N GLY A 88 4.32 -8.23 8.70
CA GLY A 88 5.61 -8.59 8.10
C GLY A 88 5.59 -8.78 6.59
N LEU A 89 4.39 -8.95 6.01
CA LEU A 89 4.23 -9.22 4.55
C LEU A 89 4.36 -7.92 3.74
N THR A 90 4.66 -8.07 2.43
CA THR A 90 4.97 -6.96 1.53
C THR A 90 4.04 -6.97 0.30
N VAL A 91 3.53 -5.77 -0.06
CA VAL A 91 2.73 -5.52 -1.26
C VAL A 91 3.64 -4.89 -2.33
N HIS A 92 3.22 -4.93 -3.60
CA HIS A 92 3.87 -4.16 -4.68
C HIS A 92 3.10 -2.85 -4.86
N LEU A 93 3.80 -1.77 -5.23
CA LEU A 93 3.19 -0.47 -5.51
C LEU A 93 3.80 0.13 -6.77
N VAL A 94 2.93 0.66 -7.63
CA VAL A 94 3.32 1.37 -8.85
C VAL A 94 2.62 2.74 -8.84
N ILE A 95 3.43 3.80 -8.67
CA ILE A 95 2.92 5.19 -8.58
C ILE A 95 3.09 5.88 -9.94
N LYS A 96 2.08 6.68 -10.31
CA LYS A 96 2.06 7.44 -11.57
C LYS A 96 2.53 8.90 -11.30
N THR A 97 3.82 9.01 -10.93
CA THR A 97 4.55 10.30 -10.81
C THR A 97 6.06 10.00 -10.67
N GLN A 98 6.92 10.99 -10.99
CA GLN A 98 8.39 10.83 -11.01
C GLN A 98 9.09 11.97 -10.21
N ASN A 99 8.53 13.20 -10.28
CA ASN A 99 9.11 14.40 -9.62
C ASN A 99 8.57 14.56 -8.19
N ARG A 100 8.16 13.44 -7.56
CA ARG A 100 7.48 13.46 -6.25
C ARG A 100 8.15 12.45 -5.28
N PRO A 101 9.18 12.89 -4.50
CA PRO A 101 9.79 12.09 -3.43
C PRO A 101 9.07 12.35 -2.08
N PRO A 23 -3.32 -4.90 20.93
CA PRO A 23 -2.49 -5.73 20.02
C PRO A 23 -1.47 -4.86 19.27
N LYS A 24 -0.54 -5.50 18.54
CA LYS A 24 0.38 -4.79 17.65
C LYS A 24 -0.37 -4.38 16.37
N ILE A 25 -0.02 -3.22 15.82
CA ILE A 25 -0.66 -2.69 14.61
C ILE A 25 -0.02 -3.35 13.37
N MET A 26 -0.78 -3.45 12.28
CA MET A 26 -0.36 -4.25 11.10
C MET A 26 0.63 -3.44 10.27
N LYS A 27 1.88 -3.93 10.25
CA LYS A 27 3.00 -3.27 9.59
C LYS A 27 3.03 -3.69 8.12
N VAL A 28 2.34 -2.94 7.25
CA VAL A 28 2.22 -3.28 5.82
C VAL A 28 3.27 -2.50 5.02
N THR A 29 4.30 -3.19 4.54
CA THR A 29 5.36 -2.58 3.74
C THR A 29 4.91 -2.54 2.28
N VAL A 30 5.21 -1.42 1.60
CA VAL A 30 4.85 -1.18 0.21
C VAL A 30 6.11 -0.74 -0.56
N LYS A 31 6.29 -1.31 -1.76
CA LYS A 31 7.50 -1.12 -2.55
C LYS A 31 7.13 -0.39 -3.86
N THR A 32 7.83 0.71 -4.15
CA THR A 32 7.70 1.48 -5.39
C THR A 32 8.98 1.28 -6.23
N PRO A 33 8.95 1.52 -7.57
CA PRO A 33 10.17 1.45 -8.41
C PRO A 33 11.26 2.50 -8.00
N LYS A 34 10.89 3.44 -7.10
CA LYS A 34 11.81 4.47 -6.56
C LYS A 34 12.44 4.04 -5.24
N GLU A 35 11.62 3.49 -4.34
CA GLU A 35 11.99 3.26 -2.92
C GLU A 35 11.05 2.24 -2.27
N LYS A 36 11.10 2.15 -0.93
CA LYS A 36 10.19 1.30 -0.14
C LYS A 36 9.83 2.03 1.18
N GLU A 37 8.59 1.84 1.63
CA GLU A 37 8.07 2.46 2.88
C GLU A 37 7.08 1.51 3.56
N GLU A 38 7.18 1.40 4.89
CA GLU A 38 6.29 0.55 5.70
C GLU A 38 5.26 1.44 6.42
N PHE A 39 4.01 1.01 6.38
CA PHE A 39 2.85 1.71 6.96
C PHE A 39 2.34 0.95 8.20
N ALA A 40 1.55 1.65 9.01
CA ALA A 40 0.95 1.10 10.23
C ALA A 40 -0.56 1.33 10.20
N VAL A 41 -1.31 0.25 9.93
CA VAL A 41 -2.80 0.26 9.81
C VAL A 41 -3.34 -0.88 10.69
N PRO A 42 -4.52 -0.74 11.34
CA PRO A 42 -5.00 -1.72 12.37
C PRO A 42 -5.64 -3.01 11.77
N GLU A 43 -5.09 -3.46 10.60
CA GLU A 43 -5.56 -4.62 9.79
C GLU A 43 -7.08 -4.61 9.48
N ASN A 44 -7.73 -3.46 9.71
CA ASN A 44 -9.15 -3.24 9.40
C ASN A 44 -9.27 -2.22 8.25
N SER A 45 -8.20 -1.39 8.08
CA SER A 45 -8.09 -0.48 6.94
C SER A 45 -8.01 -1.29 5.62
N SER A 46 -9.09 -1.19 4.83
CA SER A 46 -9.16 -1.75 3.46
C SER A 46 -8.17 -1.01 2.55
N VAL A 47 -7.95 -1.54 1.33
CA VAL A 47 -7.09 -0.87 0.33
C VAL A 47 -7.65 0.53 -0.02
N GLN A 48 -9.01 0.65 0.05
CA GLN A 48 -9.74 1.92 -0.13
C GLN A 48 -9.28 3.00 0.88
N GLN A 49 -8.95 2.58 2.10
CA GLN A 49 -8.45 3.48 3.17
C GLN A 49 -6.91 3.47 3.25
N PHE A 50 -6.28 2.47 2.61
CA PHE A 50 -4.83 2.23 2.72
C PHE A 50 -4.03 3.09 1.73
N LYS A 51 -4.53 3.26 0.49
CA LYS A 51 -3.84 4.13 -0.51
C LYS A 51 -3.95 5.62 -0.09
N GLU A 52 -4.90 5.90 0.83
CA GLU A 52 -5.03 7.18 1.52
C GLU A 52 -3.85 7.43 2.49
N GLU A 53 -3.42 6.35 3.18
CA GLU A 53 -2.23 6.36 4.07
C GLU A 53 -0.95 6.53 3.25
N ILE A 54 -0.97 5.96 2.04
CA ILE A 54 0.15 6.03 1.09
C ILE A 54 0.31 7.45 0.51
N SER A 55 -0.83 8.09 0.15
CA SER A 55 -0.83 9.41 -0.52
C SER A 55 -0.20 10.49 0.38
N LYS A 56 -0.56 10.50 1.67
CA LYS A 56 -0.03 11.50 2.64
C LYS A 56 1.48 11.29 2.88
N ARG A 57 1.93 10.04 2.73
CA ARG A 57 3.32 9.65 2.98
C ARG A 57 4.25 10.12 1.83
N PHE A 58 3.89 9.71 0.61
CA PHE A 58 4.63 10.06 -0.62
C PHE A 58 4.26 11.45 -1.14
N LYS A 59 3.39 12.18 -0.40
CA LYS A 59 3.00 13.58 -0.72
C LYS A 59 2.41 13.66 -2.15
N SER A 60 1.74 12.57 -2.55
CA SER A 60 1.19 12.36 -3.88
C SER A 60 -0.33 12.17 -3.79
N HIS A 61 -1.00 12.14 -4.94
CA HIS A 61 -2.45 11.92 -5.03
C HIS A 61 -2.71 10.42 -5.20
N THR A 62 -3.81 9.94 -4.60
CA THR A 62 -4.26 8.54 -4.71
C THR A 62 -4.60 8.18 -6.17
N ASP A 63 -5.05 9.19 -6.93
CA ASP A 63 -5.31 9.10 -8.37
C ASP A 63 -4.05 8.62 -9.12
N GLN A 64 -2.88 9.11 -8.67
CA GLN A 64 -1.58 8.84 -9.32
C GLN A 64 -0.99 7.48 -8.91
N LEU A 65 -1.33 6.98 -7.71
CA LEU A 65 -0.71 5.76 -7.15
C LEU A 65 -1.72 4.61 -7.02
N VAL A 66 -1.34 3.40 -7.52
CA VAL A 66 -2.19 2.18 -7.53
C VAL A 66 -1.40 0.98 -7.00
N LEU A 67 -2.06 0.18 -6.15
CA LEU A 67 -1.46 -1.02 -5.54
C LEU A 67 -1.69 -2.25 -6.41
N ILE A 68 -0.67 -3.11 -6.49
CA ILE A 68 -0.74 -4.41 -7.18
C ILE A 68 -0.15 -5.47 -6.23
N PHE A 69 -0.83 -6.62 -6.16
CA PHE A 69 -0.38 -7.81 -5.43
C PHE A 69 -1.09 -9.02 -6.03
N ALA A 70 -0.34 -10.16 -6.12
CA ALA A 70 -0.83 -11.43 -6.72
C ALA A 70 -1.05 -11.28 -8.25
N GLY A 71 -0.43 -10.24 -8.84
CA GLY A 71 -0.58 -9.92 -10.26
C GLY A 71 -1.88 -9.19 -10.58
N LYS A 72 -2.67 -8.83 -9.55
CA LYS A 72 -3.94 -8.09 -9.72
C LYS A 72 -3.86 -6.74 -9.00
N ILE A 73 -4.53 -5.73 -9.58
CA ILE A 73 -4.62 -4.39 -8.97
C ILE A 73 -5.62 -4.40 -7.79
N LEU A 74 -5.15 -3.97 -6.62
CA LEU A 74 -5.93 -3.96 -5.37
C LEU A 74 -6.97 -2.81 -5.44
N LYS A 75 -8.24 -3.18 -5.64
CA LYS A 75 -9.36 -2.24 -5.74
C LYS A 75 -9.90 -1.86 -4.34
N ASP A 76 -10.99 -1.07 -4.34
CA ASP A 76 -11.72 -0.69 -3.11
C ASP A 76 -12.49 -1.90 -2.54
N GLN A 77 -12.82 -2.85 -3.44
CA GLN A 77 -13.46 -4.13 -3.08
C GLN A 77 -12.42 -5.12 -2.49
N ASP A 78 -11.14 -4.76 -2.55
CA ASP A 78 -10.02 -5.57 -2.05
C ASP A 78 -9.54 -5.06 -0.69
N THR A 79 -9.15 -5.99 0.19
CA THR A 79 -8.45 -5.70 1.45
C THR A 79 -7.10 -6.41 1.43
N LEU A 80 -6.06 -5.76 1.96
CA LEU A 80 -4.68 -6.29 1.96
C LEU A 80 -4.59 -7.63 2.72
N SER A 81 -5.24 -7.68 3.90
CA SER A 81 -5.21 -8.85 4.81
C SER A 81 -5.86 -10.10 4.17
N GLN A 82 -6.84 -9.90 3.26
CA GLN A 82 -7.50 -11.01 2.51
C GLN A 82 -6.52 -11.67 1.51
N HIS A 83 -5.55 -10.89 1.00
CA HIS A 83 -4.50 -11.40 0.07
C HIS A 83 -3.32 -12.02 0.83
N GLY A 84 -3.45 -12.10 2.18
CA GLY A 84 -2.39 -12.64 3.04
C GLY A 84 -1.27 -11.62 3.27
N ILE A 85 -1.58 -10.34 3.03
CA ILE A 85 -0.64 -9.24 3.26
C ILE A 85 -0.77 -8.77 4.71
N HIS A 86 0.32 -8.90 5.45
CA HIS A 86 0.39 -8.48 6.86
C HIS A 86 1.84 -8.09 7.20
N ASP A 87 2.15 -8.00 8.50
CA ASP A 87 3.51 -7.73 8.98
C ASP A 87 4.48 -8.84 8.52
N GLY A 88 5.55 -8.44 7.82
CA GLY A 88 6.49 -9.35 7.18
C GLY A 88 6.29 -9.50 5.66
N LEU A 89 5.16 -8.96 5.14
CA LEU A 89 4.84 -8.96 3.69
C LEU A 89 5.08 -7.56 3.10
N THR A 90 5.09 -7.51 1.75
CA THR A 90 5.31 -6.28 0.97
C THR A 90 4.41 -6.27 -0.29
N VAL A 91 3.73 -5.13 -0.50
CA VAL A 91 2.86 -4.88 -1.66
C VAL A 91 3.68 -4.12 -2.73
N HIS A 92 3.20 -4.11 -3.97
CA HIS A 92 3.77 -3.27 -5.04
C HIS A 92 2.89 -2.03 -5.25
N LEU A 93 3.54 -0.92 -5.65
CA LEU A 93 2.86 0.37 -5.90
C LEU A 93 3.50 1.05 -7.10
N VAL A 94 2.65 1.57 -8.00
CA VAL A 94 3.06 2.38 -9.15
C VAL A 94 2.52 3.81 -8.94
N ILE A 95 3.41 4.79 -8.84
CA ILE A 95 3.02 6.22 -8.72
C ILE A 95 3.27 6.91 -10.06
N LYS A 96 2.37 7.84 -10.44
CA LYS A 96 2.47 8.63 -11.69
C LYS A 96 2.89 10.08 -11.43
N THR A 97 3.79 10.30 -10.45
CA THR A 97 4.45 11.60 -10.23
C THR A 97 5.76 11.66 -11.04
N GLN A 98 6.10 12.86 -11.55
CA GLN A 98 7.38 13.09 -12.23
C GLN A 98 8.54 13.05 -11.20
N ASN A 99 8.40 13.83 -10.12
CA ASN A 99 9.34 13.88 -8.99
C ASN A 99 8.51 14.20 -7.74
N ARG A 100 8.15 13.18 -6.95
CA ARG A 100 7.32 13.38 -5.74
C ARG A 100 8.17 14.10 -4.65
N PRO A 101 7.59 15.11 -3.92
CA PRO A 101 8.31 15.76 -2.80
C PRO A 101 8.58 14.76 -1.65
N PRO A 23 0.10 -6.70 22.52
CA PRO A 23 -0.68 -6.69 21.27
C PRO A 23 -0.07 -5.66 20.29
N LYS A 24 0.74 -6.14 19.34
CA LYS A 24 1.34 -5.30 18.29
C LYS A 24 0.36 -5.18 17.10
N ILE A 25 0.46 -4.05 16.39
CA ILE A 25 -0.34 -3.78 15.18
C ILE A 25 0.39 -4.41 13.95
N MET A 26 -0.34 -4.63 12.85
CA MET A 26 0.19 -5.34 11.67
C MET A 26 0.99 -4.37 10.79
N LYS A 27 2.31 -4.57 10.73
CA LYS A 27 3.25 -3.67 10.04
C LYS A 27 3.43 -4.12 8.57
N VAL A 28 2.67 -3.48 7.68
CA VAL A 28 2.66 -3.78 6.24
C VAL A 28 3.63 -2.84 5.50
N THR A 29 4.73 -3.41 5.00
CA THR A 29 5.74 -2.67 4.23
C THR A 29 5.29 -2.56 2.77
N VAL A 30 5.51 -1.40 2.15
CA VAL A 30 5.23 -1.14 0.74
C VAL A 30 6.54 -0.75 0.02
N LYS A 31 6.73 -1.26 -1.19
CA LYS A 31 7.92 -1.00 -2.00
C LYS A 31 7.48 -0.55 -3.40
N THR A 32 8.14 0.50 -3.91
CA THR A 32 7.89 1.10 -5.22
C THR A 32 9.20 1.15 -6.02
N PRO A 33 9.15 1.34 -7.38
CA PRO A 33 10.36 1.58 -8.20
C PRO A 33 11.03 2.96 -7.91
N LYS A 34 10.49 3.71 -6.93
CA LYS A 34 11.08 4.97 -6.44
C LYS A 34 11.83 4.71 -5.11
N GLU A 35 11.08 4.19 -4.13
CA GLU A 35 11.49 4.14 -2.71
C GLU A 35 10.69 3.07 -1.95
N LYS A 36 10.70 3.11 -0.60
CA LYS A 36 9.90 2.20 0.26
C LYS A 36 9.39 2.94 1.51
N GLU A 37 8.28 2.45 2.08
CA GLU A 37 7.67 2.98 3.32
C GLU A 37 6.77 1.91 3.96
N GLU A 38 6.82 1.80 5.30
CA GLU A 38 6.05 0.82 6.07
C GLU A 38 4.89 1.52 6.78
N PHE A 39 3.76 0.83 6.88
CA PHE A 39 2.53 1.34 7.51
C PHE A 39 2.08 0.41 8.62
N ALA A 40 1.24 0.93 9.51
CA ALA A 40 0.78 0.22 10.70
C ALA A 40 -0.74 0.16 10.70
N VAL A 41 -1.29 -0.95 10.20
CA VAL A 41 -2.73 -1.14 10.04
C VAL A 41 -3.22 -2.21 11.02
N PRO A 42 -4.42 -2.06 11.66
CA PRO A 42 -4.94 -3.04 12.65
C PRO A 42 -5.58 -4.27 11.96
N GLU A 43 -4.79 -4.88 11.04
CA GLU A 43 -5.11 -6.08 10.19
C GLU A 43 -6.42 -6.00 9.37
N ASN A 44 -7.17 -4.88 9.49
CA ASN A 44 -8.51 -4.75 8.90
C ASN A 44 -8.44 -3.80 7.69
N SER A 45 -7.59 -2.75 7.79
CA SER A 45 -7.51 -1.67 6.80
C SER A 45 -7.30 -2.21 5.37
N SER A 46 -8.37 -2.15 4.58
CA SER A 46 -8.38 -2.55 3.16
C SER A 46 -7.57 -1.56 2.33
N VAL A 47 -7.32 -1.89 1.05
CA VAL A 47 -6.52 -1.05 0.15
C VAL A 47 -7.11 0.39 0.02
N GLN A 48 -8.45 0.48 0.16
CA GLN A 48 -9.20 1.75 0.23
C GLN A 48 -8.63 2.69 1.34
N GLN A 49 -8.50 2.19 2.58
CA GLN A 49 -7.96 2.98 3.72
C GLN A 49 -6.42 2.99 3.72
N PHE A 50 -5.82 2.00 3.07
CA PHE A 50 -4.37 1.76 3.11
C PHE A 50 -3.61 2.74 2.20
N LYS A 51 -4.12 2.95 0.97
CA LYS A 51 -3.48 3.83 -0.03
C LYS A 51 -3.64 5.32 0.37
N GLU A 52 -4.58 5.58 1.30
CA GLU A 52 -4.72 6.89 1.99
C GLU A 52 -3.42 7.23 2.74
N GLU A 53 -2.92 6.24 3.48
CA GLU A 53 -1.69 6.38 4.29
C GLU A 53 -0.45 6.46 3.39
N ILE A 54 -0.53 5.74 2.25
CA ILE A 54 0.50 5.76 1.21
C ILE A 54 0.67 7.17 0.59
N SER A 55 -0.48 7.82 0.29
CA SER A 55 -0.51 9.07 -0.52
C SER A 55 0.27 10.23 0.12
N LYS A 56 0.14 10.37 1.45
CA LYS A 56 0.80 11.44 2.22
C LYS A 56 2.31 11.18 2.42
N ARG A 57 2.72 9.89 2.35
CA ARG A 57 4.13 9.49 2.52
C ARG A 57 4.91 9.61 1.20
N PHE A 58 4.42 8.93 0.16
CA PHE A 58 5.04 8.95 -1.18
C PHE A 58 4.73 10.26 -1.92
N LYS A 59 3.90 11.16 -1.31
CA LYS A 59 3.55 12.50 -1.85
C LYS A 59 2.87 12.38 -3.24
N SER A 60 2.23 11.24 -3.42
CA SER A 60 1.57 10.85 -4.66
C SER A 60 0.18 10.38 -4.27
N HIS A 61 -0.83 11.17 -4.66
CA HIS A 61 -2.21 11.05 -4.16
C HIS A 61 -2.87 9.75 -4.65
N THR A 62 -4.00 9.40 -4.00
CA THR A 62 -4.63 8.07 -4.13
C THR A 62 -5.06 7.69 -5.56
N ASP A 63 -5.26 8.72 -6.41
CA ASP A 63 -5.57 8.56 -7.84
C ASP A 63 -4.39 7.88 -8.59
N GLN A 64 -3.16 8.26 -8.21
CA GLN A 64 -1.91 7.80 -8.85
C GLN A 64 -1.51 6.37 -8.41
N LEU A 65 -2.10 5.90 -7.31
CA LEU A 65 -1.66 4.67 -6.61
C LEU A 65 -2.47 3.43 -7.03
N VAL A 66 -1.76 2.40 -7.54
CA VAL A 66 -2.31 1.05 -7.71
C VAL A 66 -1.32 0.04 -7.08
N LEU A 67 -1.80 -0.77 -6.12
CA LEU A 67 -1.01 -1.85 -5.54
C LEU A 67 -1.07 -3.06 -6.46
N ILE A 68 -0.06 -3.94 -6.36
CA ILE A 68 0.03 -5.17 -7.15
C ILE A 68 0.39 -6.33 -6.21
N PHE A 69 -0.35 -7.44 -6.36
CA PHE A 69 -0.07 -8.72 -5.69
C PHE A 69 -0.96 -9.81 -6.33
N ALA A 70 -0.49 -11.07 -6.30
CA ALA A 70 -1.20 -12.25 -6.86
C ALA A 70 -1.28 -12.20 -8.41
N GLY A 71 -0.46 -11.32 -9.03
CA GLY A 71 -0.47 -11.12 -10.48
C GLY A 71 -1.54 -10.13 -10.95
N LYS A 72 -2.26 -9.50 -9.99
CA LYS A 72 -3.35 -8.55 -10.27
C LYS A 72 -3.14 -7.26 -9.47
N ILE A 73 -3.88 -6.20 -9.84
CA ILE A 73 -3.83 -4.90 -9.14
C ILE A 73 -4.84 -4.87 -7.98
N LEU A 74 -4.34 -4.54 -6.79
CA LEU A 74 -5.16 -4.38 -5.58
C LEU A 74 -5.81 -2.98 -5.60
N LYS A 75 -7.14 -2.95 -5.77
CA LYS A 75 -7.93 -1.72 -5.78
C LYS A 75 -8.70 -1.57 -4.46
N ASP A 76 -9.57 -0.54 -4.38
CA ASP A 76 -10.41 -0.27 -3.18
C ASP A 76 -11.43 -1.41 -2.91
N GLN A 77 -11.67 -2.27 -3.92
CA GLN A 77 -12.46 -3.51 -3.79
C GLN A 77 -11.69 -4.58 -2.96
N ASP A 78 -10.36 -4.60 -3.09
CA ASP A 78 -9.47 -5.60 -2.46
C ASP A 78 -9.02 -5.15 -1.06
N THR A 79 -8.55 -6.12 -0.26
CA THR A 79 -7.83 -5.85 1.00
C THR A 79 -6.43 -6.49 0.89
N LEU A 80 -5.46 -5.98 1.68
CA LEU A 80 -4.10 -6.54 1.73
C LEU A 80 -4.10 -7.95 2.37
N SER A 81 -4.89 -8.08 3.45
CA SER A 81 -5.00 -9.33 4.23
C SER A 81 -5.68 -10.45 3.40
N GLN A 82 -6.53 -10.06 2.43
CA GLN A 82 -7.18 -10.98 1.46
C GLN A 82 -6.12 -11.75 0.65
N HIS A 83 -5.02 -11.04 0.31
CA HIS A 83 -3.92 -11.57 -0.51
C HIS A 83 -2.77 -12.10 0.36
N GLY A 84 -3.04 -12.26 1.67
CA GLY A 84 -2.10 -12.86 2.62
C GLY A 84 -0.99 -11.92 3.07
N ILE A 85 -1.12 -10.64 2.70
CA ILE A 85 -0.14 -9.61 3.05
C ILE A 85 -0.39 -9.18 4.51
N HIS A 86 0.54 -9.56 5.38
CA HIS A 86 0.45 -9.35 6.82
C HIS A 86 1.77 -8.76 7.34
N ASP A 87 1.97 -8.77 8.66
CA ASP A 87 3.22 -8.33 9.29
C ASP A 87 4.40 -9.21 8.83
N GLY A 88 5.43 -8.57 8.25
CA GLY A 88 6.59 -9.29 7.71
C GLY A 88 6.54 -9.45 6.20
N LEU A 89 5.39 -9.12 5.59
CA LEU A 89 5.22 -9.12 4.12
C LEU A 89 5.33 -7.68 3.57
N THR A 90 5.52 -7.60 2.25
CA THR A 90 5.65 -6.33 1.50
C THR A 90 4.68 -6.35 0.29
N VAL A 91 4.05 -5.20 0.00
CA VAL A 91 3.21 -5.01 -1.19
C VAL A 91 4.04 -4.38 -2.30
N HIS A 92 3.67 -4.66 -3.54
CA HIS A 92 4.19 -3.96 -4.72
C HIS A 92 3.29 -2.75 -4.97
N LEU A 93 3.87 -1.60 -5.30
CA LEU A 93 3.09 -0.40 -5.64
C LEU A 93 3.73 0.27 -6.86
N VAL A 94 2.86 0.62 -7.81
CA VAL A 94 3.25 1.38 -8.99
C VAL A 94 2.48 2.70 -8.98
N ILE A 95 3.24 3.79 -8.95
CA ILE A 95 2.72 5.14 -8.90
C ILE A 95 2.82 5.77 -10.28
N LYS A 96 1.77 6.49 -10.71
CA LYS A 96 1.78 7.20 -11.98
C LYS A 96 2.21 8.66 -11.76
N THR A 97 3.46 8.82 -11.29
CA THR A 97 4.13 10.12 -11.15
C THR A 97 5.56 10.02 -11.73
N GLN A 98 5.94 10.99 -12.58
CA GLN A 98 7.31 11.10 -13.10
C GLN A 98 8.27 11.49 -11.97
N ASN A 99 7.77 12.37 -11.09
CA ASN A 99 8.45 12.76 -9.85
C ASN A 99 7.36 13.10 -8.83
N ARG A 100 7.72 13.05 -7.55
CA ARG A 100 6.81 13.42 -6.46
C ARG A 100 7.45 14.57 -5.65
N PRO A 101 6.63 15.46 -5.00
CA PRO A 101 7.16 16.54 -4.13
C PRO A 101 7.84 16.00 -2.82
N PRO A 23 -1.70 -8.94 20.96
CA PRO A 23 -1.75 -9.01 19.48
C PRO A 23 -0.82 -7.95 18.86
N LYS A 24 0.00 -8.38 17.88
CA LYS A 24 0.86 -7.49 17.10
C LYS A 24 0.03 -6.73 16.04
N ILE A 25 0.49 -5.52 15.68
CA ILE A 25 -0.08 -4.75 14.58
C ILE A 25 0.60 -5.21 13.27
N MET A 26 -0.08 -5.08 12.12
CA MET A 26 0.41 -5.66 10.85
C MET A 26 1.48 -4.74 10.25
N LYS A 27 2.74 -5.17 10.35
CA LYS A 27 3.90 -4.46 9.82
C LYS A 27 4.06 -4.78 8.33
N VAL A 28 3.39 -4.00 7.49
CA VAL A 28 3.31 -4.26 6.05
C VAL A 28 4.30 -3.37 5.30
N THR A 29 5.32 -3.99 4.71
CA THR A 29 6.31 -3.29 3.90
C THR A 29 5.77 -3.09 2.48
N VAL A 30 6.00 -1.91 1.91
CA VAL A 30 5.51 -1.55 0.58
C VAL A 30 6.69 -1.11 -0.28
N LYS A 31 6.95 -1.86 -1.37
CA LYS A 31 8.07 -1.61 -2.28
C LYS A 31 7.54 -0.79 -3.47
N THR A 32 8.28 0.27 -3.81
CA THR A 32 7.94 1.22 -4.88
C THR A 32 9.13 1.35 -5.84
N PRO A 33 8.96 1.95 -7.06
CA PRO A 33 10.09 2.15 -8.02
C PRO A 33 11.08 3.28 -7.60
N LYS A 34 11.04 3.71 -6.31
CA LYS A 34 11.99 4.72 -5.77
C LYS A 34 12.56 4.27 -4.40
N GLU A 35 11.76 3.55 -3.60
CA GLU A 35 12.13 3.22 -2.20
C GLU A 35 11.18 2.15 -1.61
N LYS A 36 11.13 2.03 -0.27
CA LYS A 36 10.11 1.26 0.44
C LYS A 36 9.82 1.87 1.82
N GLU A 37 8.65 1.52 2.38
CA GLU A 37 8.25 1.91 3.75
C GLU A 37 7.34 0.82 4.34
N GLU A 38 7.58 0.47 5.62
CA GLU A 38 6.77 -0.49 6.36
C GLU A 38 5.76 0.27 7.23
N PHE A 39 4.49 0.16 6.87
CA PHE A 39 3.38 0.77 7.61
C PHE A 39 2.89 -0.18 8.72
N ALA A 40 2.15 0.34 9.69
CA ALA A 40 1.55 -0.44 10.78
C ALA A 40 0.03 -0.21 10.77
N VAL A 41 -0.72 -1.28 10.47
CA VAL A 41 -2.18 -1.23 10.31
C VAL A 41 -2.84 -2.34 11.18
N PRO A 42 -3.91 -2.01 11.96
CA PRO A 42 -4.47 -2.93 13.00
C PRO A 42 -5.38 -4.05 12.45
N GLU A 43 -4.84 -4.84 11.47
CA GLU A 43 -5.43 -6.07 10.87
C GLU A 43 -6.89 -5.93 10.37
N ASN A 44 -7.38 -4.69 10.29
CA ASN A 44 -8.76 -4.40 9.86
C ASN A 44 -8.72 -3.40 8.69
N SER A 45 -7.67 -2.55 8.67
CA SER A 45 -7.46 -1.57 7.59
C SER A 45 -7.37 -2.27 6.22
N SER A 46 -8.31 -1.93 5.33
CA SER A 46 -8.35 -2.43 3.96
C SER A 46 -7.35 -1.67 3.08
N VAL A 47 -7.24 -2.08 1.80
CA VAL A 47 -6.44 -1.33 0.80
C VAL A 47 -7.02 0.09 0.63
N GLN A 48 -8.35 0.22 0.85
CA GLN A 48 -9.09 1.50 0.81
C GLN A 48 -8.53 2.53 1.82
N GLN A 49 -8.07 2.06 2.99
CA GLN A 49 -7.43 2.94 4.02
C GLN A 49 -5.90 2.88 3.92
N PHE A 50 -5.37 1.81 3.33
CA PHE A 50 -3.93 1.53 3.32
C PHE A 50 -3.18 2.49 2.36
N LYS A 51 -3.76 2.73 1.16
CA LYS A 51 -3.16 3.62 0.15
C LYS A 51 -3.25 5.11 0.60
N GLU A 52 -4.12 5.39 1.58
CA GLU A 52 -4.21 6.70 2.25
C GLU A 52 -2.94 6.94 3.10
N GLU A 53 -2.56 5.88 3.86
CA GLU A 53 -1.34 5.86 4.71
C GLU A 53 -0.08 6.01 3.85
N ILE A 54 -0.15 5.42 2.65
CA ILE A 54 0.91 5.51 1.64
C ILE A 54 1.06 6.95 1.13
N SER A 55 -0.05 7.54 0.66
CA SER A 55 -0.04 8.81 -0.08
C SER A 55 0.46 9.99 0.77
N LYS A 56 0.16 9.94 2.09
CA LYS A 56 0.59 10.98 3.05
C LYS A 56 2.10 10.87 3.37
N ARG A 57 2.64 9.64 3.24
CA ARG A 57 4.07 9.35 3.50
C ARG A 57 4.91 9.80 2.29
N PHE A 58 4.51 9.33 1.10
CA PHE A 58 5.22 9.61 -0.16
C PHE A 58 4.93 11.04 -0.68
N LYS A 59 3.88 11.68 -0.09
CA LYS A 59 3.40 13.04 -0.49
C LYS A 59 2.79 13.04 -1.89
N SER A 60 2.44 11.86 -2.39
CA SER A 60 1.78 11.66 -3.68
C SER A 60 0.25 11.60 -3.49
N HIS A 61 -0.46 11.31 -4.58
CA HIS A 61 -1.92 11.25 -4.62
C HIS A 61 -2.36 9.79 -4.79
N THR A 62 -3.47 9.41 -4.12
CA THR A 62 -4.02 8.03 -4.19
C THR A 62 -4.50 7.69 -5.63
N ASP A 63 -4.91 8.75 -6.36
CA ASP A 63 -5.41 8.64 -7.75
C ASP A 63 -4.33 8.10 -8.72
N GLN A 64 -3.04 8.32 -8.43
CA GLN A 64 -1.94 7.91 -9.34
C GLN A 64 -1.23 6.61 -8.89
N LEU A 65 -1.57 6.10 -7.69
CA LEU A 65 -0.90 4.91 -7.13
C LEU A 65 -1.87 3.74 -6.90
N VAL A 66 -1.38 2.52 -7.16
CA VAL A 66 -2.11 1.25 -6.98
C VAL A 66 -1.18 0.18 -6.41
N LEU A 67 -1.71 -0.65 -5.50
CA LEU A 67 -1.00 -1.82 -4.98
C LEU A 67 -1.14 -2.97 -5.98
N ILE A 68 -0.13 -3.86 -6.02
CA ILE A 68 -0.14 -5.08 -6.84
C ILE A 68 0.32 -6.26 -5.97
N PHE A 69 -0.43 -7.36 -6.05
CA PHE A 69 -0.09 -8.64 -5.42
C PHE A 69 -0.72 -9.76 -6.26
N ALA A 70 0.04 -10.86 -6.45
CA ALA A 70 -0.37 -12.04 -7.25
C ALA A 70 -0.56 -11.67 -8.74
N GLY A 71 0.03 -10.53 -9.15
CA GLY A 71 -0.07 -10.03 -10.53
C GLY A 71 -1.21 -9.03 -10.72
N LYS A 72 -2.22 -9.05 -9.81
CA LYS A 72 -3.42 -8.22 -9.93
C LYS A 72 -3.32 -6.97 -9.02
N ILE A 73 -3.90 -5.87 -9.50
CA ILE A 73 -4.02 -4.61 -8.73
C ILE A 73 -5.04 -4.78 -7.58
N LEU A 74 -4.64 -4.34 -6.37
CA LEU A 74 -5.49 -4.35 -5.19
C LEU A 74 -6.33 -3.05 -5.17
N LYS A 75 -7.64 -3.19 -5.36
CA LYS A 75 -8.60 -2.07 -5.33
C LYS A 75 -9.12 -1.85 -3.90
N ASP A 76 -10.04 -0.88 -3.74
CA ASP A 76 -10.59 -0.52 -2.41
C ASP A 76 -11.50 -1.62 -1.85
N GLN A 77 -12.05 -2.44 -2.76
CA GLN A 77 -12.89 -3.61 -2.42
C GLN A 77 -12.04 -4.77 -1.84
N ASP A 78 -10.72 -4.69 -2.06
CA ASP A 78 -9.74 -5.67 -1.55
C ASP A 78 -9.18 -5.20 -0.21
N THR A 79 -8.82 -6.16 0.66
CA THR A 79 -8.02 -5.91 1.87
C THR A 79 -6.70 -6.70 1.72
N LEU A 80 -5.60 -6.12 2.19
CA LEU A 80 -4.28 -6.76 2.17
C LEU A 80 -4.29 -8.15 2.85
N SER A 81 -4.95 -8.24 4.01
CA SER A 81 -4.97 -9.46 4.85
C SER A 81 -5.76 -10.62 4.21
N GLN A 82 -6.79 -10.32 3.37
CA GLN A 82 -7.51 -11.35 2.58
C GLN A 82 -6.62 -11.92 1.47
N HIS A 83 -5.60 -11.15 1.05
CA HIS A 83 -4.58 -11.58 0.07
C HIS A 83 -3.37 -12.24 0.77
N GLY A 84 -3.49 -12.45 2.09
CA GLY A 84 -2.45 -13.11 2.89
C GLY A 84 -1.28 -12.20 3.24
N ILE A 85 -1.50 -10.89 3.11
CA ILE A 85 -0.50 -9.86 3.40
C ILE A 85 -0.71 -9.32 4.83
N HIS A 86 0.36 -9.35 5.63
CA HIS A 86 0.32 -8.93 7.03
C HIS A 86 1.74 -8.56 7.48
N ASP A 87 2.00 -8.63 8.80
CA ASP A 87 3.33 -8.40 9.38
C ASP A 87 4.41 -9.30 8.73
N GLY A 88 5.46 -8.65 8.17
CA GLY A 88 6.59 -9.35 7.56
C GLY A 88 6.47 -9.50 6.04
N LEU A 89 5.30 -9.19 5.48
CA LEU A 89 5.04 -9.31 4.01
C LEU A 89 5.25 -7.95 3.33
N THR A 90 5.56 -7.99 2.02
CA THR A 90 5.79 -6.80 1.19
C THR A 90 4.84 -6.79 -0.03
N VAL A 91 4.10 -5.69 -0.19
CA VAL A 91 3.23 -5.46 -1.36
C VAL A 91 4.02 -4.65 -2.40
N HIS A 92 3.65 -4.80 -3.68
CA HIS A 92 4.13 -3.90 -4.74
C HIS A 92 3.24 -2.67 -4.82
N LEU A 93 3.82 -1.55 -5.22
CA LEU A 93 3.11 -0.28 -5.40
C LEU A 93 3.73 0.48 -6.56
N VAL A 94 2.89 0.81 -7.56
CA VAL A 94 3.30 1.66 -8.66
C VAL A 94 2.62 3.01 -8.51
N ILE A 95 3.41 4.03 -8.15
CA ILE A 95 2.97 5.41 -8.12
C ILE A 95 3.38 6.05 -9.44
N LYS A 96 2.45 6.73 -10.13
CA LYS A 96 2.72 7.41 -11.41
C LYS A 96 3.31 8.81 -11.13
N THR A 97 4.49 8.82 -10.47
CA THR A 97 5.26 10.04 -10.19
C THR A 97 6.65 9.96 -10.84
N GLN A 98 7.18 11.12 -11.25
CA GLN A 98 8.59 11.27 -11.67
C GLN A 98 9.15 12.63 -11.22
N ASN A 99 8.36 13.35 -10.39
CA ASN A 99 8.76 14.63 -9.78
C ASN A 99 8.98 14.43 -8.27
N ARG A 100 8.15 13.56 -7.67
CA ARG A 100 8.19 13.24 -6.22
C ARG A 100 8.16 11.71 -6.00
N PRO A 101 8.41 11.21 -4.75
CA PRO A 101 8.03 9.83 -4.35
C PRO A 101 6.54 9.49 -4.63
N PRO A 23 -3.40 -7.10 20.50
CA PRO A 23 -2.21 -7.64 19.79
C PRO A 23 -1.31 -6.49 19.31
N LYS A 24 -0.15 -6.86 18.72
CA LYS A 24 0.73 -5.91 18.01
C LYS A 24 0.10 -5.55 16.66
N ILE A 25 0.39 -4.34 16.17
CA ILE A 25 -0.11 -3.84 14.89
C ILE A 25 0.81 -4.35 13.75
N MET A 26 0.24 -4.52 12.53
CA MET A 26 1.01 -5.08 11.41
C MET A 26 1.84 -4.01 10.73
N LYS A 27 3.17 -4.20 10.76
CA LYS A 27 4.14 -3.26 10.21
C LYS A 27 4.36 -3.58 8.72
N VAL A 28 3.56 -2.95 7.86
CA VAL A 28 3.52 -3.27 6.43
C VAL A 28 4.46 -2.35 5.64
N THR A 29 5.48 -2.96 5.04
CA THR A 29 6.45 -2.27 4.21
C THR A 29 5.89 -2.15 2.78
N VAL A 30 6.10 -0.99 2.15
CA VAL A 30 5.64 -0.70 0.79
C VAL A 30 6.82 -0.29 -0.08
N LYS A 31 7.01 -1.00 -1.20
CA LYS A 31 8.14 -0.80 -2.12
C LYS A 31 7.69 0.10 -3.28
N THR A 32 8.48 1.14 -3.53
CA THR A 32 8.33 1.99 -4.73
C THR A 32 9.68 1.96 -5.47
N PRO A 33 9.72 2.36 -6.79
CA PRO A 33 11.00 2.50 -7.54
C PRO A 33 11.98 3.51 -6.91
N LYS A 34 11.48 4.33 -5.97
CA LYS A 34 12.29 5.26 -5.17
C LYS A 34 12.89 4.54 -3.93
N GLU A 35 12.00 4.09 -3.03
CA GLU A 35 12.40 3.56 -1.71
C GLU A 35 11.28 2.71 -1.10
N LYS A 36 11.51 2.18 0.11
CA LYS A 36 10.49 1.42 0.86
C LYS A 36 10.22 2.10 2.22
N GLU A 37 8.93 2.28 2.54
CA GLU A 37 8.47 2.89 3.82
C GLU A 37 7.53 1.93 4.56
N GLU A 38 7.60 1.95 5.90
CA GLU A 38 6.85 1.03 6.78
C GLU A 38 5.63 1.76 7.36
N PHE A 39 4.50 1.07 7.35
CA PHE A 39 3.22 1.58 7.85
C PHE A 39 2.75 0.69 9.01
N ALA A 40 1.79 1.17 9.79
CA ALA A 40 1.22 0.42 10.92
C ALA A 40 -0.31 0.39 10.77
N VAL A 41 -0.86 -0.80 10.45
CA VAL A 41 -2.29 -0.98 10.17
C VAL A 41 -2.84 -2.19 10.99
N PRO A 42 -4.08 -2.08 11.59
CA PRO A 42 -4.63 -3.12 12.53
C PRO A 42 -5.27 -4.33 11.82
N GLU A 43 -4.71 -4.69 10.65
CA GLU A 43 -5.26 -5.71 9.72
C GLU A 43 -6.67 -5.33 9.18
N ASN A 44 -7.16 -4.13 9.53
CA ASN A 44 -8.55 -3.72 9.29
C ASN A 44 -8.59 -2.60 8.24
N SER A 45 -7.45 -1.89 8.08
CA SER A 45 -7.27 -0.92 7.00
C SER A 45 -7.35 -1.63 5.65
N SER A 46 -8.36 -1.29 4.85
CA SER A 46 -8.52 -1.81 3.48
C SER A 46 -7.51 -1.15 2.55
N VAL A 47 -7.34 -1.70 1.34
CA VAL A 47 -6.48 -1.09 0.29
C VAL A 47 -6.96 0.33 -0.04
N GLN A 48 -8.31 0.50 -0.04
CA GLN A 48 -8.98 1.80 -0.23
C GLN A 48 -8.43 2.87 0.74
N GLN A 49 -8.18 2.44 1.98
CA GLN A 49 -7.72 3.32 3.07
C GLN A 49 -6.18 3.35 3.15
N PHE A 50 -5.54 2.28 2.65
CA PHE A 50 -4.10 2.05 2.83
C PHE A 50 -3.27 3.02 1.98
N LYS A 51 -3.67 3.22 0.70
CA LYS A 51 -2.96 4.18 -0.19
C LYS A 51 -3.26 5.64 0.23
N GLU A 52 -4.33 5.83 1.04
CA GLU A 52 -4.63 7.13 1.66
C GLU A 52 -3.67 7.42 2.82
N GLU A 53 -3.19 6.35 3.48
CA GLU A 53 -2.11 6.45 4.50
C GLU A 53 -0.75 6.66 3.81
N ILE A 54 -0.61 6.09 2.59
CA ILE A 54 0.58 6.23 1.75
C ILE A 54 0.71 7.68 1.18
N SER A 55 -0.43 8.34 0.91
CA SER A 55 -0.47 9.64 0.19
C SER A 55 0.34 10.72 0.93
N LYS A 56 0.10 10.83 2.23
CA LYS A 56 0.76 11.79 3.12
C LYS A 56 2.24 11.40 3.40
N ARG A 57 2.56 10.11 3.22
CA ARG A 57 3.91 9.58 3.48
C ARG A 57 4.87 9.94 2.32
N PHE A 58 4.51 9.48 1.10
CA PHE A 58 5.30 9.71 -0.13
C PHE A 58 4.95 11.05 -0.80
N LYS A 59 4.03 11.83 -0.19
CA LYS A 59 3.60 13.17 -0.67
C LYS A 59 2.97 13.10 -2.08
N SER A 60 2.40 11.93 -2.40
CA SER A 60 1.82 11.63 -3.72
C SER A 60 0.30 11.52 -3.62
N HIS A 61 -0.43 11.95 -4.66
CA HIS A 61 -1.90 11.85 -4.69
C HIS A 61 -2.33 10.37 -4.84
N THR A 62 -3.48 9.99 -4.25
CA THR A 62 -3.94 8.59 -4.18
C THR A 62 -4.23 7.96 -5.56
N ASP A 63 -4.50 8.82 -6.57
CA ASP A 63 -4.75 8.36 -7.97
C ASP A 63 -3.44 7.98 -8.69
N GLN A 64 -2.31 8.53 -8.19
CA GLN A 64 -0.95 8.16 -8.64
C GLN A 64 -0.58 6.78 -8.07
N LEU A 65 -1.08 6.53 -6.85
CA LEU A 65 -0.74 5.36 -6.04
C LEU A 65 -1.59 4.15 -6.47
N VAL A 66 -0.96 3.22 -7.22
CA VAL A 66 -1.58 1.93 -7.58
C VAL A 66 -0.78 0.79 -6.93
N LEU A 67 -1.45 0.05 -6.03
CA LEU A 67 -0.87 -1.11 -5.35
C LEU A 67 -1.05 -2.36 -6.22
N ILE A 68 0.04 -3.09 -6.44
CA ILE A 68 0.03 -4.40 -7.10
C ILE A 68 0.51 -5.46 -6.09
N PHE A 69 -0.05 -6.66 -6.16
CA PHE A 69 0.39 -7.83 -5.40
C PHE A 69 -0.15 -9.08 -6.10
N ALA A 70 0.70 -10.14 -6.15
CA ALA A 70 0.36 -11.45 -6.77
C ALA A 70 0.16 -11.33 -8.30
N GLY A 71 0.62 -10.22 -8.90
CA GLY A 71 0.48 -9.97 -10.33
C GLY A 71 -0.88 -9.39 -10.73
N LYS A 72 -1.58 -8.77 -9.77
CA LYS A 72 -2.86 -8.04 -10.02
C LYS A 72 -2.86 -6.73 -9.23
N ILE A 73 -3.71 -5.78 -9.65
CA ILE A 73 -3.84 -4.48 -8.97
C ILE A 73 -4.91 -4.56 -7.86
N LEU A 74 -4.53 -4.14 -6.65
CA LEU A 74 -5.39 -4.14 -5.48
C LEU A 74 -6.41 -2.98 -5.56
N LYS A 75 -7.71 -3.31 -5.57
CA LYS A 75 -8.80 -2.33 -5.65
C LYS A 75 -9.31 -1.97 -4.25
N ASP A 76 -10.33 -1.06 -4.21
CA ASP A 76 -10.97 -0.63 -2.95
C ASP A 76 -11.70 -1.80 -2.26
N GLN A 77 -12.18 -2.76 -3.08
CA GLN A 77 -12.90 -3.96 -2.61
C GLN A 77 -11.97 -4.97 -1.91
N ASP A 78 -10.65 -4.71 -1.97
CA ASP A 78 -9.61 -5.58 -1.42
C ASP A 78 -9.08 -5.05 -0.09
N THR A 79 -8.54 -5.97 0.73
CA THR A 79 -7.68 -5.65 1.87
C THR A 79 -6.32 -6.29 1.61
N LEU A 80 -5.25 -5.59 1.99
CA LEU A 80 -3.87 -6.11 1.93
C LEU A 80 -3.73 -7.39 2.78
N SER A 81 -4.40 -7.39 3.95
CA SER A 81 -4.38 -8.49 4.92
C SER A 81 -4.93 -9.81 4.31
N GLN A 82 -5.98 -9.71 3.45
CA GLN A 82 -6.57 -10.87 2.73
C GLN A 82 -5.55 -11.50 1.76
N HIS A 83 -4.64 -10.68 1.21
CA HIS A 83 -3.59 -11.14 0.27
C HIS A 83 -2.38 -11.76 1.01
N GLY A 84 -2.46 -11.82 2.35
CA GLY A 84 -1.41 -12.40 3.18
C GLY A 84 -0.36 -11.38 3.61
N ILE A 85 -0.62 -10.09 3.31
CA ILE A 85 0.31 -9.00 3.61
C ILE A 85 0.13 -8.56 5.07
N HIS A 86 1.12 -8.91 5.91
CA HIS A 86 1.11 -8.57 7.34
C HIS A 86 2.55 -8.59 7.89
N ASP A 87 2.93 -7.49 8.59
CA ASP A 87 4.14 -7.40 9.45
C ASP A 87 5.43 -8.00 8.84
N GLY A 88 6.27 -7.12 8.28
CA GLY A 88 7.54 -7.53 7.68
C GLY A 88 7.46 -7.76 6.19
N LEU A 89 6.26 -8.18 5.71
CA LEU A 89 6.02 -8.42 4.28
C LEU A 89 5.86 -7.07 3.56
N THR A 90 6.20 -7.06 2.26
CA THR A 90 6.21 -5.86 1.43
C THR A 90 5.07 -5.92 0.37
N VAL A 91 4.57 -4.74 -0.03
CA VAL A 91 3.62 -4.59 -1.15
C VAL A 91 4.36 -3.96 -2.34
N HIS A 92 3.87 -4.17 -3.56
CA HIS A 92 4.36 -3.43 -4.73
C HIS A 92 3.50 -2.16 -4.90
N LEU A 93 4.16 -1.01 -5.01
CA LEU A 93 3.49 0.27 -5.29
C LEU A 93 4.19 0.96 -6.44
N VAL A 94 3.39 1.42 -7.40
CA VAL A 94 3.87 2.23 -8.51
C VAL A 94 3.19 3.59 -8.43
N ILE A 95 3.99 4.63 -8.18
CA ILE A 95 3.50 6.01 -8.14
C ILE A 95 3.61 6.59 -9.54
N LYS A 96 2.53 7.20 -10.04
CA LYS A 96 2.51 7.83 -11.36
C LYS A 96 3.01 9.28 -11.25
N THR A 97 4.30 9.43 -10.86
CA THR A 97 4.98 10.73 -10.81
C THR A 97 6.47 10.54 -11.16
N GLN A 98 7.12 11.61 -11.64
CA GLN A 98 8.57 11.62 -11.90
C GLN A 98 9.35 11.53 -10.56
N ASN A 99 9.02 12.44 -9.63
CA ASN A 99 9.61 12.54 -8.27
C ASN A 99 8.68 13.41 -7.41
N ARG A 100 8.85 13.32 -6.08
CA ARG A 100 8.16 14.22 -5.13
C ARG A 100 9.23 14.97 -4.30
N PRO A 101 9.73 16.15 -4.82
CA PRO A 101 10.73 16.98 -4.10
C PRO A 101 10.08 17.77 -2.91
N PRO A 23 -2.45 -4.80 22.79
CA PRO A 23 -2.05 -5.60 21.61
C PRO A 23 -1.14 -4.78 20.68
N LYS A 24 -0.27 -5.48 19.91
CA LYS A 24 0.57 -4.84 18.89
C LYS A 24 -0.23 -4.65 17.58
N ILE A 25 0.06 -3.55 16.87
CA ILE A 25 -0.63 -3.19 15.61
C ILE A 25 0.05 -3.93 14.42
N MET A 26 -0.65 -4.05 13.28
CA MET A 26 -0.18 -4.83 12.12
C MET A 26 0.79 -4.01 11.26
N LYS A 27 2.06 -4.46 11.23
CA LYS A 27 3.15 -3.75 10.56
C LYS A 27 3.26 -4.22 9.10
N VAL A 28 2.56 -3.54 8.19
CA VAL A 28 2.50 -3.93 6.76
C VAL A 28 3.58 -3.17 5.99
N THR A 29 4.54 -3.92 5.46
CA THR A 29 5.63 -3.39 4.66
C THR A 29 5.17 -3.26 3.19
N VAL A 30 5.54 -2.18 2.50
CA VAL A 30 5.21 -1.94 1.08
C VAL A 30 6.48 -1.57 0.31
N LYS A 31 6.73 -2.32 -0.77
CA LYS A 31 7.86 -2.11 -1.68
C LYS A 31 7.33 -1.28 -2.87
N THR A 32 8.04 -0.19 -3.17
CA THR A 32 7.63 0.83 -4.14
C THR A 32 8.77 1.04 -5.16
N PRO A 33 8.54 1.78 -6.29
CA PRO A 33 9.63 2.14 -7.25
C PRO A 33 10.73 3.01 -6.62
N LYS A 34 10.43 3.59 -5.44
CA LYS A 34 11.28 4.58 -4.75
C LYS A 34 12.13 3.92 -3.65
N GLU A 35 11.49 3.11 -2.80
CA GLU A 35 12.13 2.44 -1.63
C GLU A 35 11.15 1.39 -1.04
N LYS A 36 11.45 0.83 0.14
CA LYS A 36 10.49 -0.03 0.87
C LYS A 36 10.29 0.50 2.29
N GLU A 37 9.02 0.77 2.66
CA GLU A 37 8.65 1.38 3.96
C GLU A 37 7.69 0.47 4.75
N GLU A 38 7.52 0.79 6.04
CA GLU A 38 6.71 0.01 6.99
C GLU A 38 5.57 0.89 7.51
N PHE A 39 4.36 0.32 7.55
CA PHE A 39 3.12 1.05 7.92
C PHE A 39 2.40 0.32 9.06
N ALA A 40 1.71 1.08 9.92
CA ALA A 40 1.03 0.53 11.10
C ALA A 40 -0.50 0.71 10.93
N VAL A 41 -1.21 -0.40 10.73
CA VAL A 41 -2.68 -0.41 10.51
C VAL A 41 -3.33 -1.46 11.43
N PRO A 42 -4.58 -1.24 11.94
CA PRO A 42 -5.24 -2.18 12.88
C PRO A 42 -5.88 -3.41 12.18
N GLU A 43 -5.07 -4.12 11.35
CA GLU A 43 -5.42 -5.36 10.58
C GLU A 43 -6.77 -5.32 9.81
N ASN A 44 -7.35 -4.13 9.69
CA ASN A 44 -8.72 -3.96 9.14
C ASN A 44 -8.77 -2.76 8.18
N SER A 45 -7.66 -2.01 8.08
CA SER A 45 -7.51 -0.98 7.04
C SER A 45 -7.50 -1.66 5.67
N SER A 46 -8.57 -1.47 4.89
CA SER A 46 -8.63 -1.86 3.48
C SER A 46 -7.55 -1.12 2.68
N VAL A 47 -7.24 -1.61 1.48
CA VAL A 47 -6.32 -0.93 0.55
C VAL A 47 -6.80 0.53 0.28
N GLN A 48 -8.14 0.73 0.37
CA GLN A 48 -8.79 2.05 0.38
C GLN A 48 -8.26 2.95 1.52
N GLN A 49 -8.22 2.42 2.74
CA GLN A 49 -7.78 3.15 3.95
C GLN A 49 -6.24 3.21 4.04
N PHE A 50 -5.59 2.22 3.39
CA PHE A 50 -4.16 1.91 3.56
C PHE A 50 -3.28 2.72 2.60
N LYS A 51 -3.70 2.85 1.32
CA LYS A 51 -2.88 3.53 0.30
C LYS A 51 -2.80 5.04 0.58
N GLU A 52 -3.74 5.53 1.42
CA GLU A 52 -3.75 6.91 1.95
C GLU A 52 -2.57 7.11 2.92
N GLU A 53 -2.35 6.11 3.79
CA GLU A 53 -1.21 6.05 4.73
C GLU A 53 0.13 6.02 3.97
N ILE A 54 0.11 5.38 2.78
CA ILE A 54 1.30 5.32 1.90
C ILE A 54 1.46 6.66 1.12
N SER A 55 0.33 7.32 0.81
CA SER A 55 0.30 8.57 0.02
C SER A 55 0.98 9.73 0.77
N LYS A 56 0.67 9.87 2.08
CA LYS A 56 1.28 10.90 2.96
C LYS A 56 2.77 10.59 3.23
N ARG A 57 3.16 9.32 3.01
CA ARG A 57 4.54 8.84 3.24
C ARG A 57 5.45 9.29 2.08
N PHE A 58 5.00 9.01 0.84
CA PHE A 58 5.74 9.35 -0.40
C PHE A 58 5.29 10.72 -0.97
N LYS A 59 4.35 11.38 -0.26
CA LYS A 59 3.81 12.72 -0.60
C LYS A 59 3.04 12.70 -1.93
N SER A 60 2.65 11.50 -2.37
CA SER A 60 1.92 11.25 -3.63
C SER A 60 0.41 11.28 -3.38
N HIS A 61 -0.38 11.33 -4.46
CA HIS A 61 -1.86 11.31 -4.38
C HIS A 61 -2.36 9.88 -4.62
N THR A 62 -3.46 9.49 -3.93
CA THR A 62 -3.98 8.11 -3.88
C THR A 62 -4.32 7.50 -5.27
N ASP A 63 -4.77 8.37 -6.21
CA ASP A 63 -5.11 7.97 -7.61
C ASP A 63 -3.86 7.39 -8.34
N GLN A 64 -2.68 7.84 -7.92
CA GLN A 64 -1.40 7.39 -8.51
C GLN A 64 -0.98 6.00 -8.00
N LEU A 65 -1.42 5.66 -6.77
CA LEU A 65 -1.00 4.43 -6.07
C LEU A 65 -1.92 3.24 -6.45
N VAL A 66 -1.32 2.19 -7.05
CA VAL A 66 -1.94 0.86 -7.19
C VAL A 66 -1.05 -0.18 -6.48
N LEU A 67 -1.62 -0.89 -5.50
CA LEU A 67 -0.92 -2.01 -4.83
C LEU A 67 -1.09 -3.25 -5.72
N ILE A 68 -0.05 -4.09 -5.79
CA ILE A 68 -0.10 -5.38 -6.48
C ILE A 68 0.29 -6.48 -5.49
N PHE A 69 -0.53 -7.53 -5.45
CA PHE A 69 -0.28 -8.73 -4.66
C PHE A 69 -1.01 -9.89 -5.32
N ALA A 70 -0.44 -11.11 -5.20
CA ALA A 70 -0.96 -12.35 -5.83
C ALA A 70 -0.91 -12.27 -7.38
N GLY A 71 -0.10 -11.33 -7.90
CA GLY A 71 -0.01 -11.07 -9.33
C GLY A 71 -1.25 -10.37 -9.89
N LYS A 72 -1.89 -9.50 -9.07
CA LYS A 72 -3.07 -8.71 -9.47
C LYS A 72 -3.12 -7.39 -8.70
N ILE A 73 -3.78 -6.35 -9.27
CA ILE A 73 -3.88 -5.02 -8.63
C ILE A 73 -4.98 -5.02 -7.53
N LEU A 74 -4.58 -4.68 -6.30
CA LEU A 74 -5.49 -4.51 -5.17
C LEU A 74 -6.24 -3.18 -5.29
N LYS A 75 -7.56 -3.27 -5.36
CA LYS A 75 -8.46 -2.11 -5.42
C LYS A 75 -8.91 -1.71 -4.01
N ASP A 76 -9.81 -0.72 -3.92
CA ASP A 76 -10.38 -0.25 -2.65
C ASP A 76 -11.33 -1.29 -2.03
N GLN A 77 -11.88 -2.19 -2.87
CA GLN A 77 -12.73 -3.31 -2.44
C GLN A 77 -11.89 -4.44 -1.80
N ASP A 78 -10.55 -4.35 -1.99
CA ASP A 78 -9.58 -5.29 -1.43
C ASP A 78 -9.05 -4.75 -0.10
N THR A 79 -8.69 -5.67 0.79
CA THR A 79 -7.99 -5.38 2.03
C THR A 79 -6.74 -6.27 2.08
N LEU A 80 -5.65 -5.70 2.62
CA LEU A 80 -4.37 -6.40 2.77
C LEU A 80 -4.53 -7.74 3.55
N SER A 81 -5.21 -7.67 4.71
CA SER A 81 -5.38 -8.81 5.64
C SER A 81 -6.18 -9.96 4.99
N GLN A 82 -7.25 -9.59 4.27
CA GLN A 82 -8.14 -10.55 3.60
C GLN A 82 -7.42 -11.27 2.44
N HIS A 83 -6.39 -10.62 1.88
CA HIS A 83 -5.60 -11.14 0.75
C HIS A 83 -4.29 -11.80 1.21
N GLY A 84 -4.20 -12.07 2.52
CA GLY A 84 -3.11 -12.86 3.10
C GLY A 84 -1.84 -12.06 3.37
N ILE A 85 -1.97 -10.73 3.38
CA ILE A 85 -0.87 -9.80 3.74
C ILE A 85 -1.07 -9.41 5.20
N HIS A 86 -0.19 -9.87 6.10
CA HIS A 86 -0.35 -9.63 7.53
C HIS A 86 1.00 -9.57 8.24
N ASP A 87 1.28 -8.38 8.82
CA ASP A 87 2.31 -8.14 9.86
C ASP A 87 3.69 -8.79 9.54
N GLY A 88 4.59 -7.99 8.95
CA GLY A 88 5.92 -8.44 8.52
C GLY A 88 6.00 -8.67 7.02
N LEU A 89 4.85 -8.96 6.39
CA LEU A 89 4.76 -9.22 4.94
C LEU A 89 4.78 -7.91 4.13
N THR A 90 5.09 -8.05 2.83
CA THR A 90 5.31 -6.93 1.92
C THR A 90 4.35 -6.98 0.73
N VAL A 91 3.75 -5.82 0.40
CA VAL A 91 2.96 -5.61 -0.83
C VAL A 91 3.87 -4.96 -1.89
N HIS A 92 3.49 -5.04 -3.16
CA HIS A 92 4.14 -4.24 -4.23
C HIS A 92 3.31 -2.97 -4.49
N LEU A 93 3.95 -1.92 -4.98
CA LEU A 93 3.29 -0.64 -5.29
C LEU A 93 3.87 -0.03 -6.57
N VAL A 94 2.99 0.61 -7.34
CA VAL A 94 3.34 1.34 -8.57
C VAL A 94 2.65 2.71 -8.48
N ILE A 95 3.46 3.78 -8.34
CA ILE A 95 2.96 5.15 -8.21
C ILE A 95 3.17 5.89 -9.54
N LYS A 96 2.15 6.64 -10.00
CA LYS A 96 2.23 7.45 -11.23
C LYS A 96 2.91 8.81 -10.95
N THR A 97 4.14 8.78 -10.41
CA THR A 97 4.95 9.98 -10.17
C THR A 97 6.45 9.63 -10.07
N GLN A 98 7.30 10.62 -10.39
CA GLN A 98 8.74 10.60 -10.10
C GLN A 98 9.14 11.90 -9.37
N ASN A 99 8.23 12.90 -9.43
CA ASN A 99 8.45 14.26 -8.88
C ASN A 99 8.51 14.23 -7.33
N ARG A 100 7.72 13.31 -6.76
CA ARG A 100 7.67 13.04 -5.31
C ARG A 100 8.97 12.34 -4.82
N PRO A 101 9.31 12.39 -3.48
CA PRO A 101 10.48 11.69 -2.90
C PRO A 101 10.45 10.15 -3.18
N PRO A 23 -2.61 -7.28 21.07
CA PRO A 23 -2.33 -7.88 19.74
C PRO A 23 -1.52 -6.89 18.88
N LYS A 24 -0.74 -7.42 17.91
CA LYS A 24 0.01 -6.60 16.95
C LYS A 24 -0.93 -6.03 15.87
N ILE A 25 -0.57 -4.86 15.35
CA ILE A 25 -1.25 -4.22 14.21
C ILE A 25 -0.59 -4.72 12.89
N MET A 26 -1.30 -4.66 11.76
CA MET A 26 -0.83 -5.25 10.49
C MET A 26 0.17 -4.30 9.81
N LYS A 27 1.48 -4.66 9.90
CA LYS A 27 2.60 -3.84 9.39
C LYS A 27 2.79 -4.11 7.88
N VAL A 28 2.10 -3.33 7.03
CA VAL A 28 2.10 -3.56 5.58
C VAL A 28 3.18 -2.69 4.91
N THR A 29 4.22 -3.35 4.42
CA THR A 29 5.28 -2.69 3.66
C THR A 29 4.80 -2.52 2.21
N VAL A 30 4.93 -1.30 1.67
CA VAL A 30 4.55 -1.00 0.30
C VAL A 30 5.79 -0.55 -0.47
N LYS A 31 6.18 -1.36 -1.46
CA LYS A 31 7.37 -1.14 -2.30
C LYS A 31 6.94 -0.46 -3.60
N THR A 32 7.81 0.42 -4.12
CA THR A 32 7.59 1.14 -5.37
C THR A 32 8.88 1.08 -6.24
N PRO A 33 8.80 1.36 -7.59
CA PRO A 33 10.03 1.43 -8.47
C PRO A 33 10.84 2.74 -8.29
N LYS A 34 10.97 3.18 -7.03
CA LYS A 34 11.48 4.51 -6.69
C LYS A 34 11.95 4.53 -5.22
N GLU A 35 11.18 3.88 -4.33
CA GLU A 35 11.44 3.84 -2.87
C GLU A 35 10.63 2.71 -2.22
N LYS A 36 10.49 2.73 -0.89
CA LYS A 36 9.52 1.88 -0.17
C LYS A 36 9.18 2.51 1.18
N GLU A 37 7.96 2.26 1.65
CA GLU A 37 7.44 2.72 2.95
C GLU A 37 6.73 1.56 3.67
N GLU A 38 6.14 1.86 4.84
CA GLU A 38 5.34 0.90 5.61
C GLU A 38 4.14 1.64 6.25
N PHE A 39 3.00 0.95 6.36
CA PHE A 39 1.74 1.49 6.89
C PHE A 39 1.16 0.49 7.88
N ALA A 40 1.02 0.92 9.14
CA ALA A 40 0.47 0.10 10.22
C ALA A 40 -1.06 0.29 10.26
N VAL A 41 -1.80 -0.77 9.93
CA VAL A 41 -3.26 -0.73 9.72
C VAL A 41 -3.93 -1.89 10.49
N PRO A 42 -5.13 -1.68 11.12
CA PRO A 42 -5.76 -2.68 12.03
C PRO A 42 -6.54 -3.80 11.28
N GLU A 43 -5.94 -4.31 10.17
CA GLU A 43 -6.54 -5.32 9.23
C GLU A 43 -8.00 -5.03 8.79
N ASN A 44 -8.44 -3.78 9.00
CA ASN A 44 -9.80 -3.31 8.68
C ASN A 44 -9.74 -2.28 7.55
N SER A 45 -8.55 -1.66 7.40
CA SER A 45 -8.26 -0.72 6.32
C SER A 45 -8.36 -1.43 4.96
N SER A 46 -9.50 -1.24 4.28
CA SER A 46 -9.69 -1.70 2.90
C SER A 46 -8.82 -0.86 1.95
N VAL A 47 -8.65 -1.30 0.69
CA VAL A 47 -7.78 -0.60 -0.30
C VAL A 47 -8.23 0.87 -0.51
N GLN A 48 -9.56 1.11 -0.45
CA GLN A 48 -10.17 2.46 -0.55
C GLN A 48 -9.75 3.37 0.65
N GLN A 49 -9.52 2.76 1.82
CA GLN A 49 -9.08 3.47 3.04
C GLN A 49 -7.54 3.45 3.20
N PHE A 50 -6.88 2.52 2.50
CA PHE A 50 -5.44 2.24 2.66
C PHE A 50 -4.59 3.13 1.76
N LYS A 51 -5.05 3.32 0.50
CA LYS A 51 -4.33 4.14 -0.50
C LYS A 51 -4.40 5.64 -0.14
N GLU A 52 -5.32 5.98 0.79
CA GLU A 52 -5.41 7.30 1.45
C GLU A 52 -4.13 7.58 2.26
N GLU A 53 -3.70 6.59 3.07
CA GLU A 53 -2.47 6.68 3.89
C GLU A 53 -1.23 6.80 2.99
N ILE A 54 -1.31 6.15 1.83
CA ILE A 54 -0.25 6.17 0.80
C ILE A 54 -0.11 7.55 0.14
N SER A 55 -1.26 8.22 -0.17
CA SER A 55 -1.28 9.45 -0.98
C SER A 55 -0.53 10.61 -0.28
N LYS A 56 -0.86 10.85 1.00
CA LYS A 56 -0.20 11.88 1.83
C LYS A 56 1.29 11.55 2.02
N ARG A 57 1.60 10.23 2.14
CA ARG A 57 2.96 9.71 2.38
C ARG A 57 3.89 10.01 1.19
N PHE A 58 3.40 9.68 -0.01
CA PHE A 58 4.16 9.83 -1.26
C PHE A 58 3.88 11.19 -1.92
N LYS A 59 3.07 12.05 -1.28
CA LYS A 59 2.75 13.41 -1.78
C LYS A 59 2.12 13.36 -3.20
N SER A 60 1.41 12.25 -3.45
CA SER A 60 0.77 11.94 -4.74
C SER A 60 -0.73 11.81 -4.55
N HIS A 61 -1.51 12.04 -5.61
CA HIS A 61 -2.98 11.88 -5.58
C HIS A 61 -3.32 10.38 -5.59
N THR A 62 -4.38 9.99 -4.86
CA THR A 62 -4.83 8.57 -4.74
C THR A 62 -5.13 7.95 -6.11
N ASP A 63 -5.75 8.75 -6.98
CA ASP A 63 -6.11 8.34 -8.35
C ASP A 63 -4.87 7.90 -9.16
N GLN A 64 -3.75 8.61 -8.95
CA GLN A 64 -2.49 8.39 -9.70
C GLN A 64 -1.81 7.08 -9.32
N LEU A 65 -1.99 6.63 -8.07
CA LEU A 65 -1.31 5.44 -7.51
C LEU A 65 -2.26 4.23 -7.45
N VAL A 66 -1.74 3.05 -7.85
CA VAL A 66 -2.51 1.79 -7.87
C VAL A 66 -1.68 0.66 -7.22
N LEU A 67 -2.35 -0.15 -6.38
CA LEU A 67 -1.74 -1.30 -5.71
C LEU A 67 -1.83 -2.54 -6.61
N ILE A 68 -0.76 -3.35 -6.60
CA ILE A 68 -0.67 -4.61 -7.37
C ILE A 68 -0.08 -5.68 -6.44
N PHE A 69 -0.68 -6.88 -6.48
CA PHE A 69 -0.19 -8.05 -5.74
C PHE A 69 -0.65 -9.31 -6.48
N ALA A 70 0.24 -10.31 -6.55
CA ALA A 70 0.00 -11.60 -7.24
C ALA A 70 -0.19 -11.42 -8.77
N GLY A 71 0.20 -10.24 -9.30
CA GLY A 71 0.09 -9.94 -10.73
C GLY A 71 -1.13 -9.10 -11.09
N LYS A 72 -2.04 -8.85 -10.12
CA LYS A 72 -3.33 -8.15 -10.37
C LYS A 72 -3.45 -6.90 -9.49
N ILE A 73 -4.27 -5.92 -9.92
CA ILE A 73 -4.51 -4.67 -9.18
C ILE A 73 -5.52 -4.89 -8.03
N LEU A 74 -5.23 -4.32 -6.85
CA LEU A 74 -6.04 -4.49 -5.63
C LEU A 74 -7.10 -3.39 -5.57
N LYS A 75 -8.35 -3.80 -5.29
CA LYS A 75 -9.49 -2.88 -5.18
C LYS A 75 -10.14 -3.03 -3.80
N ASP A 76 -11.04 -2.08 -3.45
CA ASP A 76 -11.74 -2.05 -2.14
C ASP A 76 -12.41 -3.41 -1.81
N GLN A 77 -13.03 -4.01 -2.83
CA GLN A 77 -13.79 -5.26 -2.71
C GLN A 77 -12.89 -6.47 -2.32
N ASP A 78 -11.60 -6.37 -2.68
CA ASP A 78 -10.57 -7.38 -2.37
C ASP A 78 -9.43 -6.74 -1.56
N THR A 79 -9.61 -6.76 -0.24
CA THR A 79 -8.71 -6.11 0.72
C THR A 79 -7.34 -6.80 0.73
N LEU A 80 -6.30 -6.00 0.97
CA LEU A 80 -4.89 -6.45 1.09
C LEU A 80 -4.76 -7.69 2.01
N SER A 81 -5.40 -7.61 3.18
CA SER A 81 -5.42 -8.67 4.19
C SER A 81 -6.10 -9.98 3.67
N GLN A 82 -7.13 -9.83 2.82
CA GLN A 82 -7.82 -10.95 2.13
C GLN A 82 -6.88 -11.65 1.12
N HIS A 83 -5.87 -10.91 0.60
CA HIS A 83 -4.84 -11.47 -0.32
C HIS A 83 -3.70 -12.14 0.46
N GLY A 84 -3.75 -12.05 1.80
CA GLY A 84 -2.70 -12.58 2.67
C GLY A 84 -1.55 -11.61 2.87
N ILE A 85 -1.81 -10.30 2.63
CA ILE A 85 -0.82 -9.24 2.87
C ILE A 85 -0.95 -8.79 4.32
N HIS A 86 0.00 -9.23 5.15
CA HIS A 86 0.03 -8.95 6.59
C HIS A 86 1.38 -8.35 6.99
N ASP A 87 1.71 -8.41 8.30
CA ASP A 87 2.99 -7.92 8.84
C ASP A 87 4.18 -8.70 8.22
N GLY A 88 5.12 -7.98 7.60
CA GLY A 88 6.27 -8.60 6.92
C GLY A 88 6.06 -8.78 5.42
N LEU A 89 4.79 -8.76 4.96
CA LEU A 89 4.43 -8.89 3.53
C LEU A 89 4.52 -7.51 2.87
N THR A 90 4.58 -7.52 1.51
CA THR A 90 4.82 -6.30 0.72
C THR A 90 3.92 -6.26 -0.53
N VAL A 91 3.36 -5.07 -0.80
CA VAL A 91 2.56 -4.79 -2.01
C VAL A 91 3.43 -4.06 -3.05
N HIS A 92 3.12 -4.25 -4.32
CA HIS A 92 3.77 -3.53 -5.43
C HIS A 92 2.87 -2.35 -5.85
N LEU A 93 3.31 -1.14 -5.53
CA LEU A 93 2.60 0.10 -5.85
C LEU A 93 3.26 0.79 -7.06
N VAL A 94 2.44 1.25 -8.00
CA VAL A 94 2.90 1.99 -9.19
C VAL A 94 2.17 3.33 -9.25
N ILE A 95 2.92 4.44 -9.09
CA ILE A 95 2.36 5.80 -9.03
C ILE A 95 2.71 6.57 -10.30
N LYS A 96 1.69 7.18 -10.93
CA LYS A 96 1.89 8.10 -12.05
C LYS A 96 2.02 9.54 -11.49
N THR A 97 3.18 9.82 -10.89
CA THR A 97 3.56 11.17 -10.43
C THR A 97 5.02 11.45 -10.86
N GLN A 98 5.49 12.68 -10.61
CA GLN A 98 6.91 13.04 -10.80
C GLN A 98 7.23 14.32 -10.02
N ASN A 99 8.49 14.43 -9.56
CA ASN A 99 9.01 15.59 -8.78
C ASN A 99 8.15 15.85 -7.52
N ARG A 100 7.70 14.75 -6.91
CA ARG A 100 6.94 14.78 -5.64
C ARG A 100 7.88 15.19 -4.48
N PRO A 101 7.45 16.13 -3.57
CA PRO A 101 8.31 16.59 -2.44
C PRO A 101 8.51 15.50 -1.34
N PRO A 23 -1.94 -6.19 21.31
CA PRO A 23 -1.45 -6.93 20.12
C PRO A 23 -0.45 -6.07 19.32
N LYS A 24 0.09 -6.65 18.23
CA LYS A 24 0.94 -5.92 17.26
C LYS A 24 0.07 -5.38 16.11
N ILE A 25 0.46 -4.21 15.60
CA ILE A 25 -0.15 -3.59 14.40
C ILE A 25 0.55 -4.16 13.14
N MET A 26 -0.10 -4.11 11.96
CA MET A 26 0.45 -4.75 10.75
C MET A 26 1.50 -3.83 10.09
N LYS A 27 2.77 -4.24 10.23
CA LYS A 27 3.93 -3.55 9.66
C LYS A 27 4.10 -3.97 8.19
N VAL A 28 3.45 -3.22 7.31
CA VAL A 28 3.36 -3.57 5.89
C VAL A 28 4.44 -2.86 5.09
N THR A 29 5.35 -3.65 4.50
CA THR A 29 6.43 -3.12 3.68
C THR A 29 5.90 -2.91 2.26
N VAL A 30 5.89 -1.67 1.80
CA VAL A 30 5.52 -1.32 0.42
C VAL A 30 6.79 -1.02 -0.37
N LYS A 31 7.09 -1.89 -1.34
CA LYS A 31 8.28 -1.79 -2.20
C LYS A 31 7.84 -1.17 -3.54
N THR A 32 8.64 -0.22 -4.04
CA THR A 32 8.35 0.57 -5.25
C THR A 32 9.53 0.51 -6.23
N PRO A 33 9.38 0.92 -7.53
CA PRO A 33 10.52 1.02 -8.50
C PRO A 33 11.46 2.24 -8.24
N LYS A 34 11.67 2.58 -6.96
CA LYS A 34 12.41 3.78 -6.55
C LYS A 34 12.97 3.63 -5.13
N GLU A 35 12.17 3.02 -4.23
CA GLU A 35 12.52 2.89 -2.80
C GLU A 35 11.66 1.79 -2.16
N LYS A 36 11.61 1.78 -0.83
CA LYS A 36 10.70 0.94 -0.04
C LYS A 36 10.31 1.71 1.24
N GLU A 37 9.24 1.24 1.90
CA GLU A 37 8.69 1.92 3.09
C GLU A 37 7.97 0.88 3.98
N GLU A 38 7.77 1.21 5.26
CA GLU A 38 7.00 0.40 6.21
C GLU A 38 5.86 1.25 6.80
N PHE A 39 4.63 0.77 6.64
CA PHE A 39 3.42 1.38 7.21
C PHE A 39 2.95 0.57 8.41
N ALA A 40 2.07 1.18 9.22
CA ALA A 40 1.48 0.54 10.40
C ALA A 40 -0.04 0.72 10.33
N VAL A 41 -0.75 -0.37 10.00
CA VAL A 41 -2.22 -0.37 9.81
C VAL A 41 -2.86 -1.48 10.67
N PRO A 42 -4.03 -1.23 11.33
CA PRO A 42 -4.62 -2.16 12.32
C PRO A 42 -5.45 -3.30 11.66
N GLU A 43 -4.93 -3.82 10.52
CA GLU A 43 -5.56 -4.88 9.66
C GLU A 43 -7.03 -4.59 9.26
N ASN A 44 -7.51 -3.37 9.54
CA ASN A 44 -8.89 -2.97 9.27
C ASN A 44 -8.90 -2.07 8.02
N SER A 45 -7.83 -1.26 7.88
CA SER A 45 -7.65 -0.37 6.73
C SER A 45 -7.72 -1.14 5.41
N SER A 46 -8.71 -0.80 4.56
CA SER A 46 -8.82 -1.32 3.19
C SER A 46 -7.73 -0.70 2.30
N VAL A 47 -7.48 -1.30 1.11
CA VAL A 47 -6.49 -0.76 0.14
C VAL A 47 -6.92 0.65 -0.32
N GLN A 48 -8.25 0.89 -0.38
CA GLN A 48 -8.82 2.22 -0.71
C GLN A 48 -8.43 3.29 0.33
N GLN A 49 -8.21 2.88 1.59
CA GLN A 49 -7.77 3.78 2.68
C GLN A 49 -6.25 3.66 2.93
N PHE A 50 -5.61 2.66 2.32
CA PHE A 50 -4.17 2.36 2.50
C PHE A 50 -3.31 3.21 1.55
N LYS A 51 -3.75 3.33 0.27
CA LYS A 51 -3.01 4.13 -0.75
C LYS A 51 -3.12 5.63 -0.46
N GLU A 52 -4.11 6.00 0.38
CA GLU A 52 -4.25 7.35 0.97
C GLU A 52 -3.00 7.68 1.82
N GLU A 53 -2.66 6.74 2.72
CA GLU A 53 -1.49 6.86 3.61
C GLU A 53 -0.18 6.82 2.80
N ILE A 54 -0.19 6.07 1.71
CA ILE A 54 0.92 6.02 0.73
C ILE A 54 1.09 7.40 0.03
N SER A 55 -0.04 8.06 -0.28
CA SER A 55 -0.06 9.32 -1.06
C SER A 55 0.77 10.43 -0.39
N LYS A 56 0.46 10.68 0.88
CA LYS A 56 1.12 11.72 1.71
C LYS A 56 2.57 11.33 2.04
N ARG A 57 2.85 10.02 2.02
CA ARG A 57 4.17 9.44 2.41
C ARG A 57 5.18 9.63 1.26
N PHE A 58 4.75 9.24 0.05
CA PHE A 58 5.59 9.26 -1.17
C PHE A 58 5.46 10.60 -1.92
N LYS A 59 4.58 11.51 -1.43
CA LYS A 59 4.31 12.83 -2.07
C LYS A 59 3.78 12.65 -3.51
N SER A 60 3.07 11.53 -3.71
CA SER A 60 2.54 11.10 -5.00
C SER A 60 1.03 10.86 -4.84
N HIS A 61 0.22 11.40 -5.77
CA HIS A 61 -1.26 11.33 -5.68
C HIS A 61 -1.75 9.87 -5.78
N THR A 62 -2.89 9.58 -5.11
CA THR A 62 -3.50 8.24 -5.06
C THR A 62 -3.85 7.71 -6.46
N ASP A 63 -4.32 8.61 -7.34
CA ASP A 63 -4.71 8.27 -8.72
C ASP A 63 -3.47 7.90 -9.57
N GLN A 64 -2.30 8.36 -9.12
CA GLN A 64 -1.01 8.12 -9.82
C GLN A 64 -0.39 6.77 -9.43
N LEU A 65 -0.73 6.22 -8.25
CA LEU A 65 -0.12 4.99 -7.72
C LEU A 65 -1.15 3.86 -7.53
N VAL A 66 -0.74 2.63 -7.88
CA VAL A 66 -1.59 1.41 -7.77
C VAL A 66 -0.79 0.28 -7.11
N LEU A 67 -1.46 -0.50 -6.25
CA LEU A 67 -0.86 -1.65 -5.56
C LEU A 67 -1.13 -2.93 -6.35
N ILE A 68 -0.22 -3.90 -6.20
CA ILE A 68 -0.26 -5.21 -6.85
C ILE A 68 0.28 -6.26 -5.85
N PHE A 69 -0.47 -7.35 -5.69
CA PHE A 69 -0.08 -8.48 -4.84
C PHE A 69 -0.79 -9.75 -5.31
N ALA A 70 -0.10 -10.89 -5.18
CA ALA A 70 -0.56 -12.22 -5.64
C ALA A 70 -0.69 -12.27 -7.18
N GLY A 71 -0.07 -11.29 -7.88
CA GLY A 71 -0.10 -11.21 -9.34
C GLY A 71 -1.16 -10.23 -9.85
N LYS A 72 -2.16 -9.88 -9.02
CA LYS A 72 -3.30 -9.03 -9.44
C LYS A 72 -3.20 -7.64 -8.78
N ILE A 73 -3.85 -6.64 -9.38
CA ILE A 73 -3.88 -5.25 -8.86
C ILE A 73 -4.93 -5.13 -7.73
N LEU A 74 -4.51 -4.55 -6.59
CA LEU A 74 -5.37 -4.36 -5.42
C LEU A 74 -6.25 -3.11 -5.62
N LYS A 75 -7.56 -3.29 -5.53
CA LYS A 75 -8.54 -2.20 -5.70
C LYS A 75 -9.22 -1.87 -4.35
N ASP A 76 -10.28 -1.06 -4.42
CA ASP A 76 -11.09 -0.68 -3.24
C ASP A 76 -11.84 -1.89 -2.67
N GLN A 77 -12.11 -2.88 -3.54
CA GLN A 77 -12.75 -4.16 -3.17
C GLN A 77 -11.79 -5.05 -2.36
N ASP A 78 -10.49 -4.76 -2.45
CA ASP A 78 -9.44 -5.46 -1.69
C ASP A 78 -9.16 -4.72 -0.39
N THR A 79 -8.96 -5.49 0.68
CA THR A 79 -8.21 -5.02 1.83
C THR A 79 -6.92 -5.84 1.83
N LEU A 80 -5.81 -5.19 2.15
CA LEU A 80 -4.48 -5.83 2.15
C LEU A 80 -4.45 -7.03 3.11
N SER A 81 -5.06 -6.84 4.30
CA SER A 81 -5.16 -7.87 5.36
C SER A 81 -5.90 -9.15 4.86
N GLN A 82 -7.00 -8.95 4.11
CA GLN A 82 -7.78 -10.06 3.50
C GLN A 82 -6.92 -10.79 2.47
N HIS A 83 -6.13 -10.01 1.70
CA HIS A 83 -5.36 -10.52 0.56
C HIS A 83 -4.03 -11.20 0.99
N GLY A 84 -3.87 -11.41 2.31
CA GLY A 84 -2.72 -12.14 2.88
C GLY A 84 -1.52 -11.25 3.15
N ILE A 85 -1.78 -9.96 3.39
CA ILE A 85 -0.73 -8.96 3.67
C ILE A 85 -0.86 -8.48 5.12
N HIS A 86 0.04 -8.94 5.98
CA HIS A 86 0.13 -8.56 7.40
C HIS A 86 1.56 -8.05 7.70
N ASP A 87 1.95 -8.01 8.99
CA ASP A 87 3.31 -7.59 9.40
C ASP A 87 4.38 -8.54 8.83
N GLY A 88 5.35 -7.96 8.10
CA GLY A 88 6.42 -8.73 7.44
C GLY A 88 6.21 -8.89 5.94
N LEU A 89 4.94 -8.86 5.51
CA LEU A 89 4.57 -9.04 4.08
C LEU A 89 4.84 -7.74 3.29
N THR A 90 5.16 -7.92 2.00
CA THR A 90 5.55 -6.83 1.09
C THR A 90 4.60 -6.74 -0.12
N VAL A 91 4.18 -5.51 -0.47
CA VAL A 91 3.32 -5.23 -1.63
C VAL A 91 4.14 -4.59 -2.76
N HIS A 92 3.70 -4.77 -4.02
CA HIS A 92 4.28 -4.08 -5.18
C HIS A 92 3.44 -2.84 -5.48
N LEU A 93 3.97 -1.65 -5.16
CA LEU A 93 3.34 -0.38 -5.54
C LEU A 93 4.09 0.20 -6.74
N VAL A 94 3.36 0.44 -7.83
CA VAL A 94 3.91 1.06 -9.04
C VAL A 94 3.29 2.45 -9.20
N ILE A 95 4.13 3.49 -9.01
CA ILE A 95 3.70 4.89 -9.08
C ILE A 95 4.01 5.45 -10.48
N LYS A 96 3.14 6.33 -10.98
CA LYS A 96 3.26 6.95 -12.32
C LYS A 96 3.63 8.46 -12.19
N THR A 97 4.27 8.82 -11.07
CA THR A 97 4.81 10.18 -10.86
C THR A 97 6.29 10.21 -11.27
N GLN A 98 6.62 11.04 -12.25
CA GLN A 98 8.02 11.39 -12.57
C GLN A 98 8.44 12.58 -11.68
N ASN A 99 7.49 13.50 -11.43
CA ASN A 99 7.64 14.66 -10.54
C ASN A 99 6.69 14.47 -9.35
N ARG A 100 7.19 14.70 -8.12
CA ARG A 100 6.41 14.49 -6.88
C ARG A 100 6.26 15.84 -6.11
N PRO A 101 5.03 16.46 -6.14
CA PRO A 101 4.69 17.60 -5.29
C PRO A 101 4.14 17.12 -3.90
N PRO A 23 -2.34 -8.92 20.84
CA PRO A 23 -2.21 -8.92 19.36
C PRO A 23 -1.03 -8.05 18.90
N LYS A 24 -0.79 -8.04 17.58
CA LYS A 24 0.21 -7.19 16.93
C LYS A 24 -0.45 -6.41 15.79
N ILE A 25 0.07 -5.21 15.52
CA ILE A 25 -0.38 -4.38 14.39
C ILE A 25 0.38 -4.86 13.13
N MET A 26 -0.30 -4.86 11.98
CA MET A 26 0.24 -5.49 10.76
C MET A 26 1.26 -4.55 10.09
N LYS A 27 2.53 -4.99 10.14
CA LYS A 27 3.66 -4.29 9.55
C LYS A 27 3.73 -4.65 8.05
N VAL A 28 3.04 -3.86 7.23
CA VAL A 28 2.93 -4.10 5.79
C VAL A 28 4.01 -3.32 5.05
N THR A 29 4.94 -4.04 4.43
CA THR A 29 5.95 -3.45 3.56
C THR A 29 5.33 -3.26 2.16
N VAL A 30 5.59 -2.11 1.55
CA VAL A 30 5.15 -1.78 0.20
C VAL A 30 6.38 -1.37 -0.61
N LYS A 31 6.61 -2.05 -1.75
CA LYS A 31 7.72 -1.72 -2.65
C LYS A 31 7.15 -0.81 -3.76
N THR A 32 7.70 0.39 -3.80
CA THR A 32 7.22 1.51 -4.62
C THR A 32 8.19 1.76 -5.81
N PRO A 33 7.82 2.61 -6.83
CA PRO A 33 8.71 2.90 -8.00
C PRO A 33 10.04 3.65 -7.65
N LYS A 34 10.31 3.87 -6.36
CA LYS A 34 11.59 4.47 -5.89
C LYS A 34 12.28 3.49 -4.93
N GLU A 35 11.56 3.15 -3.85
CA GLU A 35 12.15 2.54 -2.64
C GLU A 35 11.22 1.44 -2.09
N LYS A 36 11.46 1.04 -0.85
CA LYS A 36 10.53 0.20 -0.06
C LYS A 36 10.28 0.89 1.29
N GLU A 37 9.05 0.76 1.79
CA GLU A 37 8.59 1.40 3.05
C GLU A 37 7.74 0.40 3.86
N GLU A 38 7.58 0.63 5.15
CA GLU A 38 6.77 -0.20 6.05
C GLU A 38 5.71 0.68 6.71
N PHE A 39 4.46 0.18 6.76
CA PHE A 39 3.29 0.89 7.33
C PHE A 39 2.66 -0.01 8.41
N ALA A 40 2.14 0.59 9.48
CA ALA A 40 1.45 -0.14 10.56
C ALA A 40 -0.07 0.06 10.42
N VAL A 41 -0.83 -1.05 10.27
CA VAL A 41 -2.31 -1.02 10.12
C VAL A 41 -2.92 -2.14 10.99
N PRO A 42 -4.05 -1.88 11.74
CA PRO A 42 -4.63 -2.85 12.74
C PRO A 42 -5.30 -4.12 12.16
N GLU A 43 -4.79 -4.64 11.01
CA GLU A 43 -5.21 -5.92 10.38
C GLU A 43 -6.66 -5.86 9.87
N ASN A 44 -7.23 -4.64 9.86
CA ASN A 44 -8.63 -4.39 9.48
C ASN A 44 -8.70 -3.23 8.49
N SER A 45 -7.61 -2.42 8.41
CA SER A 45 -7.49 -1.36 7.42
C SER A 45 -7.59 -1.94 6.00
N SER A 46 -8.68 -1.58 5.31
CA SER A 46 -8.90 -1.92 3.91
C SER A 46 -7.82 -1.29 3.03
N VAL A 47 -7.67 -1.80 1.81
CA VAL A 47 -6.83 -1.19 0.80
C VAL A 47 -7.30 0.28 0.55
N GLN A 48 -8.62 0.52 0.76
CA GLN A 48 -9.25 1.85 0.70
C GLN A 48 -8.64 2.84 1.70
N GLN A 49 -8.36 2.36 2.93
CA GLN A 49 -7.72 3.18 3.98
C GLN A 49 -6.19 3.22 3.79
N PHE A 50 -5.65 2.16 3.19
CA PHE A 50 -4.20 1.90 3.15
C PHE A 50 -3.48 2.77 2.12
N LYS A 51 -4.02 2.83 0.89
CA LYS A 51 -3.37 3.60 -0.22
C LYS A 51 -3.40 5.11 0.05
N GLU A 52 -4.27 5.52 0.98
CA GLU A 52 -4.33 6.91 1.49
C GLU A 52 -3.00 7.25 2.22
N GLU A 53 -2.60 6.36 3.15
CA GLU A 53 -1.35 6.45 3.91
C GLU A 53 -0.14 6.46 2.97
N ILE A 54 -0.21 5.58 1.95
CA ILE A 54 0.83 5.43 0.94
C ILE A 54 0.99 6.73 0.09
N SER A 55 -0.13 7.28 -0.39
CA SER A 55 -0.13 8.41 -1.34
C SER A 55 0.52 9.67 -0.74
N LYS A 56 0.12 10.04 0.48
CA LYS A 56 0.68 11.22 1.18
C LYS A 56 2.15 10.97 1.58
N ARG A 57 2.50 9.68 1.76
CA ARG A 57 3.87 9.28 2.12
C ARG A 57 4.83 9.55 0.95
N PHE A 58 4.34 9.25 -0.28
CA PHE A 58 5.13 9.36 -1.51
C PHE A 58 4.61 10.51 -2.40
N LYS A 59 3.86 11.46 -1.78
CA LYS A 59 3.51 12.79 -2.36
C LYS A 59 2.82 12.68 -3.74
N SER A 60 1.95 11.68 -3.86
CA SER A 60 1.14 11.42 -5.06
C SER A 60 -0.35 11.37 -4.66
N HIS A 61 -1.24 11.36 -5.67
CA HIS A 61 -2.71 11.32 -5.46
C HIS A 61 -3.21 9.87 -5.63
N THR A 62 -4.05 9.40 -4.68
CA THR A 62 -4.52 7.99 -4.56
C THR A 62 -5.00 7.36 -5.90
N ASP A 63 -5.61 8.19 -6.76
CA ASP A 63 -6.18 7.79 -8.06
C ASP A 63 -5.13 7.11 -9.00
N GLN A 64 -3.85 7.55 -8.91
CA GLN A 64 -2.78 7.03 -9.80
C GLN A 64 -1.93 5.93 -9.12
N LEU A 65 -2.30 5.56 -7.87
CA LEU A 65 -1.64 4.47 -7.13
C LEU A 65 -2.52 3.21 -7.13
N VAL A 66 -1.99 2.12 -7.69
CA VAL A 66 -2.63 0.79 -7.62
C VAL A 66 -1.68 -0.21 -6.95
N LEU A 67 -2.20 -0.92 -5.94
CA LEU A 67 -1.49 -2.04 -5.30
C LEU A 67 -1.76 -3.31 -6.10
N ILE A 68 -0.79 -4.23 -6.08
CA ILE A 68 -0.90 -5.56 -6.68
C ILE A 68 -0.33 -6.58 -5.67
N PHE A 69 -1.07 -7.68 -5.48
CA PHE A 69 -0.63 -8.81 -4.65
C PHE A 69 -1.29 -10.09 -5.18
N ALA A 70 -0.49 -11.18 -5.21
CA ALA A 70 -0.92 -12.52 -5.66
C ALA A 70 -1.33 -12.54 -7.15
N GLY A 71 -0.91 -11.52 -7.91
CA GLY A 71 -1.12 -11.44 -9.35
C GLY A 71 -2.33 -10.60 -9.76
N LYS A 72 -2.99 -9.92 -8.80
CA LYS A 72 -4.19 -9.09 -9.08
C LYS A 72 -4.05 -7.71 -8.42
N ILE A 73 -4.70 -6.72 -9.02
CA ILE A 73 -4.77 -5.33 -8.50
C ILE A 73 -5.69 -5.27 -7.25
N LEU A 74 -5.13 -4.83 -6.13
CA LEU A 74 -5.88 -4.61 -4.88
C LEU A 74 -6.73 -3.33 -5.02
N LYS A 75 -8.03 -3.52 -4.92
CA LYS A 75 -9.03 -2.42 -5.02
C LYS A 75 -9.46 -2.01 -3.61
N ASP A 76 -10.18 -0.89 -3.53
CA ASP A 76 -10.65 -0.31 -2.25
C ASP A 76 -11.62 -1.25 -1.51
N GLN A 77 -12.31 -2.11 -2.28
CA GLN A 77 -13.25 -3.13 -1.75
C GLN A 77 -12.51 -4.30 -1.07
N ASP A 78 -11.23 -4.49 -1.44
CA ASP A 78 -10.35 -5.49 -0.81
C ASP A 78 -9.79 -4.95 0.52
N THR A 79 -9.38 -5.86 1.42
CA THR A 79 -8.47 -5.55 2.52
C THR A 79 -7.20 -6.37 2.31
N LEU A 80 -6.05 -5.80 2.69
CA LEU A 80 -4.75 -6.48 2.60
C LEU A 80 -4.75 -7.80 3.41
N SER A 81 -5.42 -7.78 4.58
CA SER A 81 -5.53 -8.93 5.50
C SER A 81 -6.30 -10.09 4.84
N GLN A 82 -7.38 -9.74 4.10
CA GLN A 82 -8.24 -10.70 3.40
C GLN A 82 -7.49 -11.38 2.24
N HIS A 83 -6.54 -10.65 1.62
CA HIS A 83 -5.81 -11.14 0.44
C HIS A 83 -4.47 -11.81 0.83
N GLY A 84 -4.33 -12.21 2.10
CA GLY A 84 -3.22 -13.06 2.55
C GLY A 84 -1.98 -12.31 2.98
N ILE A 85 -2.08 -10.98 3.13
CA ILE A 85 -0.96 -10.12 3.56
C ILE A 85 -0.98 -10.03 5.09
N HIS A 86 0.22 -10.02 5.70
CA HIS A 86 0.39 -10.02 7.17
C HIS A 86 1.73 -9.33 7.51
N ASP A 87 2.04 -9.24 8.83
CA ASP A 87 3.26 -8.53 9.31
C ASP A 87 4.56 -9.20 8.77
N GLY A 88 5.43 -8.39 8.15
CA GLY A 88 6.68 -8.89 7.56
C GLY A 88 6.58 -9.16 6.06
N LEU A 89 5.36 -9.15 5.50
CA LEU A 89 5.12 -9.38 4.06
C LEU A 89 5.16 -8.06 3.28
N THR A 90 5.32 -8.18 1.95
CA THR A 90 5.45 -7.04 1.02
C THR A 90 4.26 -7.00 0.05
N VAL A 91 3.95 -5.79 -0.45
CA VAL A 91 2.93 -5.56 -1.50
C VAL A 91 3.58 -4.76 -2.63
N HIS A 92 3.18 -5.02 -3.87
CA HIS A 92 3.68 -4.26 -5.04
C HIS A 92 2.84 -2.98 -5.23
N LEU A 93 3.51 -1.85 -5.52
CA LEU A 93 2.83 -0.58 -5.81
C LEU A 93 3.30 -0.02 -7.15
N VAL A 94 2.35 0.46 -7.95
CA VAL A 94 2.62 1.13 -9.22
C VAL A 94 1.98 2.52 -9.17
N ILE A 95 2.83 3.57 -9.12
CA ILE A 95 2.38 4.97 -9.19
C ILE A 95 2.62 5.48 -10.60
N LYS A 96 1.65 6.19 -11.17
CA LYS A 96 1.78 6.78 -12.51
C LYS A 96 2.12 8.29 -12.34
N THR A 97 3.34 8.56 -11.83
CA THR A 97 3.87 9.95 -11.72
C THR A 97 5.14 10.10 -12.60
N GLN A 98 6.34 9.85 -12.01
CA GLN A 98 7.66 9.88 -12.69
C GLN A 98 8.76 9.65 -11.64
N ASN A 99 8.75 10.46 -10.57
CA ASN A 99 9.66 10.36 -9.42
C ASN A 99 9.10 11.25 -8.28
N ARG A 100 8.66 10.60 -7.20
CA ARG A 100 8.03 11.28 -6.06
C ARG A 100 8.67 10.79 -4.74
N PRO A 101 9.08 11.72 -3.81
CA PRO A 101 9.77 11.33 -2.56
C PRO A 101 8.75 10.82 -1.48
N PRO A 23 0.35 -7.23 21.42
CA PRO A 23 -0.38 -7.22 20.13
C PRO A 23 0.29 -6.23 19.16
N LYS A 24 0.94 -6.77 18.11
CA LYS A 24 1.58 -5.98 17.06
C LYS A 24 0.53 -5.41 16.10
N ILE A 25 0.77 -4.19 15.61
CA ILE A 25 -0.03 -3.54 14.57
C ILE A 25 0.50 -4.00 13.20
N MET A 26 -0.31 -3.92 12.14
CA MET A 26 0.04 -4.55 10.86
C MET A 26 1.02 -3.62 10.11
N LYS A 27 2.32 -4.03 10.16
CA LYS A 27 3.44 -3.27 9.58
C LYS A 27 3.54 -3.57 8.08
N VAL A 28 2.83 -2.78 7.28
CA VAL A 28 2.68 -3.02 5.85
C VAL A 28 3.68 -2.16 5.06
N THR A 29 4.69 -2.81 4.49
CA THR A 29 5.67 -2.14 3.66
C THR A 29 5.12 -2.01 2.23
N VAL A 30 5.04 -0.77 1.74
CA VAL A 30 4.66 -0.46 0.36
C VAL A 30 5.91 -0.04 -0.41
N LYS A 31 6.10 -0.64 -1.60
CA LYS A 31 7.30 -0.42 -2.42
C LYS A 31 6.85 0.05 -3.82
N THR A 32 7.50 1.13 -4.28
CA THR A 32 7.20 1.80 -5.55
C THR A 32 8.41 1.67 -6.49
N PRO A 33 8.26 1.94 -7.83
CA PRO A 33 9.43 1.99 -8.76
C PRO A 33 10.42 3.16 -8.45
N LYS A 34 10.17 3.94 -7.37
CA LYS A 34 11.07 5.01 -6.91
C LYS A 34 11.79 4.58 -5.62
N GLU A 35 11.01 4.30 -4.55
CA GLU A 35 11.52 4.02 -3.18
C GLU A 35 10.52 3.14 -2.40
N LYS A 36 10.64 3.10 -1.06
CA LYS A 36 9.69 2.38 -0.17
C LYS A 36 9.34 3.20 1.08
N GLU A 37 8.16 2.91 1.65
CA GLU A 37 7.69 3.45 2.93
C GLU A 37 6.93 2.33 3.68
N GLU A 38 7.14 2.23 5.00
CA GLU A 38 6.51 1.20 5.82
C GLU A 38 5.42 1.87 6.68
N PHE A 39 4.24 1.24 6.70
CA PHE A 39 3.02 1.75 7.36
C PHE A 39 2.69 0.90 8.58
N ALA A 40 1.83 1.44 9.45
CA ALA A 40 1.33 0.76 10.65
C ALA A 40 -0.17 0.99 10.73
N VAL A 41 -0.95 -0.05 10.42
CA VAL A 41 -2.42 0.01 10.25
C VAL A 41 -3.07 -1.14 11.04
N PRO A 42 -4.24 -0.91 11.72
CA PRO A 42 -4.78 -1.85 12.75
C PRO A 42 -5.61 -3.03 12.17
N GLU A 43 -5.18 -3.54 10.99
CA GLU A 43 -5.90 -4.59 10.20
C GLU A 43 -7.37 -4.21 9.86
N ASN A 44 -7.79 -2.96 10.14
CA ASN A 44 -9.16 -2.46 9.93
C ASN A 44 -9.17 -1.56 8.70
N SER A 45 -8.02 -0.89 8.47
CA SER A 45 -7.76 -0.07 7.29
C SER A 45 -8.08 -0.84 5.99
N SER A 46 -9.09 -0.37 5.27
CA SER A 46 -9.36 -0.79 3.90
C SER A 46 -8.33 -0.17 2.95
N VAL A 47 -8.27 -0.62 1.67
CA VAL A 47 -7.40 0.05 0.66
C VAL A 47 -7.87 1.52 0.47
N GLN A 48 -9.19 1.74 0.63
CA GLN A 48 -9.82 3.09 0.68
C GLN A 48 -9.12 4.02 1.71
N GLN A 49 -8.82 3.49 2.90
CA GLN A 49 -8.18 4.27 3.98
C GLN A 49 -6.65 4.25 3.85
N PHE A 50 -6.13 3.14 3.33
CA PHE A 50 -4.69 2.83 3.30
C PHE A 50 -3.95 3.67 2.26
N LYS A 51 -4.54 3.81 1.05
CA LYS A 51 -3.92 4.53 -0.07
C LYS A 51 -3.92 6.06 0.18
N GLU A 52 -4.76 6.51 1.16
CA GLU A 52 -4.75 7.90 1.67
C GLU A 52 -3.49 8.14 2.52
N GLU A 53 -3.13 7.14 3.34
CA GLU A 53 -1.88 7.16 4.15
C GLU A 53 -0.65 7.19 3.24
N ILE A 54 -0.74 6.44 2.12
CA ILE A 54 0.30 6.38 1.10
C ILE A 54 0.50 7.76 0.43
N SER A 55 -0.62 8.41 0.07
CA SER A 55 -0.62 9.63 -0.77
C SER A 55 0.16 10.80 -0.13
N LYS A 56 0.00 10.97 1.19
CA LYS A 56 0.68 12.03 1.95
C LYS A 56 2.19 11.72 2.13
N ARG A 57 2.52 10.42 2.26
CA ARG A 57 3.92 9.96 2.49
C ARG A 57 4.80 10.18 1.25
N PHE A 58 4.30 9.70 0.11
CA PHE A 58 5.01 9.83 -1.18
C PHE A 58 4.68 11.18 -1.85
N LYS A 59 3.85 12.04 -1.19
CA LYS A 59 3.52 13.42 -1.69
C LYS A 59 2.86 13.36 -3.08
N SER A 60 2.15 12.25 -3.33
CA SER A 60 1.52 11.94 -4.61
C SER A 60 0.09 11.45 -4.34
N HIS A 61 -0.91 12.18 -4.83
CA HIS A 61 -2.33 11.99 -4.47
C HIS A 61 -2.90 10.61 -4.92
N THR A 62 -4.06 10.23 -4.35
CA THR A 62 -4.63 8.86 -4.46
C THR A 62 -4.91 8.43 -5.92
N ASP A 63 -5.40 9.36 -6.76
CA ASP A 63 -5.67 9.11 -8.20
C ASP A 63 -4.37 8.79 -8.98
N GLN A 64 -3.23 9.27 -8.46
CA GLN A 64 -1.91 9.12 -9.10
C GLN A 64 -1.28 7.75 -8.85
N LEU A 65 -1.77 7.04 -7.83
CA LEU A 65 -1.18 5.77 -7.38
C LEU A 65 -2.20 4.63 -7.43
N VAL A 66 -1.72 3.42 -7.76
CA VAL A 66 -2.52 2.19 -7.85
C VAL A 66 -1.73 1.03 -7.20
N LEU A 67 -2.35 0.38 -6.19
CA LEU A 67 -1.77 -0.79 -5.52
C LEU A 67 -2.03 -2.02 -6.38
N ILE A 68 -1.00 -2.89 -6.52
CA ILE A 68 -1.12 -4.20 -7.18
C ILE A 68 -0.74 -5.28 -6.18
N PHE A 69 -1.54 -6.35 -6.15
CA PHE A 69 -1.25 -7.58 -5.42
C PHE A 69 -2.12 -8.71 -5.99
N ALA A 70 -1.56 -9.93 -6.04
CA ALA A 70 -2.22 -11.14 -6.54
C ALA A 70 -2.51 -11.08 -8.06
N GLY A 71 -1.79 -10.18 -8.76
CA GLY A 71 -1.96 -9.98 -10.21
C GLY A 71 -3.12 -9.05 -10.58
N LYS A 72 -3.77 -8.44 -9.56
CA LYS A 72 -4.87 -7.49 -9.76
C LYS A 72 -4.56 -6.16 -9.05
N ILE A 73 -5.21 -5.07 -9.47
CA ILE A 73 -5.05 -3.74 -8.84
C ILE A 73 -6.07 -3.59 -7.68
N LEU A 74 -5.54 -3.36 -6.46
CA LEU A 74 -6.33 -3.24 -5.23
C LEU A 74 -7.15 -1.93 -5.25
N LYS A 75 -8.46 -2.06 -5.49
CA LYS A 75 -9.42 -0.95 -5.43
C LYS A 75 -9.86 -0.70 -3.97
N ASP A 76 -10.69 0.32 -3.79
CA ASP A 76 -11.31 0.65 -2.48
C ASP A 76 -12.20 -0.50 -1.96
N GLN A 77 -12.78 -1.29 -2.90
CA GLN A 77 -13.64 -2.45 -2.59
C GLN A 77 -12.83 -3.65 -2.05
N ASP A 78 -11.50 -3.60 -2.25
CA ASP A 78 -10.54 -4.58 -1.71
C ASP A 78 -10.00 -4.07 -0.38
N THR A 79 -9.57 -5.00 0.48
CA THR A 79 -8.79 -4.70 1.67
C THR A 79 -7.48 -5.51 1.59
N LEU A 80 -6.37 -4.87 1.97
CA LEU A 80 -5.02 -5.46 1.92
C LEU A 80 -4.91 -6.73 2.80
N SER A 81 -5.52 -6.67 3.99
CA SER A 81 -5.48 -7.77 4.98
C SER A 81 -6.25 -9.02 4.47
N GLN A 82 -7.36 -8.81 3.72
CA GLN A 82 -8.11 -9.91 3.05
C GLN A 82 -7.28 -10.53 1.89
N HIS A 83 -6.40 -9.71 1.29
CA HIS A 83 -5.46 -10.20 0.24
C HIS A 83 -4.25 -10.95 0.83
N GLY A 84 -4.23 -11.12 2.16
CA GLY A 84 -3.14 -11.84 2.84
C GLY A 84 -1.88 -11.00 2.95
N ILE A 85 -2.08 -9.67 3.06
CA ILE A 85 -1.00 -8.71 3.29
C ILE A 85 -1.06 -8.31 4.76
N HIS A 86 -0.10 -8.80 5.54
CA HIS A 86 0.01 -8.52 6.97
C HIS A 86 1.41 -7.95 7.30
N ASP A 87 1.75 -7.92 8.60
CA ASP A 87 3.05 -7.40 9.08
C ASP A 87 4.22 -8.23 8.49
N GLY A 88 5.20 -7.53 7.90
CA GLY A 88 6.36 -8.17 7.26
C GLY A 88 6.17 -8.44 5.77
N LEU A 89 4.93 -8.26 5.26
CA LEU A 89 4.62 -8.38 3.82
C LEU A 89 4.89 -7.04 3.13
N THR A 90 5.08 -7.11 1.79
CA THR A 90 5.32 -5.93 0.94
C THR A 90 4.31 -5.91 -0.22
N VAL A 91 3.61 -4.76 -0.38
CA VAL A 91 2.66 -4.53 -1.47
C VAL A 91 3.38 -3.82 -2.62
N HIS A 92 2.96 -4.13 -3.84
CA HIS A 92 3.45 -3.46 -5.04
C HIS A 92 2.60 -2.21 -5.26
N LEU A 93 3.24 -1.09 -5.56
CA LEU A 93 2.57 0.18 -5.83
C LEU A 93 3.21 0.83 -7.05
N VAL A 94 2.39 1.37 -7.93
CA VAL A 94 2.83 2.11 -9.11
C VAL A 94 2.21 3.51 -9.05
N ILE A 95 3.07 4.52 -8.83
CA ILE A 95 2.65 5.93 -8.83
C ILE A 95 3.14 6.58 -10.13
N LYS A 96 2.31 7.43 -10.74
CA LYS A 96 2.65 8.12 -11.97
C LYS A 96 2.79 9.63 -11.68
N THR A 97 3.86 9.95 -10.91
CA THR A 97 4.28 11.34 -10.61
C THR A 97 5.81 11.44 -10.66
N GLN A 98 6.31 12.68 -10.51
CA GLN A 98 7.75 13.00 -10.45
C GLN A 98 7.95 14.40 -9.83
N ASN A 99 9.14 14.59 -9.20
CA ASN A 99 9.54 15.85 -8.50
C ASN A 99 8.65 16.14 -7.25
N ARG A 100 7.92 15.11 -6.80
CA ARG A 100 7.14 15.10 -5.53
C ARG A 100 7.98 15.64 -4.32
N PRO A 101 7.70 16.89 -3.82
CA PRO A 101 8.47 17.52 -2.72
C PRO A 101 8.04 17.01 -1.31
N PRO A 23 -3.03 -8.23 21.16
CA PRO A 23 -2.64 -8.64 19.79
C PRO A 23 -1.59 -7.68 19.22
N LYS A 24 -1.21 -7.91 17.95
CA LYS A 24 -0.28 -7.03 17.20
C LYS A 24 -1.08 -6.26 16.13
N ILE A 25 -0.58 -5.08 15.77
CA ILE A 25 -1.12 -4.29 14.65
C ILE A 25 -0.47 -4.80 13.33
N MET A 26 -1.19 -4.69 12.20
CA MET A 26 -0.77 -5.32 10.92
C MET A 26 0.29 -4.45 10.23
N LYS A 27 1.53 -4.93 10.26
CA LYS A 27 2.71 -4.25 9.69
C LYS A 27 2.84 -4.56 8.19
N VAL A 28 2.22 -3.72 7.36
CA VAL A 28 2.18 -3.91 5.91
C VAL A 28 3.32 -3.11 5.27
N THR A 29 4.34 -3.81 4.78
CA THR A 29 5.47 -3.17 4.09
C THR A 29 5.10 -2.96 2.62
N VAL A 30 5.33 -1.75 2.11
CA VAL A 30 4.97 -1.36 0.74
C VAL A 30 6.24 -0.97 -0.02
N LYS A 31 6.58 -1.77 -1.04
CA LYS A 31 7.75 -1.55 -1.90
C LYS A 31 7.30 -0.87 -3.19
N THR A 32 7.92 0.29 -3.51
CA THR A 32 7.62 1.05 -4.73
C THR A 32 8.90 1.26 -5.55
N PRO A 33 8.79 1.67 -6.85
CA PRO A 33 9.96 2.08 -7.68
C PRO A 33 10.72 3.33 -7.15
N LYS A 34 10.20 3.97 -6.09
CA LYS A 34 10.67 5.29 -5.61
C LYS A 34 11.33 5.15 -4.23
N GLU A 35 10.60 4.53 -3.31
CA GLU A 35 10.95 4.40 -1.89
C GLU A 35 10.17 3.22 -1.29
N LYS A 36 10.14 3.11 0.04
CA LYS A 36 9.37 2.07 0.74
C LYS A 36 8.97 2.54 2.15
N GLU A 37 7.84 1.99 2.65
CA GLU A 37 7.32 2.31 3.98
C GLU A 37 6.50 1.13 4.50
N GLU A 38 6.69 0.81 5.79
CA GLU A 38 5.91 -0.20 6.50
C GLU A 38 4.87 0.52 7.37
N PHE A 39 3.60 0.41 6.96
CA PHE A 39 2.47 1.01 7.67
C PHE A 39 1.97 0.09 8.78
N ALA A 40 1.42 0.71 9.82
CA ALA A 40 0.72 0.02 10.91
C ALA A 40 -0.78 0.32 10.79
N VAL A 41 -1.55 -0.73 10.49
CA VAL A 41 -3.03 -0.67 10.30
C VAL A 41 -3.65 -1.82 11.09
N PRO A 42 -4.82 -1.66 11.75
CA PRO A 42 -5.39 -2.71 12.66
C PRO A 42 -6.10 -3.86 11.90
N GLU A 43 -5.59 -4.19 10.68
CA GLU A 43 -6.16 -5.18 9.70
C GLU A 43 -7.69 -5.03 9.48
N ASN A 44 -8.19 -3.83 9.81
CA ASN A 44 -9.59 -3.42 9.63
C ASN A 44 -9.62 -2.34 8.54
N SER A 45 -8.45 -1.71 8.29
CA SER A 45 -8.25 -0.79 7.17
C SER A 45 -8.23 -1.57 5.84
N SER A 46 -9.21 -1.25 4.97
CA SER A 46 -9.28 -1.77 3.60
C SER A 46 -8.21 -1.10 2.72
N VAL A 47 -8.06 -1.58 1.46
CA VAL A 47 -7.21 -0.90 0.45
C VAL A 47 -7.73 0.55 0.22
N GLN A 48 -9.08 0.69 0.30
CA GLN A 48 -9.80 1.99 0.31
C GLN A 48 -9.26 2.94 1.39
N GLN A 49 -8.99 2.42 2.60
CA GLN A 49 -8.49 3.23 3.74
C GLN A 49 -6.94 3.28 3.76
N PHE A 50 -6.31 2.32 3.06
CA PHE A 50 -4.86 2.10 3.14
C PHE A 50 -4.08 3.08 2.24
N LYS A 51 -4.54 3.22 0.98
CA LYS A 51 -3.87 4.08 -0.02
C LYS A 51 -4.00 5.58 0.37
N GLU A 52 -4.96 5.86 1.28
CA GLU A 52 -5.13 7.16 1.93
C GLU A 52 -3.86 7.55 2.73
N GLU A 53 -3.37 6.59 3.53
CA GLU A 53 -2.15 6.77 4.34
C GLU A 53 -0.90 6.75 3.45
N ILE A 54 -0.97 6.02 2.32
CA ILE A 54 0.11 5.99 1.33
C ILE A 54 0.29 7.39 0.66
N SER A 55 -0.83 8.09 0.39
CA SER A 55 -0.82 9.33 -0.41
C SER A 55 -0.02 10.47 0.25
N LYS A 56 -0.15 10.58 1.57
CA LYS A 56 0.57 11.60 2.38
C LYS A 56 2.03 11.17 2.62
N ARG A 57 2.26 9.85 2.65
CA ARG A 57 3.55 9.26 3.02
C ARG A 57 4.54 9.30 1.84
N PHE A 58 4.02 9.03 0.64
CA PHE A 58 4.77 8.99 -0.63
C PHE A 58 4.55 10.30 -1.43
N LYS A 59 3.75 11.23 -0.83
CA LYS A 59 3.43 12.58 -1.41
C LYS A 59 2.78 12.44 -2.81
N SER A 60 2.03 11.34 -2.99
CA SER A 60 1.46 10.94 -4.28
C SER A 60 -0.02 10.58 -4.12
N HIS A 61 -0.92 11.32 -4.79
CA HIS A 61 -2.40 11.20 -4.63
C HIS A 61 -2.94 9.78 -4.92
N THR A 62 -4.08 9.46 -4.25
CA THR A 62 -4.69 8.10 -4.20
C THR A 62 -5.10 7.54 -5.57
N ASP A 63 -5.34 8.44 -6.53
CA ASP A 63 -5.70 8.09 -7.91
C ASP A 63 -4.54 7.36 -8.60
N GLN A 64 -3.32 7.88 -8.39
CA GLN A 64 -2.09 7.39 -9.07
C GLN A 64 -1.46 6.19 -8.35
N LEU A 65 -2.05 5.80 -7.22
CA LEU A 65 -1.61 4.64 -6.43
C LEU A 65 -2.36 3.38 -6.88
N VAL A 66 -1.63 2.39 -7.42
CA VAL A 66 -2.18 1.05 -7.71
C VAL A 66 -1.31 -0.01 -6.99
N LEU A 67 -1.90 -0.69 -6.01
CA LEU A 67 -1.24 -1.81 -5.30
C LEU A 67 -1.37 -3.05 -6.15
N ILE A 68 -0.29 -3.83 -6.26
CA ILE A 68 -0.30 -5.13 -6.96
C ILE A 68 0.26 -6.20 -6.00
N PHE A 69 -0.42 -7.35 -5.95
CA PHE A 69 -0.02 -8.52 -5.16
C PHE A 69 -0.66 -9.78 -5.77
N ALA A 70 0.12 -10.88 -5.80
CA ALA A 70 -0.27 -12.21 -6.36
C ALA A 70 -0.38 -12.19 -7.91
N GLY A 71 -0.20 -11.01 -8.53
CA GLY A 71 -0.35 -10.83 -9.97
C GLY A 71 -1.41 -9.79 -10.33
N LYS A 72 -2.39 -9.58 -9.44
CA LYS A 72 -3.54 -8.68 -9.71
C LYS A 72 -3.33 -7.32 -9.02
N ILE A 73 -3.92 -6.25 -9.60
CA ILE A 73 -4.03 -4.93 -8.96
C ILE A 73 -5.09 -5.00 -7.82
N LEU A 74 -4.64 -4.83 -6.56
CA LEU A 74 -5.51 -4.85 -5.38
C LEU A 74 -6.63 -3.81 -5.51
N LYS A 75 -7.87 -4.28 -5.54
CA LYS A 75 -9.05 -3.43 -5.56
C LYS A 75 -9.40 -3.07 -4.12
N ASP A 76 -10.17 -2.00 -3.94
CA ASP A 76 -10.56 -1.51 -2.60
C ASP A 76 -11.36 -2.57 -1.81
N GLN A 77 -12.07 -3.44 -2.56
CA GLN A 77 -13.00 -4.44 -2.01
C GLN A 77 -12.26 -5.62 -1.33
N ASP A 78 -11.12 -6.05 -1.91
CA ASP A 78 -10.28 -7.12 -1.30
C ASP A 78 -9.16 -6.44 -0.50
N THR A 79 -9.29 -6.51 0.84
CA THR A 79 -8.36 -5.86 1.77
C THR A 79 -6.99 -6.57 1.73
N LEU A 80 -5.96 -5.88 2.24
CA LEU A 80 -4.61 -6.45 2.36
C LEU A 80 -4.64 -7.74 3.21
N SER A 81 -5.34 -7.67 4.35
CA SER A 81 -5.46 -8.78 5.31
C SER A 81 -6.27 -9.96 4.72
N GLN A 82 -7.25 -9.63 3.84
CA GLN A 82 -8.02 -10.62 3.06
C GLN A 82 -7.14 -11.28 1.99
N HIS A 83 -6.17 -10.52 1.47
CA HIS A 83 -5.29 -10.99 0.38
C HIS A 83 -4.02 -11.67 0.95
N GLY A 84 -4.01 -11.96 2.27
CA GLY A 84 -2.93 -12.69 2.92
C GLY A 84 -1.73 -11.82 3.29
N ILE A 85 -1.88 -10.50 3.10
CA ILE A 85 -0.84 -9.51 3.40
C ILE A 85 -0.99 -9.08 4.87
N HIS A 86 -0.29 -9.81 5.75
CA HIS A 86 -0.31 -9.60 7.21
C HIS A 86 1.00 -8.92 7.66
N ASP A 87 1.25 -8.90 8.99
CA ASP A 87 2.44 -8.30 9.60
C ASP A 87 3.73 -9.02 9.12
N GLY A 88 4.57 -8.29 8.36
CA GLY A 88 5.80 -8.82 7.78
C GLY A 88 5.73 -9.00 6.27
N LEU A 89 4.50 -9.10 5.72
CA LEU A 89 4.28 -9.25 4.27
C LEU A 89 4.52 -7.91 3.57
N THR A 90 5.07 -7.99 2.35
CA THR A 90 5.43 -6.84 1.54
C THR A 90 4.59 -6.84 0.26
N VAL A 91 3.72 -5.83 0.13
CA VAL A 91 2.91 -5.59 -1.06
C VAL A 91 3.65 -4.61 -1.99
N HIS A 92 3.47 -4.81 -3.30
CA HIS A 92 4.07 -3.94 -4.33
C HIS A 92 3.10 -2.79 -4.62
N LEU A 93 3.64 -1.63 -4.99
CA LEU A 93 2.85 -0.44 -5.35
C LEU A 93 3.54 0.29 -6.50
N VAL A 94 2.75 0.63 -7.52
CA VAL A 94 3.22 1.38 -8.69
C VAL A 94 2.50 2.73 -8.68
N ILE A 95 3.30 3.81 -8.60
CA ILE A 95 2.77 5.17 -8.57
C ILE A 95 3.05 5.85 -9.91
N LYS A 96 2.07 6.62 -10.40
CA LYS A 96 2.14 7.26 -11.74
C LYS A 96 2.78 8.66 -11.68
N THR A 97 3.20 9.11 -10.48
CA THR A 97 3.76 10.45 -10.26
C THR A 97 5.19 10.55 -10.84
N GLN A 98 5.31 11.22 -11.99
CA GLN A 98 6.60 11.54 -12.62
C GLN A 98 7.28 12.74 -11.91
N ASN A 99 6.48 13.51 -11.12
CA ASN A 99 6.98 14.60 -10.29
C ASN A 99 7.83 14.07 -9.13
N ARG A 100 7.43 12.91 -8.59
CA ARG A 100 8.17 12.19 -7.55
C ARG A 100 9.19 11.26 -8.25
N PRO A 101 10.47 11.17 -7.77
CA PRO A 101 11.54 10.36 -8.42
C PRO A 101 11.24 8.83 -8.32
#